data_7SSX
#
_entry.id   7SSX
#
loop_
_entity.id
_entity.type
_entity.pdbx_description
1 polymer 'Potassium voltage-gated channel subfamily A member 3, Green fluorescent protein fusion'
2 non-polymer 'POTASSIUM ION'
#
_entity_poly.entity_id   1
_entity_poly.type   'polypeptide(L)'
_entity_poly.pdbx_seq_one_letter_code
;MDERLSLLRSPPPPSARHRAHPPQRPASSGGAHTLVNHGYAEPAAGRELPPDMTVVPGDHLLEPEVADGGGAPPQGGCGG
GGCDRYEPLPPSLPAAGEQDCCGERVVINISGLRFETQLKTLCQFPETLLGDPKRRMRYFDPLRNEYFFDRNRPSFDAIL
YYYQSGGRIRRPVNVPIDIFSEEIRFYQLGEEAMEKFREDEGFLREEERPLPRRDFQRQVWLLFEYPESSGPARGIAIVS
VLVILISIVIFCLETLPEFRDEKDYPASTSQDSFEAAGNSTSGSRAGASSFSDPFFVVETLCIIWFSFELLVRFFACPSK
ATFSRNIMNLIDIVAIIPYFITLGTELAERQGNGQQAMSLAILRVIRLVRVFRIFKLSRHSKGLQILGQTLKASMRELGL
LIFFLFIGVILFSSAVYFAEADDPTSGFSSIPDAFWWAVVTMTTVGYGDMHPVTIGGKIVGSLCAIAGVLTIALPVPVIV
SNFNYFYHRETEGEEQSQYMHVGSCQHLSSSAEELRKARSNSTLSKSEYMVIEEGGMNHSAFPQTPFKTGNSTATCTTNN
NPNSCVNIKKIFTDVSLEVLFQGPAAAMVSKGEELFTGVVPILVELDGDVNGHKFSVSGEGEGDATYGKLTLKLICTTGK
LPVPWPTLVTTLGYGLQCFARYPDHMKQHDFFKSAMPEGYVQERTIFFKDDGNYKTRAEVKFEGDTLVNRIELKGIDFKE
DGNILGHKLEYNYNSHNVYITADKQKNGIKANFKIRHNIEDGGVQLADHYQQNTPIGDGPVLLPDNHYLSYQSKLSKDPN
EKRDHMVLLEFVTAAGITLGMDELYKSAWSHPQFEKGGGSGGGSGGGSWSHPQFEK
;
_entity_poly.pdbx_strand_id   A,B,C,D
#
loop_
_chem_comp.id
_chem_comp.type
_chem_comp.name
_chem_comp.formula
K non-polymer 'POTASSIUM ION' 'K 1'
#
# COMPACT_ATOMS: atom_id res chain seq x y z
N GLY A 103 35.05 -43.15 13.78
CA GLY A 103 34.64 -41.98 12.99
C GLY A 103 35.51 -41.79 11.76
N GLU A 104 35.00 -42.18 10.58
CA GLU A 104 35.77 -42.06 9.32
C GLU A 104 35.06 -41.06 8.39
N ARG A 105 35.81 -40.12 7.82
CA ARG A 105 35.21 -39.12 6.91
C ARG A 105 34.67 -39.85 5.68
N VAL A 106 33.45 -39.52 5.24
CA VAL A 106 32.84 -40.15 4.03
C VAL A 106 32.62 -39.05 2.99
N VAL A 107 33.00 -39.31 1.73
CA VAL A 107 32.90 -38.25 0.66
C VAL A 107 31.65 -38.49 -0.19
N ILE A 108 30.81 -37.46 -0.35
CA ILE A 108 29.60 -37.57 -1.22
C ILE A 108 29.77 -36.55 -2.35
N ASN A 109 29.59 -36.97 -3.60
CA ASN A 109 29.68 -36.02 -4.73
C ASN A 109 28.27 -35.75 -5.26
N ILE A 110 27.81 -34.50 -5.22
CA ILE A 110 26.48 -34.20 -5.82
C ILE A 110 26.72 -33.57 -7.19
N SER A 111 26.95 -34.40 -8.22
CA SER A 111 27.16 -33.90 -9.61
C SER A 111 28.35 -32.93 -9.69
N GLY A 112 29.41 -33.19 -8.93
CA GLY A 112 30.61 -32.32 -9.04
C GLY A 112 30.88 -31.59 -7.75
N LEU A 113 29.82 -31.21 -7.03
CA LEU A 113 29.95 -30.44 -5.81
C LEU A 113 30.17 -31.39 -4.65
N ARG A 114 31.42 -31.49 -4.21
CA ARG A 114 31.81 -32.49 -3.18
C ARG A 114 31.48 -32.06 -1.75
N PHE A 115 30.94 -32.98 -0.95
CA PHE A 115 30.64 -32.71 0.48
C PHE A 115 31.31 -33.79 1.32
N GLU A 116 31.99 -33.41 2.42
CA GLU A 116 32.70 -34.38 3.28
C GLU A 116 32.10 -34.31 4.69
N THR A 117 31.74 -35.47 5.27
CA THR A 117 31.22 -35.49 6.67
C THR A 117 31.72 -36.75 7.39
N GLN A 118 31.75 -36.76 8.72
CA GLN A 118 32.15 -37.96 9.51
C GLN A 118 31.02 -39.00 9.53
N LEU A 119 31.35 -40.26 9.77
CA LEU A 119 30.34 -41.36 9.76
C LEU A 119 29.30 -41.16 10.86
N LYS A 120 29.70 -40.65 12.03
CA LYS A 120 28.77 -40.51 13.18
C LYS A 120 27.59 -39.62 12.79
N THR A 121 27.84 -38.55 12.03
CA THR A 121 26.75 -37.59 11.71
C THR A 121 25.64 -38.31 10.94
N LEU A 122 26.01 -39.16 9.97
CA LEU A 122 25.01 -39.90 9.16
C LEU A 122 24.22 -40.87 10.05
N CYS A 123 24.88 -41.49 11.02
CA CYS A 123 24.24 -42.52 11.88
C CYS A 123 23.05 -41.98 12.68
N GLN A 124 23.19 -40.77 13.23
CA GLN A 124 22.14 -40.17 14.10
C GLN A 124 20.75 -40.51 13.57
N PHE A 125 20.53 -40.39 12.27
CA PHE A 125 19.23 -40.80 11.69
C PHE A 125 19.44 -42.07 10.87
N PRO A 126 18.84 -43.21 11.24
CA PRO A 126 18.98 -44.45 10.46
C PRO A 126 17.97 -44.60 9.31
N GLU A 127 16.77 -44.03 9.44
CA GLU A 127 15.71 -44.20 8.41
C GLU A 127 16.12 -43.58 7.07
N THR A 128 17.10 -42.67 7.08
CA THR A 128 17.48 -41.95 5.84
C THR A 128 18.26 -42.89 4.91
N LEU A 129 18.32 -42.56 3.61
CA LEU A 129 19.04 -43.40 2.62
C LEU A 129 20.50 -43.49 3.06
N LEU A 130 21.07 -42.37 3.53
CA LEU A 130 22.46 -42.35 4.05
C LEU A 130 22.55 -43.12 5.38
N GLY A 131 21.50 -43.07 6.21
CA GLY A 131 21.54 -43.70 7.55
C GLY A 131 21.71 -45.23 7.52
N ASP A 132 21.03 -45.94 6.63
CA ASP A 132 21.11 -47.43 6.64
C ASP A 132 22.31 -47.88 5.78
N PRO A 133 23.18 -48.83 6.21
CA PRO A 133 24.40 -49.10 5.44
C PRO A 133 24.19 -49.95 4.19
N LYS A 134 22.97 -50.32 3.85
CA LYS A 134 22.74 -51.12 2.65
C LYS A 134 21.93 -50.42 1.56
N ARG A 135 21.19 -49.36 1.92
CA ARG A 135 20.48 -48.58 0.88
C ARG A 135 21.48 -47.63 0.20
N ARG A 136 22.35 -46.96 0.97
CA ARG A 136 23.39 -46.06 0.42
C ARG A 136 24.57 -46.85 -0.15
N MET A 137 24.71 -48.12 0.19
CA MET A 137 25.89 -48.91 -0.24
C MET A 137 25.94 -48.94 -1.78
N ARG A 138 24.79 -49.07 -2.44
CA ARG A 138 24.74 -49.12 -3.93
C ARG A 138 25.29 -47.82 -4.53
N TYR A 139 24.96 -46.66 -3.94
CA TYR A 139 25.39 -45.35 -4.52
C TYR A 139 26.92 -45.19 -4.39
N PHE A 140 27.54 -45.93 -3.48
CA PHE A 140 29.02 -45.86 -3.29
C PHE A 140 29.80 -46.35 -4.52
N ASP A 141 30.94 -45.71 -4.82
CA ASP A 141 31.81 -46.16 -5.93
C ASP A 141 33.15 -46.57 -5.32
N PRO A 142 33.63 -47.82 -5.50
CA PRO A 142 34.87 -48.29 -4.88
C PRO A 142 36.19 -47.61 -5.30
N LEU A 143 36.35 -47.32 -6.59
CA LEU A 143 37.65 -46.78 -7.08
C LEU A 143 37.96 -45.42 -6.44
N ARG A 144 36.98 -44.52 -6.37
CA ARG A 144 37.25 -43.15 -5.86
C ARG A 144 36.89 -43.05 -4.37
N ASN A 145 36.33 -44.12 -3.79
CA ASN A 145 35.88 -44.08 -2.38
C ASN A 145 34.89 -42.92 -2.20
N GLU A 146 33.99 -42.73 -3.17
CA GLU A 146 33.01 -41.60 -3.11
C GLU A 146 31.63 -42.11 -3.50
N TYR A 147 30.58 -41.41 -3.06
CA TYR A 147 29.18 -41.77 -3.42
C TYR A 147 28.78 -40.80 -4.53
N PHE A 148 28.15 -41.26 -5.61
CA PHE A 148 27.80 -40.25 -6.64
C PHE A 148 26.29 -40.14 -6.79
N PHE A 149 25.77 -38.91 -6.69
CA PHE A 149 24.31 -38.67 -6.84
C PHE A 149 24.15 -37.59 -7.92
N ASP A 150 23.46 -37.90 -9.02
CA ASP A 150 23.21 -36.85 -10.04
C ASP A 150 21.96 -36.08 -9.60
N ARG A 151 22.03 -35.33 -8.49
CA ARG A 151 20.86 -34.59 -7.95
C ARG A 151 21.14 -33.09 -7.97
N ASN A 152 20.28 -32.27 -7.34
CA ASN A 152 20.52 -30.80 -7.45
C ASN A 152 21.49 -30.37 -6.36
N ARG A 153 22.54 -29.63 -6.74
CA ARG A 153 23.62 -29.24 -5.79
C ARG A 153 23.12 -28.32 -4.66
N PRO A 154 22.31 -27.27 -4.89
CA PRO A 154 21.91 -26.39 -3.79
C PRO A 154 21.12 -27.16 -2.73
N SER A 155 20.26 -28.09 -3.16
CA SER A 155 19.40 -28.82 -2.20
C SER A 155 20.23 -29.62 -1.21
N PHE A 156 21.31 -30.25 -1.66
CA PHE A 156 22.08 -31.15 -0.75
C PHE A 156 22.64 -30.36 0.43
N ASP A 157 23.06 -29.11 0.22
CA ASP A 157 23.69 -28.39 1.35
C ASP A 157 22.67 -28.30 2.49
N ALA A 158 21.40 -27.99 2.17
CA ALA A 158 20.34 -27.96 3.20
C ALA A 158 20.15 -29.35 3.81
N ILE A 159 20.17 -30.40 2.97
CA ILE A 159 19.93 -31.78 3.48
C ILE A 159 21.02 -32.15 4.48
N LEU A 160 22.28 -31.80 4.18
CA LEU A 160 23.42 -32.17 5.07
C LEU A 160 23.23 -31.48 6.41
N TYR A 161 22.77 -30.23 6.43
CA TYR A 161 22.69 -29.52 7.73
C TYR A 161 21.61 -30.16 8.60
N TYR A 162 20.67 -30.90 8.00
CA TYR A 162 19.63 -31.60 8.79
C TYR A 162 20.30 -32.60 9.75
N TYR A 163 21.26 -33.39 9.25
CA TYR A 163 21.99 -34.34 10.13
C TYR A 163 22.83 -33.57 11.15
N GLN A 164 23.53 -32.52 10.71
CA GLN A 164 24.43 -31.76 11.61
C GLN A 164 23.62 -31.07 12.71
N SER A 165 22.44 -30.57 12.39
CA SER A 165 21.64 -29.79 13.37
C SER A 165 20.72 -30.71 14.19
N GLY A 166 20.79 -32.02 13.96
CA GLY A 166 19.88 -32.95 14.66
C GLY A 166 18.41 -32.71 14.35
N GLY A 167 18.06 -32.41 13.10
CA GLY A 167 16.63 -32.32 12.75
C GLY A 167 16.16 -30.97 12.24
N ARG A 168 17.00 -29.93 12.24
CA ARG A 168 16.51 -28.64 11.67
C ARG A 168 16.41 -28.79 10.15
N ILE A 169 15.31 -28.34 9.55
CA ILE A 169 15.15 -28.41 8.07
C ILE A 169 14.77 -27.03 7.54
N ARG A 170 15.51 -26.50 6.56
CA ARG A 170 15.14 -25.20 5.94
C ARG A 170 15.25 -25.31 4.41
N ARG A 171 14.56 -24.44 3.67
CA ARG A 171 14.66 -24.44 2.19
C ARG A 171 15.48 -23.23 1.74
N PRO A 172 16.56 -23.38 0.94
CA PRO A 172 17.35 -22.21 0.57
C PRO A 172 16.51 -21.22 -0.26
N VAL A 173 16.62 -19.92 0.00
CA VAL A 173 15.79 -18.91 -0.63
C VAL A 173 15.89 -18.98 -2.15
N ASN A 174 16.90 -19.67 -2.66
CA ASN A 174 17.10 -19.80 -4.10
C ASN A 174 16.63 -21.14 -4.65
N VAL A 175 15.81 -21.89 -3.93
CA VAL A 175 15.32 -23.20 -4.37
C VAL A 175 13.80 -23.19 -4.34
N PRO A 176 13.07 -23.49 -5.45
CA PRO A 176 11.61 -23.59 -5.39
C PRO A 176 11.12 -24.65 -4.40
N ILE A 177 9.94 -24.47 -3.83
CA ILE A 177 9.43 -25.41 -2.78
C ILE A 177 9.28 -26.81 -3.38
N ASP A 178 8.76 -26.91 -4.61
CA ASP A 178 8.51 -28.26 -5.20
C ASP A 178 9.83 -29.01 -5.41
N ILE A 179 10.87 -28.33 -5.90
CA ILE A 179 12.16 -29.03 -6.18
C ILE A 179 12.73 -29.53 -4.85
N PHE A 180 12.67 -28.70 -3.82
CA PHE A 180 13.21 -29.10 -2.50
C PHE A 180 12.38 -30.27 -1.96
N SER A 181 11.06 -30.22 -2.15
CA SER A 181 10.17 -31.28 -1.63
C SER A 181 10.53 -32.60 -2.32
N GLU A 182 10.85 -32.60 -3.61
CA GLU A 182 11.12 -33.92 -4.25
C GLU A 182 12.49 -34.43 -3.81
N GLU A 183 13.43 -33.52 -3.58
CA GLU A 183 14.77 -33.94 -3.07
C GLU A 183 14.59 -34.52 -1.68
N ILE A 184 13.75 -33.91 -0.83
CA ILE A 184 13.50 -34.47 0.54
C ILE A 184 12.94 -35.89 0.41
N ARG A 185 12.00 -36.11 -0.51
CA ARG A 185 11.40 -37.45 -0.68
C ARG A 185 12.48 -38.44 -1.14
N PHE A 186 13.37 -38.00 -2.04
CA PHE A 186 14.45 -38.90 -2.56
C PHE A 186 15.37 -39.34 -1.43
N TYR A 187 15.70 -38.42 -0.52
CA TYR A 187 16.66 -38.75 0.57
C TYR A 187 15.94 -39.51 1.67
N GLN A 188 14.62 -39.66 1.56
CA GLN A 188 13.83 -40.46 2.53
C GLN A 188 14.04 -39.94 3.95
N LEU A 189 13.99 -38.61 4.13
CA LEU A 189 14.13 -38.02 5.49
C LEU A 189 12.97 -38.50 6.37
N GLY A 190 11.75 -38.54 5.83
CA GLY A 190 10.60 -39.09 6.60
C GLY A 190 9.39 -38.16 6.60
N GLU A 191 8.20 -38.70 6.91
CA GLU A 191 6.99 -37.87 6.97
C GLU A 191 7.08 -36.87 8.11
N GLU A 192 7.95 -37.13 9.10
CA GLU A 192 8.16 -36.17 10.22
C GLU A 192 9.00 -34.98 9.75
N ALA A 193 10.14 -35.22 9.10
CA ALA A 193 10.95 -34.10 8.57
C ALA A 193 10.14 -33.33 7.51
N MET A 194 9.39 -34.06 6.68
CA MET A 194 8.55 -33.41 5.64
C MET A 194 7.51 -32.53 6.34
N GLU A 195 6.94 -33.02 7.44
CA GLU A 195 5.93 -32.24 8.21
C GLU A 195 6.58 -30.97 8.78
N LYS A 196 7.81 -31.09 9.29
CA LYS A 196 8.51 -29.89 9.81
C LYS A 196 8.72 -28.89 8.68
N PHE A 197 9.13 -29.36 7.51
CA PHE A 197 9.34 -28.46 6.33
C PHE A 197 8.01 -27.77 6.00
N ARG A 198 6.91 -28.52 6.01
CA ARG A 198 5.58 -27.96 5.65
C ARG A 198 5.19 -26.88 6.68
N GLU A 199 5.47 -27.13 7.96
CA GLU A 199 5.17 -26.14 9.02
C GLU A 199 6.00 -24.88 8.77
N ASP A 200 7.26 -25.04 8.37
CA ASP A 200 8.13 -23.86 8.09
C ASP A 200 7.53 -23.06 6.93
N GLU A 201 6.98 -23.72 5.92
CA GLU A 201 6.35 -23.04 4.75
C GLU A 201 5.11 -22.28 5.23
N GLY A 202 4.38 -22.82 6.20
CA GLY A 202 3.19 -22.15 6.73
C GLY A 202 1.93 -22.68 6.09
N PHE A 203 1.75 -24.01 6.16
CA PHE A 203 0.52 -24.66 5.64
C PHE A 203 0.17 -25.77 6.63
N LEU A 204 -0.26 -25.39 7.84
CA LEU A 204 -0.53 -26.40 8.91
C LEU A 204 -1.98 -26.90 8.85
N ARG A 205 -2.76 -26.43 7.87
CA ARG A 205 -4.19 -26.82 7.80
C ARG A 205 -4.34 -28.18 7.12
N GLU A 206 -3.89 -29.26 7.77
CA GLU A 206 -4.01 -30.63 7.21
C GLU A 206 -5.12 -31.40 7.92
N GLU A 207 -5.87 -30.74 8.82
CA GLU A 207 -6.90 -31.44 9.63
C GLU A 207 -8.01 -32.01 8.74
N GLU A 208 -8.55 -33.18 9.08
CA GLU A 208 -9.63 -33.79 8.32
C GLU A 208 -10.74 -34.17 9.27
N ARG A 209 -11.90 -33.48 9.14
CA ARG A 209 -12.96 -33.63 10.14
C ARG A 209 -13.74 -34.92 9.91
N PRO A 210 -14.15 -35.61 10.98
CA PRO A 210 -14.59 -37.00 10.86
C PRO A 210 -15.97 -37.16 10.24
N LEU A 211 -16.55 -38.36 10.41
CA LEU A 211 -17.91 -38.64 9.88
C LEU A 211 -18.62 -39.54 10.89
N PRO A 212 -19.97 -39.60 10.95
CA PRO A 212 -20.67 -40.51 11.86
C PRO A 212 -20.41 -42.00 11.57
N ARG A 213 -20.20 -42.80 12.62
CA ARG A 213 -19.91 -44.26 12.49
C ARG A 213 -21.19 -45.09 12.33
N ARG A 214 -21.97 -44.87 11.26
CA ARG A 214 -23.17 -45.70 10.98
C ARG A 214 -23.56 -45.45 9.52
N ASP A 215 -24.34 -46.34 8.89
CA ASP A 215 -24.83 -46.07 7.51
C ASP A 215 -25.85 -44.93 7.49
N PHE A 216 -26.84 -44.96 8.39
CA PHE A 216 -27.91 -43.92 8.33
C PHE A 216 -27.37 -42.54 8.71
N GLN A 217 -26.75 -42.44 9.89
CA GLN A 217 -26.27 -41.13 10.41
C GLN A 217 -25.32 -40.44 9.43
N ARG A 218 -24.41 -41.21 8.81
CA ARG A 218 -23.40 -40.56 7.93
C ARG A 218 -24.13 -39.83 6.81
N GLN A 219 -25.17 -40.45 6.23
CA GLN A 219 -25.92 -39.83 5.11
C GLN A 219 -26.58 -38.52 5.60
N VAL A 220 -27.20 -38.53 6.77
CA VAL A 220 -27.92 -37.32 7.28
C VAL A 220 -26.90 -36.19 7.53
N TRP A 221 -25.79 -36.52 8.18
CA TRP A 221 -24.73 -35.49 8.44
C TRP A 221 -24.17 -35.01 7.11
N LEU A 222 -23.93 -35.94 6.18
CA LEU A 222 -23.30 -35.55 4.89
C LEU A 222 -24.23 -34.59 4.15
N LEU A 223 -25.54 -34.87 4.14
CA LEU A 223 -26.44 -34.00 3.34
C LEU A 223 -26.45 -32.58 3.93
N PHE A 224 -26.64 -32.47 5.25
CA PHE A 224 -26.74 -31.12 5.86
C PHE A 224 -25.38 -30.39 5.88
N GLU A 225 -24.34 -31.08 6.36
CA GLU A 225 -22.99 -30.46 6.45
C GLU A 225 -22.35 -30.25 5.07
N TYR A 226 -22.44 -31.24 4.17
CA TYR A 226 -21.73 -31.15 2.86
C TYR A 226 -22.69 -30.88 1.69
N PRO A 227 -22.84 -29.64 1.15
CA PRO A 227 -23.72 -29.38 0.01
C PRO A 227 -23.11 -29.76 -1.33
N GLU A 228 -21.80 -30.00 -1.40
CA GLU A 228 -21.15 -30.27 -2.67
C GLU A 228 -21.29 -31.72 -3.11
N SER A 229 -21.95 -32.55 -2.31
CA SER A 229 -22.03 -33.98 -2.59
C SER A 229 -23.04 -34.30 -3.68
N SER A 230 -24.30 -33.98 -3.43
CA SER A 230 -25.42 -34.56 -4.16
C SER A 230 -26.28 -33.45 -4.74
N GLY A 231 -27.46 -33.84 -5.22
CA GLY A 231 -28.45 -32.91 -5.72
C GLY A 231 -29.41 -32.41 -4.65
N PRO A 232 -30.00 -33.33 -3.88
CA PRO A 232 -30.72 -32.93 -2.66
C PRO A 232 -29.94 -32.06 -1.69
N ALA A 233 -28.61 -32.19 -1.62
CA ALA A 233 -27.83 -31.31 -0.77
C ALA A 233 -27.87 -29.87 -1.26
N ARG A 234 -27.75 -29.66 -2.57
CA ARG A 234 -27.89 -28.31 -3.10
C ARG A 234 -29.32 -27.80 -3.00
N GLY A 235 -30.30 -28.71 -3.05
CA GLY A 235 -31.67 -28.30 -2.81
C GLY A 235 -31.90 -27.80 -1.40
N ILE A 236 -31.32 -28.48 -0.41
CA ILE A 236 -31.42 -28.05 0.98
C ILE A 236 -30.71 -26.72 1.17
N ALA A 237 -29.57 -26.52 0.51
CA ALA A 237 -28.84 -25.25 0.62
C ALA A 237 -29.64 -24.08 0.04
N ILE A 238 -30.25 -24.25 -1.13
CA ILE A 238 -30.99 -23.15 -1.75
C ILE A 238 -32.28 -22.85 -0.98
N VAL A 239 -32.96 -23.89 -0.50
CA VAL A 239 -34.15 -23.69 0.34
C VAL A 239 -33.81 -22.96 1.63
N SER A 240 -32.66 -23.27 2.23
CA SER A 240 -32.25 -22.61 3.46
C SER A 240 -31.94 -21.13 3.25
N VAL A 241 -31.23 -20.79 2.16
CA VAL A 241 -30.92 -19.39 1.90
C VAL A 241 -32.19 -18.59 1.59
N LEU A 242 -33.16 -19.20 0.91
CA LEU A 242 -34.40 -18.50 0.62
C LEU A 242 -35.23 -18.27 1.89
N VAL A 243 -35.23 -19.21 2.82
CA VAL A 243 -35.99 -19.04 4.05
C VAL A 243 -35.37 -17.95 4.93
N ILE A 244 -34.02 -17.88 4.96
CA ILE A 244 -33.35 -16.82 5.71
C ILE A 244 -33.66 -15.44 5.11
N LEU A 245 -33.68 -15.33 3.78
CA LEU A 245 -33.97 -14.05 3.14
C LEU A 245 -35.40 -13.59 3.36
N ILE A 246 -36.38 -14.51 3.34
CA ILE A 246 -37.72 -14.01 3.59
C ILE A 246 -37.94 -13.69 5.07
N SER A 247 -37.17 -14.27 5.99
CA SER A 247 -37.30 -13.85 7.39
C SER A 247 -36.75 -12.45 7.60
N ILE A 248 -35.68 -12.09 6.89
CA ILE A 248 -35.18 -10.71 6.95
C ILE A 248 -36.21 -9.71 6.41
N VAL A 249 -36.84 -10.06 5.27
CA VAL A 249 -37.88 -9.20 4.69
C VAL A 249 -39.07 -9.04 5.63
N ILE A 250 -39.47 -10.12 6.32
CA ILE A 250 -40.57 -10.06 7.29
C ILE A 250 -40.24 -9.17 8.48
N PHE A 251 -38.99 -9.20 8.95
CA PHE A 251 -38.53 -8.33 10.05
C PHE A 251 -38.70 -6.83 9.71
N CYS A 252 -38.20 -6.42 8.54
CA CYS A 252 -38.31 -5.00 8.15
C CYS A 252 -39.75 -4.60 7.80
N LEU A 253 -40.50 -5.46 7.11
CA LEU A 253 -41.89 -5.14 6.81
C LEU A 253 -42.78 -5.11 8.04
N GLU A 254 -42.46 -5.91 9.06
CA GLU A 254 -43.13 -5.80 10.35
C GLU A 254 -43.00 -4.40 10.89
N THR A 255 -41.82 -3.82 10.79
CA THR A 255 -41.69 -2.52 11.44
C THR A 255 -42.17 -1.32 10.60
N LEU A 256 -42.56 -1.51 9.32
CA LEU A 256 -43.27 -0.43 8.57
C LEU A 256 -44.50 0.15 9.28
N PRO A 257 -44.90 1.40 9.06
CA PRO A 257 -46.02 1.96 9.83
C PRO A 257 -47.39 1.83 9.17
N GLU A 258 -47.47 1.44 7.91
CA GLU A 258 -48.75 1.17 7.28
C GLU A 258 -49.42 -0.07 7.84
N PHE A 259 -48.65 -1.02 8.34
CA PHE A 259 -49.19 -2.26 8.90
C PHE A 259 -49.50 -2.14 10.37
N ARG A 260 -48.64 -1.50 11.15
CA ARG A 260 -48.73 -1.48 12.59
C ARG A 260 -49.72 -0.46 13.13
N ASP A 293 -53.27 -12.93 11.22
CA ASP A 293 -52.17 -12.09 10.77
C ASP A 293 -51.29 -12.88 9.82
N PRO A 294 -51.00 -12.38 8.62
CA PRO A 294 -50.06 -13.09 7.74
C PRO A 294 -48.62 -13.08 8.25
N PHE A 295 -48.21 -12.05 9.00
CA PHE A 295 -46.82 -11.94 9.43
C PHE A 295 -46.49 -13.00 10.47
N PHE A 296 -47.42 -13.29 11.38
CA PHE A 296 -47.20 -14.34 12.36
C PHE A 296 -47.14 -15.71 11.72
N VAL A 297 -47.90 -15.94 10.66
CA VAL A 297 -47.88 -17.23 9.98
C VAL A 297 -46.57 -17.43 9.23
N VAL A 298 -46.09 -16.39 8.52
CA VAL A 298 -44.81 -16.51 7.82
C VAL A 298 -43.66 -16.65 8.81
N GLU A 299 -43.72 -15.92 9.93
CA GLU A 299 -42.66 -16.01 10.93
C GLU A 299 -42.65 -17.36 11.61
N THR A 300 -43.83 -17.93 11.89
CA THR A 300 -43.84 -19.24 12.53
C THR A 300 -43.45 -20.35 11.55
N LEU A 301 -43.67 -20.19 10.24
CA LEU A 301 -43.15 -21.17 9.30
C LEU A 301 -41.63 -21.11 9.21
N CYS A 302 -41.06 -19.90 9.25
CA CYS A 302 -39.61 -19.76 9.25
C CYS A 302 -38.99 -20.35 10.50
N ILE A 303 -39.64 -20.17 11.65
CA ILE A 303 -39.12 -20.73 12.90
C ILE A 303 -39.23 -22.26 12.91
N ILE A 304 -40.30 -22.82 12.33
CA ILE A 304 -40.40 -24.28 12.18
C ILE A 304 -39.25 -24.83 11.35
N TRP A 305 -38.91 -24.18 10.23
CA TRP A 305 -37.80 -24.68 9.41
C TRP A 305 -36.45 -24.56 10.13
N PHE A 306 -36.23 -23.46 10.85
CA PHE A 306 -34.97 -23.29 11.58
C PHE A 306 -34.81 -24.35 12.66
N SER A 307 -35.86 -24.60 13.44
CA SER A 307 -35.78 -25.60 14.51
C SER A 307 -35.66 -27.01 13.96
N PHE A 308 -36.29 -27.26 12.80
CA PHE A 308 -36.19 -28.58 12.19
C PHE A 308 -34.78 -28.90 11.74
N GLU A 309 -34.12 -27.96 11.05
CA GLU A 309 -32.77 -28.28 10.60
C GLU A 309 -31.77 -28.24 11.74
N LEU A 310 -32.08 -27.49 12.82
CA LEU A 310 -31.19 -27.54 13.97
C LEU A 310 -31.26 -28.88 14.68
N LEU A 311 -32.47 -29.45 14.79
CA LEU A 311 -32.59 -30.77 15.42
C LEU A 311 -31.96 -31.86 14.57
N VAL A 312 -32.18 -31.81 13.25
CA VAL A 312 -31.58 -32.79 12.35
C VAL A 312 -30.06 -32.70 12.33
N ARG A 313 -29.53 -31.47 12.38
CA ARG A 313 -28.06 -31.27 12.43
C ARG A 313 -27.52 -31.81 13.75
N PHE A 314 -28.23 -31.60 14.86
CA PHE A 314 -27.74 -32.01 16.16
C PHE A 314 -27.75 -33.52 16.32
N PHE A 315 -28.83 -34.19 15.91
CA PHE A 315 -28.94 -35.62 16.20
C PHE A 315 -28.17 -36.47 15.20
N ALA A 316 -27.57 -35.83 14.21
CA ALA A 316 -26.78 -36.58 13.20
C ALA A 316 -25.33 -36.12 13.24
N CYS A 317 -24.81 -35.72 14.41
CA CYS A 317 -23.43 -35.19 14.43
C CYS A 317 -22.49 -36.21 15.08
N PRO A 318 -21.33 -36.53 14.45
CA PRO A 318 -20.43 -37.55 14.98
C PRO A 318 -20.07 -37.31 16.46
N SER A 319 -19.77 -36.07 16.83
CA SER A 319 -19.35 -35.80 18.21
C SER A 319 -20.21 -34.68 18.76
N LYS A 320 -20.96 -34.97 19.83
CA LYS A 320 -21.82 -33.93 20.46
C LYS A 320 -20.95 -32.93 21.23
N ALA A 321 -19.73 -33.34 21.60
CA ALA A 321 -18.89 -32.46 22.42
C ALA A 321 -18.41 -31.24 21.63
N THR A 322 -18.38 -31.35 20.31
CA THR A 322 -17.95 -30.29 19.41
C THR A 322 -19.11 -29.36 19.06
N PHE A 323 -20.36 -29.81 19.25
CA PHE A 323 -21.51 -29.07 18.78
C PHE A 323 -21.73 -27.79 19.59
N SER A 324 -21.45 -27.82 20.89
CA SER A 324 -21.51 -26.58 21.65
C SER A 324 -20.15 -25.89 21.72
N ARG A 325 -19.47 -25.81 20.58
CA ARG A 325 -18.30 -24.95 20.44
C ARG A 325 -18.22 -24.27 19.08
N ASN A 326 -19.00 -24.72 18.10
CA ASN A 326 -19.08 -24.01 16.83
C ASN A 326 -19.83 -22.71 17.03
N ILE A 327 -19.38 -21.66 16.33
CA ILE A 327 -20.02 -20.36 16.46
C ILE A 327 -21.37 -20.36 15.75
N MET A 328 -21.48 -21.13 14.66
CA MET A 328 -22.68 -21.10 13.84
C MET A 328 -23.85 -21.81 14.51
N ASN A 329 -23.59 -22.84 15.30
CA ASN A 329 -24.68 -23.48 16.04
C ASN A 329 -25.19 -22.59 17.16
N LEU A 330 -24.32 -21.82 17.79
CA LEU A 330 -24.75 -20.80 18.74
C LEU A 330 -25.58 -19.72 18.06
N ILE A 331 -25.21 -19.34 16.84
CA ILE A 331 -25.99 -18.36 16.08
C ILE A 331 -27.38 -18.90 15.78
N ASP A 332 -27.49 -20.19 15.45
CA ASP A 332 -28.81 -20.77 15.15
C ASP A 332 -29.69 -20.85 16.40
N ILE A 333 -29.07 -21.11 17.55
CA ILE A 333 -29.83 -21.16 18.81
C ILE A 333 -30.35 -19.76 19.17
N VAL A 334 -29.49 -18.74 19.06
CA VAL A 334 -29.94 -17.37 19.32
C VAL A 334 -30.93 -16.90 18.26
N ALA A 335 -30.91 -17.47 17.07
CA ALA A 335 -31.93 -17.13 16.08
C ALA A 335 -33.28 -17.71 16.42
N ILE A 336 -33.35 -18.85 17.12
CA ILE A 336 -34.69 -19.35 17.40
C ILE A 336 -35.19 -19.06 18.83
N ILE A 337 -34.35 -18.51 19.71
CA ILE A 337 -34.79 -18.31 21.12
C ILE A 337 -35.90 -17.25 21.32
N PRO A 338 -35.78 -16.00 20.84
CA PRO A 338 -36.73 -14.97 21.30
C PRO A 338 -38.17 -15.17 20.86
N TYR A 339 -38.41 -15.91 19.78
CA TYR A 339 -39.76 -16.32 19.42
C TYR A 339 -40.38 -17.16 20.51
N PHE A 340 -39.61 -18.12 21.03
CA PHE A 340 -40.14 -19.04 22.02
C PHE A 340 -40.32 -18.35 23.38
N ILE A 341 -39.41 -17.44 23.74
CA ILE A 341 -39.66 -16.77 25.02
C ILE A 341 -40.78 -15.73 24.91
N THR A 342 -41.01 -15.14 23.73
CA THR A 342 -42.15 -14.26 23.55
C THR A 342 -43.46 -15.03 23.61
N LEU A 343 -43.53 -16.18 22.96
CA LEU A 343 -44.72 -17.02 23.04
C LEU A 343 -44.97 -17.52 24.45
N GLY A 344 -43.89 -17.85 25.19
CA GLY A 344 -44.05 -18.32 26.55
C GLY A 344 -44.58 -17.26 27.51
N THR A 345 -43.92 -16.10 27.56
CA THR A 345 -44.43 -15.05 28.44
C THR A 345 -45.68 -14.38 27.91
N GLU A 346 -46.09 -14.64 26.67
CA GLU A 346 -47.30 -14.04 26.13
C GLU A 346 -48.49 -14.98 26.26
N LEU A 347 -48.26 -16.28 26.47
CA LEU A 347 -49.36 -17.21 26.69
C LEU A 347 -49.28 -17.90 28.06
N ALA A 348 -48.41 -17.43 28.94
CA ALA A 348 -48.28 -18.02 30.28
C ALA A 348 -49.41 -17.52 31.18
N LEU A 360 -40.51 -3.11 29.40
CA LEU A 360 -40.72 -2.42 28.10
C LEU A 360 -39.33 -2.39 27.47
N ALA A 361 -38.34 -1.97 28.26
CA ALA A 361 -36.94 -1.93 27.78
C ALA A 361 -36.46 -3.35 27.49
N ILE A 362 -36.89 -4.32 28.29
CA ILE A 362 -36.52 -5.75 28.02
C ILE A 362 -37.18 -6.18 26.71
N LEU A 363 -38.41 -5.73 26.44
CA LEU A 363 -39.06 -6.04 25.13
C LEU A 363 -38.26 -5.38 24.00
N ARG A 364 -37.75 -4.17 24.23
CA ARG A 364 -36.92 -3.49 23.20
C ARG A 364 -35.68 -4.36 22.97
N VAL A 365 -35.09 -4.88 24.05
CA VAL A 365 -33.88 -5.74 23.94
C VAL A 365 -34.23 -6.97 23.10
N ILE A 366 -35.40 -7.58 23.36
CA ILE A 366 -35.81 -8.81 22.63
C ILE A 366 -35.95 -8.46 21.15
N ARG A 367 -36.57 -7.33 20.85
CA ARG A 367 -36.78 -6.92 19.44
C ARG A 367 -35.43 -6.69 18.75
N LEU A 368 -34.48 -6.07 19.45
CA LEU A 368 -33.13 -5.86 18.86
C LEU A 368 -32.44 -7.20 18.64
N VAL A 369 -32.56 -8.14 19.57
CA VAL A 369 -31.90 -9.47 19.45
C VAL A 369 -32.43 -10.16 18.18
N ARG A 370 -33.67 -9.85 17.80
CA ARG A 370 -34.28 -10.54 16.61
C ARG A 370 -33.58 -10.17 15.29
N VAL A 371 -32.48 -9.41 15.30
CA VAL A 371 -31.73 -9.06 14.09
C VAL A 371 -30.56 -9.98 13.85
N PHE A 372 -30.30 -10.95 14.71
CA PHE A 372 -29.15 -11.81 14.51
C PHE A 372 -29.40 -12.94 13.52
N ARG A 373 -30.51 -12.89 12.79
CA ARG A 373 -30.78 -13.83 11.71
C ARG A 373 -30.04 -13.46 10.44
N ILE A 374 -29.34 -12.33 10.38
CA ILE A 374 -28.52 -12.04 9.22
C ILE A 374 -27.30 -12.93 9.22
N PHE A 375 -26.80 -13.29 10.40
CA PHE A 375 -25.57 -14.04 10.53
C PHE A 375 -25.76 -15.51 10.29
N LYS A 376 -26.96 -15.94 9.95
CA LYS A 376 -27.20 -17.30 9.49
C LYS A 376 -26.79 -17.49 8.05
N LEU A 377 -26.47 -16.42 7.34
CA LEU A 377 -25.92 -16.47 6.01
C LEU A 377 -24.43 -16.77 6.00
N SER A 378 -23.80 -16.85 7.17
CA SER A 378 -22.35 -17.08 7.19
C SER A 378 -22.03 -18.53 6.94
N ARG A 379 -23.01 -19.42 7.11
CA ARG A 379 -22.80 -20.81 6.74
C ARG A 379 -22.73 -21.01 5.24
N HIS A 380 -23.43 -20.19 4.47
CA HIS A 380 -23.50 -20.33 3.03
C HIS A 380 -22.58 -19.37 2.32
N SER A 381 -21.89 -18.50 3.04
CA SER A 381 -21.03 -17.49 2.43
C SER A 381 -19.64 -17.65 3.00
N LYS A 382 -18.64 -17.66 2.13
CA LYS A 382 -17.25 -17.85 2.54
C LYS A 382 -16.53 -16.54 2.78
N GLY A 383 -16.96 -15.46 2.15
CA GLY A 383 -16.42 -14.15 2.45
C GLY A 383 -16.78 -13.66 3.83
N LEU A 384 -17.95 -14.06 4.33
CA LEU A 384 -18.35 -13.66 5.68
C LEU A 384 -17.57 -14.43 6.75
N GLN A 385 -17.20 -15.66 6.48
CA GLN A 385 -16.36 -16.42 7.40
C GLN A 385 -14.94 -15.86 7.46
N ILE A 386 -14.39 -15.43 6.33
CA ILE A 386 -13.12 -14.73 6.28
C ILE A 386 -13.19 -13.38 6.98
N LEU A 387 -14.34 -12.70 6.91
CA LEU A 387 -14.51 -11.45 7.64
C LEU A 387 -14.54 -11.66 9.15
N GLY A 388 -15.17 -12.75 9.61
CA GLY A 388 -15.12 -13.07 11.02
C GLY A 388 -13.75 -13.44 11.54
N GLN A 389 -12.98 -14.20 10.74
CA GLN A 389 -11.60 -14.52 11.11
C GLN A 389 -10.71 -13.27 11.18
N THR A 390 -10.89 -12.37 10.20
CA THR A 390 -10.19 -11.09 10.19
C THR A 390 -10.51 -10.24 11.41
N LEU A 391 -11.79 -10.17 11.79
CA LEU A 391 -12.18 -9.33 12.92
C LEU A 391 -11.76 -9.94 14.24
N LYS A 392 -11.59 -11.26 14.30
CA LYS A 392 -11.10 -11.86 15.57
C LYS A 392 -9.60 -11.59 15.68
N ALA A 393 -8.88 -11.74 14.56
CA ALA A 393 -7.43 -11.57 14.62
C ALA A 393 -6.99 -10.12 14.83
N SER A 394 -7.90 -9.16 14.77
CA SER A 394 -7.54 -7.74 14.76
C SER A 394 -8.23 -6.98 15.86
N MET A 395 -8.29 -7.52 17.07
CA MET A 395 -9.03 -6.87 18.13
C MET A 395 -8.26 -5.76 18.83
N ARG A 396 -6.94 -5.79 18.81
CA ARG A 396 -6.15 -4.71 19.38
C ARG A 396 -6.19 -3.46 18.50
N GLU A 397 -6.23 -3.64 17.19
CA GLU A 397 -6.27 -2.53 16.25
C GLU A 397 -7.63 -1.83 16.24
N LEU A 398 -8.72 -2.56 16.47
CA LEU A 398 -10.03 -1.93 16.59
C LEU A 398 -10.15 -1.11 17.87
N GLY A 399 -9.58 -1.61 18.97
CA GLY A 399 -9.54 -0.84 20.19
C GLY A 399 -8.69 0.41 20.09
N LEU A 400 -7.59 0.34 19.35
CA LEU A 400 -6.78 1.53 19.11
C LEU A 400 -7.49 2.54 18.22
N LEU A 401 -8.25 2.09 17.23
CA LEU A 401 -9.03 2.99 16.40
C LEU A 401 -10.07 3.76 17.20
N ILE A 402 -10.80 3.06 18.07
CA ILE A 402 -11.82 3.71 18.88
C ILE A 402 -11.19 4.63 19.94
N PHE A 403 -10.04 4.25 20.48
CA PHE A 403 -9.36 5.08 21.47
C PHE A 403 -8.80 6.37 20.87
N PHE A 404 -8.18 6.28 19.69
CA PHE A 404 -7.66 7.48 19.01
C PHE A 404 -8.79 8.43 18.61
N LEU A 405 -9.93 7.89 18.17
CA LEU A 405 -11.06 8.75 17.85
C LEU A 405 -11.67 9.42 19.08
N PHE A 406 -11.64 8.73 20.22
CA PHE A 406 -12.14 9.34 21.49
C PHE A 406 -11.25 10.52 21.85
N ILE A 407 -9.93 10.31 21.87
CA ILE A 407 -8.97 11.36 22.24
C ILE A 407 -9.15 12.59 21.35
N GLY A 408 -9.28 12.37 20.03
CA GLY A 408 -9.49 13.48 19.12
C GLY A 408 -10.81 14.20 19.28
N VAL A 409 -11.88 13.48 19.63
CA VAL A 409 -13.18 14.11 19.81
C VAL A 409 -13.19 15.01 21.03
N ILE A 410 -12.60 14.57 22.14
CA ILE A 410 -12.53 15.41 23.35
C ILE A 410 -11.67 16.65 23.10
N LEU A 411 -10.55 16.47 22.40
CA LEU A 411 -9.62 17.58 22.14
C LEU A 411 -10.22 18.64 21.23
N PHE A 412 -10.82 18.24 20.10
CA PHE A 412 -11.31 19.24 19.17
C PHE A 412 -12.65 19.81 19.58
N SER A 413 -13.47 19.10 20.36
CA SER A 413 -14.65 19.71 20.94
C SER A 413 -14.31 20.79 21.94
N SER A 414 -13.33 20.54 22.83
CA SER A 414 -12.86 21.56 23.75
C SER A 414 -12.33 22.77 23.03
N ALA A 415 -11.55 22.58 21.98
CA ALA A 415 -10.96 23.69 21.26
C ALA A 415 -12.00 24.53 20.53
N VAL A 416 -12.97 23.91 19.85
CA VAL A 416 -13.92 24.73 19.02
C VAL A 416 -14.83 25.58 19.92
N TYR A 417 -15.30 25.04 21.05
CA TYR A 417 -16.26 25.78 21.90
C TYR A 417 -15.65 27.09 22.41
N PHE A 418 -14.39 27.05 22.84
CA PHE A 418 -13.76 28.25 23.42
C PHE A 418 -13.66 29.38 22.40
N ALA A 419 -13.32 29.04 21.15
CA ALA A 419 -13.25 30.06 20.07
C ALA A 419 -14.63 30.65 19.78
N GLU A 420 -15.67 29.83 19.79
CA GLU A 420 -17.04 30.29 19.41
C GLU A 420 -17.81 30.83 20.62
N ALA A 421 -17.23 30.80 21.82
CA ALA A 421 -17.97 31.22 23.03
C ALA A 421 -18.20 32.73 23.00
N ASP A 422 -17.35 33.47 22.28
CA ASP A 422 -17.45 34.96 22.30
C ASP A 422 -18.39 35.46 21.20
N ASP A 423 -18.94 34.55 20.39
CA ASP A 423 -19.88 34.95 19.31
C ASP A 423 -21.29 34.47 19.67
N PRO A 424 -22.29 35.37 19.72
CA PRO A 424 -23.68 34.98 20.01
C PRO A 424 -24.25 34.07 18.91
N THR A 425 -23.89 34.33 17.65
CA THR A 425 -24.43 33.54 16.50
C THR A 425 -23.98 32.08 16.59
N SER A 426 -22.88 31.80 17.29
CA SER A 426 -22.33 30.41 17.34
C SER A 426 -23.35 29.44 17.92
N GLY A 427 -23.39 28.22 17.39
CA GLY A 427 -24.35 27.20 17.86
C GLY A 427 -23.81 26.36 19.01
N PHE A 428 -22.50 26.11 19.03
CA PHE A 428 -21.87 25.34 20.14
C PHE A 428 -22.19 26.04 21.46
N SER A 429 -22.72 25.30 22.44
CA SER A 429 -23.10 25.88 23.75
C SER A 429 -22.37 25.16 24.90
N SER A 430 -21.94 23.92 24.67
CA SER A 430 -21.18 23.17 25.66
C SER A 430 -20.03 22.49 24.92
N ILE A 431 -19.19 21.81 25.68
CA ILE A 431 -18.25 20.86 25.09
C ILE A 431 -18.99 19.57 24.77
N PRO A 432 -19.88 18.97 25.61
CA PRO A 432 -20.67 17.81 25.17
C PRO A 432 -21.33 18.10 23.82
N ASP A 433 -21.68 19.37 23.55
CA ASP A 433 -22.41 19.75 22.30
C ASP A 433 -21.60 19.49 21.03
N ALA A 434 -20.30 19.80 21.02
CA ALA A 434 -19.52 19.68 19.76
C ALA A 434 -19.00 18.26 19.54
N PHE A 435 -19.44 17.29 20.33
CA PHE A 435 -18.97 15.92 20.18
C PHE A 435 -19.38 15.34 18.84
N TRP A 436 -20.64 15.59 18.46
CA TRP A 436 -21.17 15.14 17.14
C TRP A 436 -20.42 15.85 16.04
N TRP A 437 -20.27 17.17 16.15
CA TRP A 437 -19.61 17.97 15.09
C TRP A 437 -18.20 17.41 14.88
N ALA A 438 -17.50 17.00 15.93
CA ALA A 438 -16.12 16.55 15.73
C ALA A 438 -16.09 15.12 15.18
N VAL A 439 -17.06 14.28 15.55
CA VAL A 439 -17.13 12.93 14.97
C VAL A 439 -17.33 12.99 13.46
N VAL A 440 -18.35 13.74 12.99
CA VAL A 440 -18.59 13.80 11.56
C VAL A 440 -17.58 14.64 10.79
N THR A 441 -16.80 15.49 11.43
CA THR A 441 -15.73 16.20 10.73
C THR A 441 -14.47 15.35 10.63
N MET A 442 -14.16 14.57 11.66
CA MET A 442 -12.98 13.72 11.64
C MET A 442 -13.14 12.55 10.72
N THR A 443 -14.34 12.01 10.54
CA THR A 443 -14.63 10.83 9.68
C THR A 443 -14.90 11.27 8.25
N THR A 444 -15.21 12.54 7.99
CA THR A 444 -15.46 13.16 6.67
C THR A 444 -16.89 12.93 6.19
N VAL A 445 -17.77 12.39 7.00
CA VAL A 445 -19.20 12.27 6.60
C VAL A 445 -19.58 13.74 6.44
N GLY A 446 -19.10 14.56 7.35
CA GLY A 446 -19.24 16.00 7.26
C GLY A 446 -20.63 16.48 7.19
N TYR A 447 -21.51 15.93 8.01
CA TYR A 447 -22.91 16.41 8.09
C TYR A 447 -22.85 17.86 8.53
N GLY A 448 -22.23 18.07 9.70
CA GLY A 448 -22.15 19.41 10.29
C GLY A 448 -23.29 19.59 11.27
N ASP A 449 -23.04 19.36 12.56
CA ASP A 449 -24.10 19.64 13.56
C ASP A 449 -24.34 21.15 13.50
N MET A 450 -23.26 21.93 13.43
CA MET A 450 -23.35 23.41 13.30
C MET A 450 -22.19 23.83 12.40
N HIS A 451 -22.28 25.03 11.82
CA HIS A 451 -21.20 25.56 10.96
C HIS A 451 -20.39 26.60 11.75
N PRO A 452 -19.04 26.50 11.91
CA PRO A 452 -18.31 27.46 12.75
C PRO A 452 -18.56 28.88 12.21
N VAL A 453 -18.70 29.87 13.11
CA VAL A 453 -19.03 31.25 12.66
C VAL A 453 -17.85 32.19 12.87
N THR A 454 -16.78 31.76 13.55
CA THR A 454 -15.68 32.73 13.83
C THR A 454 -14.42 32.32 13.05
N ILE A 455 -13.31 33.04 13.21
CA ILE A 455 -12.09 32.73 12.46
C ILE A 455 -11.28 31.66 13.16
N GLY A 456 -11.16 31.74 14.49
CA GLY A 456 -10.49 30.70 15.24
C GLY A 456 -11.21 29.37 15.17
N GLY A 457 -12.55 29.43 15.04
CA GLY A 457 -13.36 28.21 14.93
C GLY A 457 -13.16 27.53 13.59
N LYS A 458 -12.83 28.30 12.54
CA LYS A 458 -12.57 27.73 11.23
C LYS A 458 -11.14 27.24 11.09
N ILE A 459 -10.20 27.82 11.84
CA ILE A 459 -8.85 27.25 11.92
C ILE A 459 -8.86 25.92 12.66
N VAL A 460 -9.62 25.84 13.76
CA VAL A 460 -9.77 24.57 14.49
C VAL A 460 -10.49 23.53 13.64
N GLY A 461 -11.50 23.92 12.87
CA GLY A 461 -12.18 22.99 11.98
C GLY A 461 -11.30 22.44 10.87
N SER A 462 -10.41 23.27 10.32
CA SER A 462 -9.43 22.80 9.34
C SER A 462 -8.50 21.74 9.91
N LEU A 463 -8.01 21.99 11.14
CA LEU A 463 -7.14 21.00 11.78
C LEU A 463 -7.88 19.72 12.15
N CYS A 464 -9.16 19.80 12.52
CA CYS A 464 -9.97 18.61 12.82
C CYS A 464 -10.15 17.73 11.58
N ALA A 465 -10.41 18.36 10.44
CA ALA A 465 -10.57 17.63 9.18
C ALA A 465 -9.29 16.94 8.74
N ILE A 466 -8.13 17.52 9.01
CA ILE A 466 -6.86 16.85 8.68
C ILE A 466 -6.55 15.71 9.67
N ALA A 467 -6.71 16.00 10.96
CA ALA A 467 -6.34 15.08 12.03
C ALA A 467 -7.16 13.81 12.01
N GLY A 468 -8.41 13.87 11.54
CA GLY A 468 -9.18 12.64 11.45
C GLY A 468 -8.68 11.69 10.40
N VAL A 469 -8.29 12.21 9.24
CA VAL A 469 -7.67 11.41 8.19
C VAL A 469 -6.39 10.74 8.69
N LEU A 470 -5.56 11.50 9.42
CA LEU A 470 -4.34 10.92 9.96
C LEU A 470 -4.61 9.84 10.99
N THR A 471 -5.43 10.14 12.00
CA THR A 471 -5.88 9.21 13.03
C THR A 471 -6.50 7.93 12.50
N ILE A 472 -7.41 8.01 11.54
CA ILE A 472 -8.07 6.81 11.02
C ILE A 472 -7.15 6.00 10.14
N ALA A 473 -6.32 6.65 9.32
CA ALA A 473 -5.46 5.93 8.40
C ALA A 473 -4.35 5.12 9.04
N LEU A 474 -4.09 5.22 10.34
CA LEU A 474 -2.95 4.54 10.93
C LEU A 474 -3.18 3.07 11.28
N PRO A 475 -4.23 2.64 12.01
CA PRO A 475 -4.36 1.21 12.31
C PRO A 475 -5.08 0.37 11.27
N VAL A 476 -5.47 0.92 10.13
CA VAL A 476 -6.25 0.24 9.09
C VAL A 476 -5.42 -0.65 8.15
N PRO A 477 -4.18 -0.29 7.73
CA PRO A 477 -3.37 -1.26 6.97
C PRO A 477 -3.08 -2.60 7.67
N VAL A 478 -3.09 -2.65 9.00
CA VAL A 478 -2.90 -3.93 9.68
C VAL A 478 -4.13 -4.83 9.52
N ILE A 479 -5.32 -4.23 9.57
CA ILE A 479 -6.55 -4.98 9.37
C ILE A 479 -6.67 -5.44 7.92
N VAL A 480 -6.25 -4.62 6.95
CA VAL A 480 -6.34 -5.11 5.57
C VAL A 480 -5.25 -6.12 5.25
N SER A 481 -4.14 -6.14 5.99
CA SER A 481 -3.17 -7.21 5.81
C SER A 481 -3.67 -8.53 6.38
N ASN A 482 -4.35 -8.49 7.53
CA ASN A 482 -5.03 -9.67 8.04
C ASN A 482 -6.07 -10.20 7.07
N PHE A 483 -6.83 -9.30 6.43
CA PHE A 483 -7.82 -9.75 5.45
C PHE A 483 -7.17 -10.43 4.26
N ASN A 484 -6.11 -9.82 3.70
CA ASN A 484 -5.42 -10.39 2.55
C ASN A 484 -4.82 -11.75 2.87
N TYR A 485 -4.28 -11.90 4.08
CA TYR A 485 -3.75 -13.18 4.52
C TYR A 485 -4.82 -14.26 4.56
N PHE A 486 -5.90 -14.05 5.33
CA PHE A 486 -6.95 -15.06 5.44
C PHE A 486 -7.70 -15.29 4.15
N TYR A 487 -7.68 -14.34 3.22
CA TYR A 487 -8.43 -14.45 1.98
C TYR A 487 -7.66 -15.21 0.92
N HIS A 488 -6.37 -14.89 0.74
CA HIS A 488 -5.55 -15.64 -0.19
C HIS A 488 -5.00 -16.93 0.41
N ARG A 489 -5.37 -17.23 1.66
CA ARG A 489 -4.99 -18.54 2.26
C ARG A 489 -5.77 -19.64 1.54
N GLU A 490 -6.90 -19.29 0.92
CA GLU A 490 -7.76 -20.29 0.30
C GLU A 490 -7.09 -20.97 -0.88
N THR A 491 -6.34 -20.20 -1.66
CA THR A 491 -5.60 -20.77 -2.83
C THR A 491 -4.48 -21.66 -2.32
N GLY B 103 54.52 -15.89 7.00
CA GLY B 103 53.16 -16.01 6.43
C GLY B 103 52.99 -17.31 5.67
N GLU B 104 52.30 -18.28 6.28
CA GLU B 104 52.08 -19.60 5.64
C GLU B 104 50.59 -19.80 5.39
N ARG B 105 50.21 -20.22 4.18
CA ARG B 105 48.78 -20.44 3.86
C ARG B 105 48.25 -21.58 4.74
N VAL B 106 47.07 -21.40 5.34
CA VAL B 106 46.46 -22.46 6.19
C VAL B 106 45.14 -22.89 5.54
N VAL B 107 44.89 -24.21 5.44
CA VAL B 107 43.68 -24.72 4.74
C VAL B 107 42.60 -25.10 5.76
N ILE B 108 41.39 -24.57 5.60
CA ILE B 108 40.25 -24.93 6.49
C ILE B 108 39.18 -25.60 5.63
N ASN B 109 38.69 -26.77 6.04
CA ASN B 109 37.61 -27.44 5.27
C ASN B 109 36.29 -27.30 6.04
N ILE B 110 35.29 -26.66 5.45
CA ILE B 110 33.97 -26.61 6.15
C ILE B 110 33.06 -27.65 5.51
N SER B 111 33.18 -28.91 5.92
CA SER B 111 32.33 -30.01 5.41
C SER B 111 32.45 -30.15 3.89
N GLY B 112 33.66 -29.95 3.33
CA GLY B 112 33.84 -30.17 1.89
C GLY B 112 34.23 -28.88 1.19
N LEU B 113 33.69 -27.76 1.67
CA LEU B 113 33.93 -26.46 1.04
C LEU B 113 35.21 -25.88 1.60
N ARG B 114 36.29 -25.98 0.81
CA ARG B 114 37.64 -25.58 1.27
C ARG B 114 37.90 -24.07 1.22
N PHE B 115 38.50 -23.52 2.27
CA PHE B 115 38.86 -22.08 2.32
C PHE B 115 40.36 -21.99 2.63
N GLU B 116 41.10 -21.14 1.91
CA GLU B 116 42.56 -20.98 2.13
C GLU B 116 42.86 -19.53 2.52
N THR B 117 43.61 -19.32 3.61
CA THR B 117 43.99 -17.93 4.01
C THR B 117 45.42 -17.95 4.59
N GLN B 118 46.11 -16.80 4.59
CA GLN B 118 47.47 -16.70 5.19
C GLN B 118 47.38 -16.66 6.73
N LEU B 119 48.47 -17.01 7.42
CA LEU B 119 48.48 -17.06 8.91
C LEU B 119 48.25 -15.68 9.51
N LYS B 120 48.79 -14.63 8.88
CA LYS B 120 48.70 -13.26 9.45
C LYS B 120 47.23 -12.85 9.62
N THR B 121 46.37 -13.21 8.66
CA THR B 121 44.96 -12.77 8.72
C THR B 121 44.30 -13.31 10.00
N LEU B 122 44.55 -14.57 10.33
CA LEU B 122 43.95 -15.19 11.54
C LEU B 122 44.48 -14.49 12.80
N CYS B 123 45.76 -14.11 12.81
CA CYS B 123 46.40 -13.51 14.02
C CYS B 123 45.72 -12.21 14.46
N GLN B 124 45.37 -11.34 13.50
CA GLN B 124 44.79 -10.01 13.81
C GLN B 124 43.84 -10.09 15.02
N PHE B 125 42.99 -11.11 15.06
CA PHE B 125 42.12 -11.30 16.25
C PHE B 125 42.60 -12.54 17.00
N PRO B 126 43.09 -12.42 18.25
CA PRO B 126 43.52 -13.57 19.02
C PRO B 126 42.39 -14.27 19.81
N GLU B 127 41.36 -13.53 20.23
CA GLU B 127 40.29 -14.11 21.08
C GLU B 127 39.50 -15.18 20.32
N THR B 128 39.58 -15.20 18.99
CA THR B 128 38.78 -16.15 18.18
C THR B 128 39.34 -17.57 18.30
N LEU B 129 38.53 -18.58 18.00
CA LEU B 129 38.99 -20.00 18.08
C LEU B 129 40.19 -20.16 17.14
N LEU B 130 40.12 -19.56 15.96
CA LEU B 130 41.24 -19.59 14.99
C LEU B 130 42.42 -18.73 15.50
N GLY B 131 42.14 -17.64 16.21
CA GLY B 131 43.22 -16.73 16.66
C GLY B 131 44.22 -17.36 17.63
N ASP B 132 43.76 -18.15 18.61
CA ASP B 132 44.70 -18.70 19.63
C ASP B 132 45.29 -20.02 19.11
N PRO B 133 46.62 -20.30 19.19
CA PRO B 133 47.17 -21.50 18.53
C PRO B 133 46.92 -22.81 19.26
N LYS B 134 46.18 -22.81 20.37
CA LYS B 134 45.91 -24.05 21.08
C LYS B 134 44.44 -24.45 21.12
N ARG B 135 43.53 -23.50 20.88
CA ARG B 135 42.10 -23.88 20.79
C ARG B 135 41.82 -24.47 19.40
N ARG B 136 42.36 -23.87 18.34
CA ARG B 136 42.20 -24.38 16.95
C ARG B 136 43.11 -25.58 16.69
N MET B 137 44.14 -25.78 17.53
CA MET B 137 45.13 -26.86 17.26
C MET B 137 44.41 -28.22 17.22
N ARG B 138 43.42 -28.43 18.10
CA ARG B 138 42.68 -29.72 18.14
C ARG B 138 41.95 -29.96 16.81
N TYR B 139 41.35 -28.92 16.21
CA TYR B 139 40.57 -29.11 14.97
C TYR B 139 41.48 -29.48 13.79
N PHE B 140 42.77 -29.17 13.90
CA PHE B 140 43.76 -29.50 12.84
C PHE B 140 43.93 -31.01 12.63
N ASP B 141 44.10 -31.44 11.37
CA ASP B 141 44.37 -32.87 11.07
C ASP B 141 45.76 -32.96 10.44
N PRO B 142 46.71 -33.74 11.01
CA PRO B 142 48.08 -33.80 10.50
C PRO B 142 48.29 -34.38 9.09
N LEU B 143 47.58 -35.46 8.74
CA LEU B 143 47.84 -36.14 7.44
C LEU B 143 47.53 -35.20 6.26
N ARG B 144 46.42 -34.48 6.29
CA ARG B 144 46.04 -33.64 5.13
C ARG B 144 46.49 -32.19 5.34
N ASN B 145 47.07 -31.89 6.50
CA ASN B 145 47.47 -30.48 6.82
C ASN B 145 46.25 -29.57 6.66
N GLU B 146 45.09 -30.01 7.14
CA GLU B 146 43.84 -29.21 7.00
C GLU B 146 43.07 -29.25 8.32
N TYR B 147 42.22 -28.25 8.56
CA TYR B 147 41.37 -28.20 9.77
C TYR B 147 39.98 -28.67 9.34
N PHE B 148 39.32 -29.55 10.08
CA PHE B 148 37.98 -29.96 9.58
C PHE B 148 36.89 -29.51 10.54
N PHE B 149 35.87 -28.81 10.03
CA PHE B 149 34.75 -28.33 10.86
C PHE B 149 33.46 -28.82 10.17
N ASP B 150 32.66 -29.64 10.86
CA ASP B 150 31.37 -30.06 10.25
C ASP B 150 30.35 -28.97 10.58
N ARG B 151 30.51 -27.76 10.01
CA ARG B 151 29.61 -26.61 10.31
C ARG B 151 28.88 -26.19 9.02
N ASN B 152 28.16 -25.05 9.03
CA ASN B 152 27.38 -24.69 7.82
C ASN B 152 28.29 -23.94 6.85
N ARG B 153 28.32 -24.37 5.58
CA ARG B 153 29.25 -23.79 4.57
C ARG B 153 28.95 -22.31 4.28
N PRO B 154 27.70 -21.84 4.07
CA PRO B 154 27.48 -20.44 3.74
C PRO B 154 27.98 -19.52 4.86
N SER B 155 27.77 -19.92 6.12
CA SER B 155 28.14 -19.05 7.25
C SER B 155 29.64 -18.78 7.27
N PHE B 156 30.48 -19.78 6.97
CA PHE B 156 31.94 -19.57 7.10
C PHE B 156 32.42 -18.47 6.16
N ASP B 157 31.84 -18.35 4.97
CA ASP B 157 32.37 -17.33 4.03
C ASP B 157 32.24 -15.95 4.70
N ALA B 158 31.11 -15.70 5.35
CA ALA B 158 30.95 -14.41 6.07
C ALA B 158 31.95 -14.32 7.23
N ILE B 159 32.17 -15.42 7.95
CA ILE B 159 33.09 -15.39 9.13
C ILE B 159 34.50 -15.05 8.64
N LEU B 160 34.93 -15.63 7.51
CA LEU B 160 36.31 -15.39 7.01
C LEU B 160 36.46 -13.91 6.67
N TYR B 161 35.44 -13.29 6.09
CA TYR B 161 35.61 -11.88 5.65
C TYR B 161 35.75 -10.98 6.87
N TYR B 162 35.30 -11.44 8.05
CA TYR B 162 35.47 -10.63 9.28
C TYR B 162 36.96 -10.40 9.56
N TYR B 163 37.78 -11.45 9.45
CA TYR B 163 39.24 -11.29 9.65
C TYR B 163 39.84 -10.43 8.53
N GLN B 164 39.42 -10.67 7.29
CA GLN B 164 39.99 -9.95 6.13
C GLN B 164 39.64 -8.46 6.21
N SER B 165 38.41 -8.13 6.66
CA SER B 165 37.95 -6.72 6.68
C SER B 165 38.33 -6.03 7.99
N GLY B 166 39.03 -6.71 8.88
CA GLY B 166 39.37 -6.13 10.19
C GLY B 166 38.14 -5.80 11.03
N GLY B 167 37.11 -6.65 11.04
CA GLY B 167 35.98 -6.41 11.96
C GLY B 167 34.63 -6.19 11.30
N ARG B 168 34.55 -6.13 9.97
CA ARG B 168 33.19 -5.99 9.38
C ARG B 168 32.46 -7.32 9.52
N ILE B 169 31.19 -7.29 9.95
CA ILE B 169 30.39 -8.54 10.09
C ILE B 169 29.05 -8.37 9.35
N ARG B 170 28.72 -9.28 8.43
CA ARG B 170 27.41 -9.22 7.74
C ARG B 170 26.77 -10.61 7.72
N ARG B 171 25.45 -10.70 7.55
CA ARG B 171 24.77 -12.02 7.46
C ARG B 171 24.35 -12.25 6.02
N PRO B 172 24.71 -13.38 5.36
CA PRO B 172 24.31 -13.57 3.97
C PRO B 172 22.79 -13.63 3.82
N VAL B 173 22.22 -12.97 2.82
CA VAL B 173 20.78 -12.86 2.65
C VAL B 173 20.13 -14.23 2.61
N ASN B 174 20.91 -15.29 2.39
CA ASN B 174 20.39 -16.64 2.33
C ASN B 174 20.61 -17.45 3.60
N VAL B 175 20.90 -16.80 4.72
CA VAL B 175 21.15 -17.48 5.99
C VAL B 175 20.20 -16.91 7.05
N PRO B 176 19.37 -17.73 7.75
CA PRO B 176 18.53 -17.19 8.83
C PRO B 176 19.36 -16.56 9.96
N ILE B 177 18.80 -15.58 10.65
CA ILE B 177 19.56 -14.83 11.70
C ILE B 177 19.99 -15.81 12.80
N ASP B 178 19.11 -16.71 13.23
CA ASP B 178 19.45 -17.62 14.35
C ASP B 178 20.63 -18.52 13.97
N ILE B 179 20.63 -19.07 12.76
CA ILE B 179 21.71 -20.02 12.36
C ILE B 179 23.04 -19.26 12.36
N PHE B 180 23.03 -18.05 11.80
CA PHE B 180 24.27 -17.23 11.75
C PHE B 180 24.71 -16.90 13.17
N SER B 181 23.75 -16.59 14.05
CA SER B 181 24.09 -16.21 15.45
C SER B 181 24.76 -17.40 16.13
N GLU B 182 24.30 -18.63 15.88
CA GLU B 182 24.94 -19.75 16.64
C GLU B 182 26.32 -20.04 16.06
N GLU B 183 26.50 -19.84 14.76
CA GLU B 183 27.83 -20.02 14.13
C GLU B 183 28.76 -18.95 14.71
N ILE B 184 28.30 -17.72 14.86
CA ILE B 184 29.16 -16.64 15.46
C ILE B 184 29.59 -17.07 16.87
N ARG B 185 28.66 -17.61 17.66
CA ARG B 185 29.00 -18.03 19.04
C ARG B 185 30.03 -19.16 18.99
N PHE B 186 29.89 -20.10 18.05
CA PHE B 186 30.82 -21.25 17.94
C PHE B 186 32.24 -20.75 17.63
N TYR B 187 32.36 -19.75 16.76
CA TYR B 187 33.71 -19.27 16.35
C TYR B 187 34.27 -18.33 17.43
N GLN B 188 33.45 -18.02 18.44
CA GLN B 188 33.93 -17.18 19.59
C GLN B 188 34.46 -15.84 19.08
N LEU B 189 33.74 -15.20 18.17
CA LEU B 189 34.16 -13.87 17.67
C LEU B 189 34.15 -12.87 18.84
N GLY B 190 33.13 -12.92 19.71
CA GLY B 190 33.12 -12.05 20.90
C GLY B 190 31.81 -11.29 21.07
N GLU B 191 31.53 -10.79 22.28
CA GLU B 191 30.32 -10.02 22.54
C GLU B 191 30.36 -8.70 21.79
N GLU B 192 31.55 -8.26 21.38
CA GLU B 192 31.68 -7.01 20.56
C GLU B 192 31.26 -7.28 19.11
N ALA B 193 31.79 -8.34 18.48
CA ALA B 193 31.38 -8.68 17.11
C ALA B 193 29.89 -9.02 17.10
N MET B 194 29.42 -9.74 18.12
CA MET B 194 27.99 -10.11 18.22
C MET B 194 27.17 -8.83 18.32
N GLU B 195 27.65 -7.85 19.09
CA GLU B 195 26.93 -6.56 19.24
C GLU B 195 26.87 -5.84 17.89
N LYS B 196 27.97 -5.86 17.13
CA LYS B 196 27.97 -5.23 15.79
C LYS B 196 26.93 -5.92 14.91
N PHE B 197 26.88 -7.25 14.94
CA PHE B 197 25.90 -8.01 14.14
C PHE B 197 24.47 -7.59 14.55
N ARG B 198 24.23 -7.46 15.85
CA ARG B 198 22.88 -7.10 16.36
C ARG B 198 22.52 -5.70 15.87
N GLU B 199 23.49 -4.78 15.88
CA GLU B 199 23.25 -3.39 15.39
C GLU B 199 22.88 -3.45 13.91
N ASP B 200 23.58 -4.29 13.13
CA ASP B 200 23.28 -4.42 11.68
C ASP B 200 21.84 -4.92 11.49
N GLU B 201 21.38 -5.84 12.33
CA GLU B 201 20.00 -6.38 12.27
C GLU B 201 19.00 -5.26 12.58
N GLY B 202 19.36 -4.37 13.50
CA GLY B 202 18.47 -3.23 13.85
C GLY B 202 17.68 -3.54 15.10
N PHE B 203 18.39 -3.90 16.18
CA PHE B 203 17.74 -4.15 17.49
C PHE B 203 18.67 -3.56 18.55
N LEU B 204 18.79 -2.23 18.61
CA LEU B 204 19.76 -1.58 19.52
C LEU B 204 19.12 -1.31 20.89
N ARG B 205 17.85 -1.70 21.09
CA ARG B 205 17.15 -1.40 22.35
C ARG B 205 17.51 -2.43 23.43
N GLU B 206 18.76 -2.40 23.90
CA GLU B 206 19.22 -3.34 24.96
C GLU B 206 19.34 -2.61 26.29
N GLU B 207 18.94 -1.34 26.36
CA GLU B 207 19.10 -0.52 27.59
C GLU B 207 18.29 -1.12 28.75
N GLU B 208 18.83 -1.04 29.97
CA GLU B 208 18.13 -1.55 31.15
C GLU B 208 18.13 -0.47 32.22
N ARG B 209 16.92 0.07 32.52
CA ARG B 209 16.84 1.25 33.37
C ARG B 209 17.01 0.87 34.84
N PRO B 210 17.69 1.69 35.65
CA PRO B 210 18.19 1.24 36.96
C PRO B 210 17.10 1.12 38.02
N LEU B 211 17.54 1.04 39.27
CA LEU B 211 16.58 0.97 40.41
C LEU B 211 17.17 1.77 41.57
N PRO B 212 16.39 2.27 42.55
CA PRO B 212 16.94 2.97 43.71
C PRO B 212 17.84 2.10 44.60
N ARG B 213 18.98 2.64 45.05
CA ARG B 213 19.96 1.90 45.89
C ARG B 213 19.57 1.91 47.38
N ARG B 214 18.42 1.34 47.75
CA ARG B 214 18.01 1.22 49.17
C ARG B 214 16.89 0.19 49.23
N ASP B 215 16.61 -0.39 50.40
CA ASP B 215 15.45 -1.32 50.53
C ASP B 215 14.11 -0.57 50.41
N PHE B 216 13.95 0.54 51.13
CA PHE B 216 12.64 1.24 51.13
C PHE B 216 12.36 1.87 49.77
N GLN B 217 13.28 2.71 49.28
CA GLN B 217 13.07 3.47 48.01
C GLN B 217 12.76 2.53 46.84
N ARG B 218 13.47 1.41 46.75
CA ARG B 218 13.28 0.51 45.58
C ARG B 218 11.82 0.06 45.53
N GLN B 219 11.25 -0.29 46.70
CA GLN B 219 9.85 -0.76 46.75
C GLN B 219 8.91 0.35 46.26
N VAL B 220 9.11 1.59 46.73
CA VAL B 220 8.19 2.71 46.36
C VAL B 220 8.29 2.98 44.86
N TRP B 221 9.51 3.03 44.31
CA TRP B 221 9.69 3.25 42.86
C TRP B 221 9.09 2.07 42.10
N LEU B 222 9.33 0.86 42.59
CA LEU B 222 8.85 -0.35 41.86
C LEU B 222 7.32 -0.30 41.78
N LEU B 223 6.66 0.04 42.89
CA LEU B 223 5.17 -0.02 42.87
C LEU B 223 4.62 1.00 41.88
N PHE B 224 5.10 2.25 41.94
CA PHE B 224 4.54 3.30 41.04
C PHE B 224 4.98 3.10 39.59
N GLU B 225 6.28 2.89 39.37
CA GLU B 225 6.81 2.73 37.99
C GLU B 225 6.40 1.38 37.37
N TYR B 226 6.47 0.29 38.13
CA TYR B 226 6.21 -1.06 37.54
C TYR B 226 4.85 -1.65 38.01
N PRO B 227 3.75 -1.61 37.21
CA PRO B 227 2.47 -2.21 37.60
C PRO B 227 2.41 -3.71 37.43
N GLU B 228 3.34 -4.31 36.69
CA GLU B 228 3.27 -5.74 36.43
C GLU B 228 3.83 -6.59 37.55
N SER B 229 4.30 -5.96 38.62
CA SER B 229 4.95 -6.69 39.69
C SER B 229 3.96 -7.39 40.61
N SER B 230 3.11 -6.62 41.26
CA SER B 230 2.38 -7.06 42.43
C SER B 230 0.88 -6.86 42.23
N GLY B 231 0.13 -7.01 43.32
CA GLY B 231 -1.29 -6.75 43.33
C GLY B 231 -1.66 -5.32 43.65
N PRO B 232 -1.09 -4.77 44.74
CA PRO B 232 -1.16 -3.33 44.97
C PRO B 232 -0.70 -2.44 43.81
N ALA B 233 0.25 -2.89 43.00
CA ALA B 233 0.65 -2.12 41.83
C ALA B 233 -0.49 -2.00 40.81
N ARG B 234 -1.19 -3.11 40.56
CA ARG B 234 -2.35 -3.03 39.66
C ARG B 234 -3.50 -2.26 40.29
N GLY B 235 -3.60 -2.28 41.63
CA GLY B 235 -4.59 -1.45 42.29
C GLY B 235 -4.33 0.03 42.12
N ILE B 236 -3.05 0.43 42.22
CA ILE B 236 -2.68 1.83 42.01
C ILE B 236 -2.93 2.23 40.55
N ALA B 237 -2.66 1.32 39.61
CA ALA B 237 -2.90 1.61 38.20
C ALA B 237 -4.38 1.82 37.89
N ILE B 238 -5.25 0.96 38.42
CA ILE B 238 -6.68 1.08 38.12
C ILE B 238 -7.29 2.30 38.82
N VAL B 239 -6.85 2.58 40.06
CA VAL B 239 -7.31 3.79 40.75
C VAL B 239 -6.87 5.05 40.01
N SER B 240 -5.66 5.06 39.45
CA SER B 240 -5.17 6.21 38.70
C SER B 240 -5.97 6.45 37.42
N VAL B 241 -6.27 5.39 36.67
CA VAL B 241 -7.04 5.55 35.44
C VAL B 241 -8.46 6.03 35.74
N LEU B 242 -9.05 5.55 36.84
CA LEU B 242 -10.40 6.01 37.19
C LEU B 242 -10.42 7.47 37.61
N VAL B 243 -9.38 7.93 38.30
CA VAL B 243 -9.36 9.32 38.74
C VAL B 243 -9.17 10.26 37.53
N ILE B 244 -8.36 9.84 36.55
CA ILE B 244 -8.18 10.63 35.33
C ILE B 244 -9.49 10.72 34.54
N LEU B 245 -10.23 9.61 34.46
CA LEU B 245 -11.49 9.61 33.73
C LEU B 245 -12.56 10.48 34.39
N ILE B 246 -12.65 10.48 35.73
CA ILE B 246 -13.65 11.35 36.31
C ILE B 246 -13.24 12.81 36.26
N SER B 247 -11.95 13.13 36.16
CA SER B 247 -11.57 14.53 35.97
C SER B 247 -11.96 15.03 34.58
N ILE B 248 -11.87 14.17 33.57
CA ILE B 248 -12.34 14.55 32.22
C ILE B 248 -13.84 14.79 32.22
N VAL B 249 -14.60 13.92 32.88
CA VAL B 249 -16.05 14.08 32.98
C VAL B 249 -16.43 15.37 33.71
N ILE B 250 -15.70 15.72 34.76
CA ILE B 250 -15.94 16.96 35.50
C ILE B 250 -15.66 18.19 34.65
N PHE B 251 -14.61 18.16 33.82
CA PHE B 251 -14.30 19.25 32.89
C PHE B 251 -15.46 19.56 31.92
N CYS B 252 -15.98 18.52 31.26
CA CYS B 252 -17.08 18.73 30.32
C CYS B 252 -18.41 19.08 31.02
N LEU B 253 -18.71 18.43 32.14
CA LEU B 253 -19.93 18.77 32.86
C LEU B 253 -19.88 20.16 33.49
N GLU B 254 -18.69 20.65 33.86
CA GLU B 254 -18.53 22.03 34.26
C GLU B 254 -19.02 22.97 33.17
N THR B 255 -18.67 22.67 31.93
CA THR B 255 -19.04 23.66 30.91
C THR B 255 -20.46 23.53 30.37
N LEU B 256 -21.25 22.49 30.76
CA LEU B 256 -22.70 22.47 30.46
C LEU B 256 -23.46 23.73 30.91
N PRO B 257 -24.57 24.13 30.29
CA PRO B 257 -25.23 25.39 30.68
C PRO B 257 -26.34 25.26 31.71
N GLU B 258 -26.80 24.05 32.02
CA GLU B 258 -27.76 23.86 33.09
C GLU B 258 -27.16 24.14 34.46
N PHE B 259 -25.85 23.95 34.62
CA PHE B 259 -25.18 24.18 35.89
C PHE B 259 -24.70 25.62 36.05
N ARG B 260 -24.16 26.20 35.00
CA ARG B 260 -23.49 27.50 35.09
C ARG B 260 -24.46 28.67 35.05
N ASP B 293 -20.24 23.79 46.45
CA ASP B 293 -20.28 23.31 45.07
C ASP B 293 -19.73 21.91 45.01
N PRO B 294 -20.45 20.94 44.43
CA PRO B 294 -19.87 19.60 44.27
C PRO B 294 -18.72 19.54 43.29
N PHE B 295 -18.71 20.40 42.27
CA PHE B 295 -17.67 20.34 41.24
C PHE B 295 -16.32 20.73 41.79
N PHE B 296 -16.28 21.74 42.65
CA PHE B 296 -15.02 22.14 43.27
C PHE B 296 -14.48 21.07 44.22
N VAL B 297 -15.37 20.34 44.88
CA VAL B 297 -14.93 19.28 45.78
C VAL B 297 -14.36 18.10 45.00
N VAL B 298 -15.03 17.69 43.92
CA VAL B 298 -14.51 16.59 43.10
C VAL B 298 -13.20 17.00 42.42
N GLU B 299 -13.11 18.25 41.96
CA GLU B 299 -11.91 18.70 41.30
C GLU B 299 -10.74 18.81 42.28
N THR B 300 -11.00 19.26 43.51
CA THR B 300 -9.91 19.34 44.47
C THR B 300 -9.50 17.96 44.98
N LEU B 301 -10.39 16.96 45.00
CA LEU B 301 -9.96 15.61 45.33
C LEU B 301 -9.08 15.02 44.23
N CYS B 302 -9.42 15.30 42.96
CA CYS B 302 -8.60 14.83 41.86
C CYS B 302 -7.22 15.48 41.87
N ILE B 303 -7.16 16.77 42.23
CA ILE B 303 -5.88 17.47 42.29
C ILE B 303 -5.02 16.97 43.46
N ILE B 304 -5.66 16.63 44.59
CA ILE B 304 -4.93 16.02 45.71
C ILE B 304 -4.30 14.69 45.30
N TRP B 305 -5.04 13.84 44.57
CA TRP B 305 -4.45 12.57 44.14
C TRP B 305 -3.31 12.75 43.14
N PHE B 306 -3.46 13.70 42.21
CA PHE B 306 -2.41 13.95 41.22
C PHE B 306 -1.13 14.45 41.89
N SER B 307 -1.25 15.40 42.82
CA SER B 307 -0.08 15.94 43.50
C SER B 307 0.56 14.91 44.43
N PHE B 308 -0.26 14.04 45.02
CA PHE B 308 0.27 13.00 45.90
C PHE B 308 1.13 12.01 45.13
N GLU B 309 0.63 11.51 44.00
CA GLU B 309 1.44 10.53 43.28
C GLU B 309 2.62 11.18 42.57
N LEU B 310 2.53 12.48 42.26
CA LEU B 310 3.69 13.16 41.70
C LEU B 310 4.80 13.31 42.73
N LEU B 311 4.44 13.63 43.98
CA LEU B 311 5.46 13.75 45.02
C LEU B 311 6.07 12.39 45.36
N VAL B 312 5.24 11.35 45.45
CA VAL B 312 5.75 10.01 45.73
C VAL B 312 6.63 9.49 44.60
N ARG B 313 6.27 9.79 43.36
CA ARG B 313 7.10 9.38 42.19
C ARG B 313 8.43 10.14 42.23
N PHE B 314 8.41 11.43 42.59
CA PHE B 314 9.61 12.24 42.57
C PHE B 314 10.59 11.83 43.67
N PHE B 315 10.10 11.62 44.89
CA PHE B 315 11.01 11.39 46.00
C PHE B 315 11.51 9.95 46.06
N ALA B 316 11.01 9.11 45.16
CA ALA B 316 11.44 7.69 45.15
C ALA B 316 12.11 7.39 43.80
N CYS B 317 12.78 8.35 43.19
CA CYS B 317 13.34 8.08 41.83
C CYS B 317 14.87 7.95 41.93
N PRO B 318 15.46 6.89 41.35
CA PRO B 318 16.90 6.66 41.47
C PRO B 318 17.74 7.88 41.07
N SER B 319 17.37 8.55 39.97
CA SER B 319 18.16 9.69 39.53
C SER B 319 17.23 10.88 39.32
N LYS B 320 17.47 11.96 40.06
CA LYS B 320 16.64 13.18 39.93
C LYS B 320 16.98 13.89 38.62
N ALA B 321 18.17 13.64 38.06
CA ALA B 321 18.58 14.37 36.87
C ALA B 321 17.78 13.96 35.65
N THR B 322 17.20 12.76 35.68
CA THR B 322 16.38 12.23 34.60
C THR B 322 14.92 12.66 34.73
N PHE B 323 14.51 13.11 35.91
CA PHE B 323 13.10 13.37 36.18
C PHE B 323 12.61 14.61 35.43
N SER B 324 13.46 15.62 35.27
CA SER B 324 13.06 16.74 34.43
C SER B 324 13.56 16.57 33.00
N ARG B 325 13.36 15.38 32.45
CA ARG B 325 13.51 15.14 31.01
C ARG B 325 12.48 14.19 30.45
N ASN B 326 11.75 13.46 31.29
CA ASN B 326 10.65 12.64 30.82
C ASN B 326 9.51 13.54 30.40
N ILE B 327 8.82 13.16 29.33
CA ILE B 327 7.70 13.96 28.84
C ILE B 327 6.50 13.82 29.75
N MET B 328 6.34 12.64 30.36
CA MET B 328 5.16 12.37 31.16
C MET B 328 5.17 13.10 32.50
N ASN B 329 6.35 13.33 33.07
CA ASN B 329 6.41 14.11 34.30
C ASN B 329 6.12 15.60 34.04
N LEU B 330 6.55 16.10 32.88
CA LEU B 330 6.15 17.44 32.47
C LEU B 330 4.64 17.53 32.25
N ILE B 331 4.03 16.48 31.70
CA ILE B 331 2.58 16.46 31.52
C ILE B 331 1.86 16.48 32.87
N ASP B 332 2.40 15.78 33.87
CA ASP B 332 1.77 15.78 35.19
C ASP B 332 1.89 17.13 35.89
N ILE B 333 3.01 17.82 35.67
CA ILE B 333 3.19 19.15 36.25
C ILE B 333 2.22 20.15 35.61
N VAL B 334 2.10 20.13 34.28
CA VAL B 334 1.14 20.99 33.60
C VAL B 334 -0.31 20.61 33.93
N ALA B 335 -0.56 19.35 34.32
CA ALA B 335 -1.89 18.98 34.76
C ALA B 335 -2.23 19.55 36.12
N ILE B 336 -1.25 19.77 36.99
CA ILE B 336 -1.65 20.30 38.30
C ILE B 336 -1.42 21.81 38.45
N ILE B 337 -0.78 22.49 37.50
CA ILE B 337 -0.46 23.92 37.68
C ILE B 337 -1.67 24.86 37.70
N PRO B 338 -2.59 24.86 36.69
CA PRO B 338 -3.57 25.96 36.63
C PRO B 338 -4.58 26.01 37.76
N TYR B 339 -4.83 24.89 38.44
CA TYR B 339 -5.62 24.91 39.66
C TYR B 339 -4.95 25.77 40.73
N PHE B 340 -3.65 25.61 40.89
CA PHE B 340 -2.94 26.33 41.94
C PHE B 340 -2.78 27.79 41.59
N ILE B 341 -2.56 28.12 40.31
CA ILE B 341 -2.47 29.56 40.01
C ILE B 341 -3.85 30.23 40.05
N THR B 342 -4.94 29.50 39.76
CA THR B 342 -6.28 30.06 39.91
C THR B 342 -6.61 30.30 41.37
N LEU B 343 -6.29 29.35 42.24
CA LEU B 343 -6.51 29.53 43.68
C LEU B 343 -5.65 30.67 44.23
N GLY B 344 -4.42 30.80 43.73
CA GLY B 344 -3.54 31.86 44.20
C GLY B 344 -4.03 33.26 43.83
N THR B 345 -4.28 33.49 42.53
CA THR B 345 -4.78 34.81 42.14
C THR B 345 -6.23 35.04 42.53
N GLU B 346 -6.95 34.01 42.97
CA GLU B 346 -8.34 34.19 43.37
C GLU B 346 -8.47 34.37 44.88
N LEU B 347 -7.45 34.01 45.66
CA LEU B 347 -7.48 34.25 47.09
C LEU B 347 -6.33 35.16 47.56
N ALA B 348 -5.62 35.79 46.63
CA ALA B 348 -4.51 36.68 46.98
C ALA B 348 -5.06 38.04 47.42
N LEU B 360 -8.92 38.55 30.84
CA LEU B 360 -10.12 37.75 30.48
C LEU B 360 -9.57 36.73 29.47
N ALA B 361 -8.80 37.22 28.51
CA ALA B 361 -8.19 36.32 27.49
C ALA B 361 -7.18 35.39 28.18
N ILE B 362 -6.47 35.88 29.20
CA ILE B 362 -5.54 35.01 29.96
C ILE B 362 -6.36 33.94 30.70
N LEU B 363 -7.53 34.32 31.22
CA LEU B 363 -8.42 33.31 31.87
C LEU B 363 -8.86 32.28 30.83
N ARG B 364 -9.15 32.73 29.61
CA ARG B 364 -9.54 31.79 28.53
C ARG B 364 -8.37 30.84 28.28
N VAL B 365 -7.15 31.38 28.27
CA VAL B 365 -5.93 30.55 28.04
C VAL B 365 -5.84 29.52 29.17
N ILE B 366 -6.08 29.93 30.41
CA ILE B 366 -5.97 28.99 31.57
C ILE B 366 -7.02 27.89 31.39
N ARG B 367 -8.23 28.26 30.99
CA ARG B 367 -9.32 27.26 30.83
C ARG B 367 -8.95 26.27 29.72
N LEU B 368 -8.37 26.76 28.62
CA LEU B 368 -7.94 25.87 27.52
C LEU B 368 -6.82 24.93 28.01
N VAL B 369 -5.87 25.45 28.79
CA VAL B 369 -4.72 24.64 29.29
C VAL B 369 -5.29 23.48 30.12
N ARG B 370 -6.45 23.69 30.75
CA ARG B 370 -7.00 22.64 31.65
C ARG B 370 -7.46 21.38 30.88
N VAL B 371 -7.21 21.27 29.56
CA VAL B 371 -7.56 20.10 28.77
C VAL B 371 -6.40 19.14 28.62
N PHE B 372 -5.22 19.45 29.16
CA PHE B 372 -4.08 18.56 28.97
C PHE B 372 -4.08 17.39 29.94
N ARG B 373 -5.17 17.17 30.66
CA ARG B 373 -5.32 15.99 31.50
C ARG B 373 -5.71 14.75 30.70
N ILE B 374 -5.97 14.88 29.40
CA ILE B 374 -6.21 13.68 28.61
C ILE B 374 -4.91 12.94 28.40
N PHE B 375 -3.80 13.65 28.34
CA PHE B 375 -2.51 13.07 28.02
C PHE B 375 -1.88 12.39 29.22
N LYS B 376 -2.55 12.36 30.36
CA LYS B 376 -2.13 11.57 31.48
C LYS B 376 -2.48 10.10 31.31
N LEU B 377 -3.28 9.77 30.31
CA LEU B 377 -3.56 8.40 29.93
C LEU B 377 -2.46 7.77 29.11
N SER B 378 -1.42 8.52 28.75
CA SER B 378 -0.36 7.95 27.93
C SER B 378 0.58 7.11 28.74
N ARG B 379 0.57 7.27 30.06
CA ARG B 379 1.34 6.38 30.91
C ARG B 379 0.76 4.99 30.99
N HIS B 380 -0.56 4.86 30.87
CA HIS B 380 -1.24 3.59 30.99
C HIS B 380 -1.60 2.99 29.63
N SER B 381 -1.32 3.69 28.54
CA SER B 381 -1.68 3.23 27.22
C SER B 381 -0.42 3.17 26.37
N LYS B 382 -0.22 2.06 25.68
CA LYS B 382 0.97 1.86 24.86
C LYS B 382 0.77 2.29 23.42
N GLY B 383 -0.46 2.29 22.93
CA GLY B 383 -0.76 2.82 21.61
C GLY B 383 -0.58 4.31 21.53
N LEU B 384 -0.83 5.02 22.64
CA LEU B 384 -0.63 6.46 22.66
C LEU B 384 0.85 6.84 22.69
N GLN B 385 1.68 6.03 23.32
CA GLN B 385 3.12 6.27 23.29
C GLN B 385 3.72 6.02 21.91
N ILE B 386 3.23 5.00 21.20
CA ILE B 386 3.60 4.77 19.81
C ILE B 386 3.10 5.89 18.91
N LEU B 387 1.94 6.46 19.21
CA LEU B 387 1.46 7.61 18.44
C LEU B 387 2.33 8.84 18.64
N GLY B 388 2.81 9.08 19.86
CA GLY B 388 3.72 10.17 20.09
C GLY B 388 5.08 9.99 19.41
N GLN B 389 5.60 8.76 19.41
CA GLN B 389 6.85 8.49 18.69
C GLN B 389 6.69 8.67 17.19
N THR B 390 5.57 8.22 16.63
CA THR B 390 5.23 8.43 15.22
C THR B 390 5.15 9.90 14.86
N LEU B 391 4.49 10.70 15.70
CA LEU B 391 4.32 12.10 15.39
C LEU B 391 5.60 12.89 15.55
N LYS B 392 6.52 12.41 16.39
CA LYS B 392 7.83 13.12 16.51
C LYS B 392 8.67 12.78 15.28
N ALA B 393 8.65 11.52 14.85
CA ALA B 393 9.48 11.11 13.73
C ALA B 393 9.02 11.67 12.39
N SER B 394 7.84 12.28 12.32
CA SER B 394 7.21 12.65 11.06
C SER B 394 6.87 14.11 11.01
N MET B 395 7.77 14.99 11.45
CA MET B 395 7.45 16.40 11.53
C MET B 395 7.62 17.13 10.21
N ARG B 396 8.47 16.64 9.30
CA ARG B 396 8.61 17.25 7.99
C ARG B 396 7.40 16.95 7.11
N GLU B 397 6.83 15.76 7.24
CA GLU B 397 5.67 15.37 6.45
C GLU B 397 4.39 16.08 6.89
N LEU B 398 4.26 16.40 8.18
CA LEU B 398 3.12 17.19 8.63
C LEU B 398 3.21 18.63 8.15
N GLY B 399 4.41 19.21 8.14
CA GLY B 399 4.59 20.52 7.57
C GLY B 399 4.33 20.58 6.08
N LEU B 400 4.70 19.54 5.35
CA LEU B 400 4.38 19.47 3.92
C LEU B 400 2.88 19.33 3.68
N LEU B 401 2.18 18.57 4.51
CA LEU B 401 0.72 18.44 4.39
C LEU B 401 0.02 19.79 4.57
N ILE B 402 0.42 20.54 5.60
CA ILE B 402 -0.20 21.83 5.86
C ILE B 402 0.17 22.86 4.78
N PHE B 403 1.40 22.79 4.26
CA PHE B 403 1.83 23.70 3.21
C PHE B 403 1.11 23.45 1.87
N PHE B 404 0.96 22.18 1.48
CA PHE B 404 0.24 21.84 0.26
C PHE B 404 -1.23 22.23 0.34
N LEU B 405 -1.85 22.07 1.52
CA LEU B 405 -3.24 22.48 1.69
C LEU B 405 -3.40 24.00 1.63
N PHE B 406 -2.40 24.73 2.14
CA PHE B 406 -2.44 26.21 2.07
C PHE B 406 -2.39 26.65 0.60
N ILE B 407 -1.43 26.12 -0.16
CA ILE B 407 -1.27 26.48 -1.57
C ILE B 407 -2.55 26.22 -2.35
N GLY B 408 -3.16 25.05 -2.12
CA GLY B 408 -4.41 24.72 -2.80
C GLY B 408 -5.59 25.59 -2.40
N VAL B 409 -5.66 26.00 -1.14
CA VAL B 409 -6.77 26.85 -0.68
C VAL B 409 -6.69 28.23 -1.30
N ILE B 410 -5.50 28.83 -1.38
CA ILE B 410 -5.35 30.15 -2.01
C ILE B 410 -5.67 30.08 -3.49
N LEU B 411 -5.22 29.02 -4.16
CA LEU B 411 -5.42 28.85 -5.60
C LEU B 411 -6.88 28.66 -5.96
N PHE B 412 -7.57 27.76 -5.29
CA PHE B 412 -8.95 27.48 -5.68
C PHE B 412 -9.93 28.52 -5.16
N SER B 413 -9.63 29.21 -4.06
CA SER B 413 -10.43 30.36 -3.67
C SER B 413 -10.36 31.50 -4.66
N SER B 414 -9.16 31.83 -5.15
CA SER B 414 -9.00 32.82 -6.19
C SER B 414 -9.76 32.46 -7.45
N ALA B 415 -9.66 31.20 -7.87
CA ALA B 415 -10.33 30.77 -9.10
C ALA B 415 -11.85 30.80 -8.99
N VAL B 416 -12.43 30.33 -7.89
CA VAL B 416 -13.92 30.24 -7.82
C VAL B 416 -14.55 31.64 -7.78
N TYR B 417 -13.96 32.59 -7.07
CA TYR B 417 -14.58 33.93 -6.91
C TYR B 417 -14.71 34.63 -8.26
N PHE B 418 -13.68 34.54 -9.11
CA PHE B 418 -13.70 35.27 -10.40
C PHE B 418 -14.84 34.74 -11.29
N ALA B 419 -15.04 33.43 -11.32
CA ALA B 419 -16.14 32.83 -12.12
C ALA B 419 -17.50 33.28 -11.59
N GLU B 420 -17.67 33.36 -10.27
CA GLU B 420 -18.99 33.68 -9.66
C GLU B 420 -19.19 35.19 -9.49
N ALA B 421 -18.20 36.01 -9.85
CA ALA B 421 -18.31 37.46 -9.62
C ALA B 421 -19.37 38.07 -10.56
N ASP B 422 -19.63 37.41 -11.69
CA ASP B 422 -20.57 38.00 -12.69
C ASP B 422 -22.01 37.55 -12.41
N ASP B 423 -22.22 36.72 -11.39
CA ASP B 423 -23.59 36.26 -11.04
C ASP B 423 -24.01 36.90 -9.71
N PRO B 424 -25.16 37.61 -9.66
CA PRO B 424 -25.66 38.21 -8.43
C PRO B 424 -26.02 37.13 -7.39
N THR B 425 -26.58 36.02 -7.85
CA THR B 425 -27.03 34.93 -6.94
C THR B 425 -25.84 34.33 -6.18
N SER B 426 -24.62 34.44 -6.74
CA SER B 426 -23.43 33.79 -6.12
C SER B 426 -23.19 34.30 -4.70
N GLY B 427 -22.77 33.42 -3.79
CA GLY B 427 -22.53 33.79 -2.39
C GLY B 427 -21.12 34.29 -2.14
N PHE B 428 -20.13 33.75 -2.87
CA PHE B 428 -18.73 34.23 -2.73
C PHE B 428 -18.68 35.74 -3.00
N SER B 429 -18.08 36.51 -2.07
CA SER B 429 -18.01 37.98 -2.22
C SER B 429 -16.54 38.45 -2.17
N SER B 430 -15.65 37.65 -1.59
CA SER B 430 -14.24 37.97 -1.55
C SER B 430 -13.48 36.70 -1.87
N ILE B 431 -12.16 36.81 -1.95
CA ILE B 431 -11.30 35.62 -1.93
C ILE B 431 -11.17 35.14 -0.49
N PRO B 432 -10.94 35.96 0.57
CA PRO B 432 -10.97 35.45 1.95
C PRO B 432 -12.25 34.61 2.17
N ASP B 433 -13.35 34.96 1.49
CA ASP B 433 -14.66 34.28 1.70
C ASP B 433 -14.64 32.79 1.31
N ALA B 434 -14.02 32.44 0.19
CA ALA B 434 -14.08 31.04 -0.29
C ALA B 434 -13.03 30.15 0.37
N PHE B 435 -12.33 30.65 1.38
CA PHE B 435 -11.29 29.86 2.04
C PHE B 435 -11.88 28.64 2.72
N TRP B 436 -13.01 28.84 3.40
CA TRP B 436 -13.73 27.72 4.07
C TRP B 436 -14.25 26.75 3.02
N TRP B 437 -14.88 27.29 1.96
CA TRP B 437 -15.47 26.41 0.91
C TRP B 437 -14.36 25.54 0.34
N ALA B 438 -13.15 26.04 0.18
CA ALA B 438 -12.10 25.24 -0.48
C ALA B 438 -11.52 24.24 0.53
N VAL B 439 -11.45 24.59 1.82
CA VAL B 439 -10.98 23.63 2.83
C VAL B 439 -11.91 22.42 2.90
N VAL B 440 -13.21 22.65 3.05
CA VAL B 440 -14.14 21.51 3.15
C VAL B 440 -14.37 20.79 1.84
N THR B 441 -14.07 21.38 0.69
CA THR B 441 -14.17 20.65 -0.57
C THR B 441 -12.93 19.81 -0.84
N MET B 442 -11.74 20.32 -0.47
CA MET B 442 -10.51 19.58 -0.68
C MET B 442 -10.38 18.41 0.27
N THR B 443 -10.90 18.49 1.48
CA THR B 443 -10.82 17.42 2.51
C THR B 443 -11.96 16.44 2.37
N THR B 444 -13.04 16.78 1.65
CA THR B 444 -14.24 15.94 1.36
C THR B 444 -15.23 15.96 2.50
N VAL B 445 -15.07 16.77 3.51
CA VAL B 445 -16.10 16.88 4.59
C VAL B 445 -17.28 17.41 3.80
N GLY B 446 -17.00 18.32 2.88
CA GLY B 446 -18.00 18.81 1.95
C GLY B 446 -19.19 19.40 2.56
N TYR B 447 -19.01 20.23 3.59
CA TYR B 447 -20.14 20.97 4.21
C TYR B 447 -20.73 21.84 3.12
N GLY B 448 -19.89 22.71 2.57
CA GLY B 448 -20.33 23.68 1.56
C GLY B 448 -20.67 24.99 2.23
N ASP B 449 -19.73 25.94 2.25
CA ASP B 449 -20.06 27.28 2.80
C ASP B 449 -21.13 27.84 1.88
N MET B 450 -20.94 27.69 0.57
CA MET B 450 -21.95 28.13 -0.43
C MET B 450 -21.92 27.10 -1.56
N HIS B 451 -22.98 27.07 -2.37
CA HIS B 451 -23.05 26.13 -3.52
C HIS B 451 -22.76 26.92 -4.81
N PRO B 452 -21.78 26.54 -5.68
CA PRO B 452 -21.46 27.35 -6.85
C PRO B 452 -22.72 27.48 -7.72
N VAL B 453 -22.95 28.66 -8.32
CA VAL B 453 -24.21 28.89 -9.09
C VAL B 453 -23.92 28.98 -10.59
N THR B 454 -22.66 29.05 -11.00
CA THR B 454 -22.40 29.25 -12.46
C THR B 454 -21.75 27.99 -13.05
N ILE B 455 -21.40 28.00 -14.34
CA ILE B 455 -20.83 26.81 -14.97
C ILE B 455 -19.32 26.74 -14.76
N GLY B 456 -18.63 27.88 -14.87
CA GLY B 456 -17.22 27.92 -14.57
C GLY B 456 -16.91 27.64 -13.12
N GLY B 457 -17.86 28.01 -12.24
CA GLY B 457 -17.70 27.76 -10.79
C GLY B 457 -17.85 26.29 -10.46
N LYS B 458 -18.61 25.55 -11.27
CA LYS B 458 -18.76 24.12 -11.06
C LYS B 458 -17.65 23.32 -11.71
N ILE B 459 -17.03 23.84 -12.77
CA ILE B 459 -15.81 23.23 -13.28
C ILE B 459 -14.64 23.40 -12.31
N VAL B 460 -14.52 24.59 -11.70
CA VAL B 460 -13.51 24.82 -10.68
C VAL B 460 -13.76 23.96 -9.44
N GLY B 461 -15.02 23.79 -9.03
CA GLY B 461 -15.33 22.93 -7.91
C GLY B 461 -15.02 21.46 -8.13
N SER B 462 -15.22 20.97 -9.36
CA SER B 462 -14.83 19.60 -9.72
C SER B 462 -13.32 19.40 -9.60
N LEU B 463 -12.54 20.37 -10.09
CA LEU B 463 -11.09 20.27 -9.97
C LEU B 463 -10.61 20.38 -8.52
N CYS B 464 -11.27 21.19 -7.69
CA CYS B 464 -10.94 21.29 -6.26
C CYS B 464 -11.14 19.97 -5.54
N ALA B 465 -12.25 19.30 -5.83
CA ALA B 465 -12.55 18.02 -5.21
C ALA B 465 -11.56 16.94 -5.60
N ILE B 466 -11.03 16.97 -6.83
CA ILE B 466 -10.00 15.99 -7.23
C ILE B 466 -8.64 16.33 -6.61
N ALA B 467 -8.26 17.61 -6.69
CA ALA B 467 -6.95 18.06 -6.25
C ALA B 467 -6.72 17.89 -4.78
N GLY B 468 -7.77 17.94 -3.96
CA GLY B 468 -7.58 17.70 -2.54
C GLY B 468 -7.21 16.26 -2.22
N VAL B 469 -7.87 15.31 -2.89
CA VAL B 469 -7.53 13.89 -2.76
C VAL B 469 -6.08 13.64 -3.16
N LEU B 470 -5.65 14.24 -4.26
CA LEU B 470 -4.26 14.08 -4.69
C LEU B 470 -3.27 14.68 -3.70
N THR B 471 -3.45 15.95 -3.33
CA THR B 471 -2.66 16.67 -2.33
C THR B 471 -2.56 15.97 -0.99
N ILE B 472 -3.66 15.48 -0.43
CA ILE B 472 -3.64 14.84 0.88
C ILE B 472 -3.01 13.46 0.81
N ALA B 473 -3.29 12.69 -0.25
CA ALA B 473 -2.79 11.33 -0.35
C ALA B 473 -1.28 11.20 -0.51
N LEU B 474 -0.54 12.27 -0.74
CA LEU B 474 0.89 12.14 -1.04
C LEU B 474 1.79 12.00 0.19
N PRO B 475 1.75 12.84 1.24
CA PRO B 475 2.67 12.63 2.36
C PRO B 475 2.20 11.67 3.45
N VAL B 476 1.04 11.03 3.31
CA VAL B 476 0.44 10.16 4.32
C VAL B 476 1.02 8.74 4.36
N PRO B 477 1.36 8.07 3.24
CA PRO B 477 2.08 6.79 3.37
C PRO B 477 3.40 6.81 4.13
N VAL B 478 4.10 7.94 4.21
CA VAL B 478 5.31 7.99 5.01
C VAL B 478 4.99 7.97 6.50
N ILE B 479 3.92 8.65 6.90
CA ILE B 479 3.49 8.63 8.29
C ILE B 479 2.95 7.26 8.68
N VAL B 480 2.24 6.57 7.78
CA VAL B 480 1.79 5.24 8.17
C VAL B 480 2.92 4.21 8.14
N SER B 481 4.00 4.45 7.39
CA SER B 481 5.15 3.56 7.49
C SER B 481 5.89 3.76 8.79
N ASN B 482 6.02 5.01 9.25
CA ASN B 482 6.57 5.27 10.59
C ASN B 482 5.73 4.61 11.68
N PHE B 483 4.40 4.64 11.55
CA PHE B 483 3.55 3.97 12.54
C PHE B 483 3.77 2.47 12.55
N ASN B 484 3.79 1.84 11.37
CA ASN B 484 3.98 0.40 11.28
C ASN B 484 5.32 -0.03 11.84
N TYR B 485 6.37 0.77 11.60
CA TYR B 485 7.69 0.52 12.16
C TYR B 485 7.67 0.53 13.68
N PHE B 486 7.25 1.66 14.29
CA PHE B 486 7.25 1.75 15.76
C PHE B 486 6.26 0.80 16.42
N TYR B 487 5.25 0.35 15.70
CA TYR B 487 4.21 -0.49 16.28
C TYR B 487 4.62 -1.96 16.27
N HIS B 488 5.15 -2.45 15.15
CA HIS B 488 5.64 -3.82 15.10
C HIS B 488 7.05 -3.96 15.66
N ARG B 489 7.62 -2.85 16.15
CA ARG B 489 8.94 -2.93 16.84
C ARG B 489 8.75 -3.68 18.16
N GLU B 490 7.52 -3.69 18.69
CA GLU B 490 7.26 -4.29 19.99
C GLU B 490 7.50 -5.78 19.99
N THR B 491 7.11 -6.45 18.91
CA THR B 491 7.32 -7.92 18.79
C THR B 491 8.83 -8.19 18.65
N GLY C 103 47.23 -18.63 -26.42
CA GLY C 103 46.16 -18.70 -25.40
C GLY C 103 46.46 -19.75 -24.36
N GLU C 104 46.91 -19.33 -23.17
CA GLU C 104 47.24 -20.29 -22.08
C GLU C 104 46.30 -20.04 -20.90
N ARG C 105 45.70 -21.12 -20.36
CA ARG C 105 44.78 -20.97 -19.21
C ARG C 105 45.57 -20.42 -18.01
N VAL C 106 45.01 -19.43 -17.31
CA VAL C 106 45.68 -18.85 -16.10
C VAL C 106 44.79 -19.12 -14.89
N VAL C 107 45.37 -19.59 -13.78
CA VAL C 107 44.56 -19.96 -12.58
C VAL C 107 44.62 -18.84 -11.53
N ILE C 108 43.47 -18.35 -11.07
CA ILE C 108 43.41 -17.31 -10.00
C ILE C 108 42.70 -17.93 -8.80
N ASN C 109 43.30 -17.82 -7.61
CA ASN C 109 42.65 -18.35 -6.38
C ASN C 109 42.12 -17.17 -5.56
N ILE C 110 40.81 -17.10 -5.34
CA ILE C 110 40.29 -16.02 -4.45
C ILE C 110 40.02 -16.62 -3.07
N SER C 111 41.07 -16.75 -2.25
CA SER C 111 40.92 -17.30 -0.87
C SER C 111 40.33 -18.71 -0.88
N GLY C 112 40.69 -19.54 -1.86
CA GLY C 112 40.21 -20.94 -1.86
C GLY C 112 39.34 -21.22 -3.06
N LEU C 113 38.57 -20.21 -3.50
CA LEU C 113 37.63 -20.38 -4.59
C LEU C 113 38.37 -20.13 -5.90
N ARG C 114 38.71 -21.23 -6.59
CA ARG C 114 39.56 -21.15 -7.80
C ARG C 114 38.79 -20.76 -9.08
N PHE C 115 39.37 -19.86 -9.87
CA PHE C 115 38.75 -19.44 -11.15
C PHE C 115 39.79 -19.65 -12.27
N GLU C 116 39.39 -20.23 -13.40
CA GLU C 116 40.33 -20.50 -14.53
C GLU C 116 39.85 -19.74 -15.77
N THR C 117 40.73 -18.97 -16.42
CA THR C 117 40.35 -18.27 -17.68
C THR C 117 41.53 -18.28 -18.65
N GLN C 118 41.29 -18.11 -19.95
CA GLN C 118 42.38 -18.03 -20.97
C GLN C 118 43.07 -16.66 -20.91
N LEU C 119 44.31 -16.57 -21.40
CA LEU C 119 45.09 -15.30 -21.34
C LEU C 119 44.41 -14.19 -22.18
N LYS C 120 43.81 -14.55 -23.31
CA LYS C 120 43.22 -13.53 -24.23
C LYS C 120 42.14 -12.74 -23.50
N THR C 121 41.35 -13.39 -22.65
CA THR C 121 40.21 -12.69 -22.00
C THR C 121 40.76 -11.55 -21.12
N LEU C 122 41.84 -11.80 -20.38
CA LEU C 122 42.44 -10.75 -19.50
C LEU C 122 42.98 -9.60 -20.36
N CYS C 123 43.55 -9.91 -21.52
CA CYS C 123 44.20 -8.87 -22.38
C CYS C 123 43.22 -7.78 -22.84
N GLN C 124 42.00 -8.18 -23.22
CA GLN C 124 41.00 -7.23 -23.77
C GLN C 124 41.07 -5.89 -23.04
N PHE C 125 41.15 -5.92 -21.71
CA PHE C 125 41.31 -4.64 -20.96
C PHE C 125 42.72 -4.61 -20.38
N PRO C 126 43.58 -3.65 -20.80
CA PRO C 126 44.93 -3.55 -20.24
C PRO C 126 45.04 -2.72 -18.95
N GLU C 127 44.16 -1.73 -18.77
CA GLU C 127 44.25 -0.83 -17.58
C GLU C 127 44.02 -1.60 -16.28
N THR C 128 43.41 -2.78 -16.34
CA THR C 128 43.07 -3.53 -15.11
C THR C 128 44.34 -4.14 -14.49
N LEU C 129 44.29 -4.48 -13.20
CA LEU C 129 45.46 -5.07 -12.50
C LEU C 129 45.84 -6.36 -13.22
N LEU C 130 44.85 -7.14 -13.64
CA LEU C 130 45.09 -8.39 -14.41
C LEU C 130 45.57 -8.06 -15.83
N GLY C 131 45.09 -6.96 -16.42
CA GLY C 131 45.45 -6.61 -17.80
C GLY C 131 46.94 -6.35 -18.03
N ASP C 132 47.62 -5.62 -17.13
CA ASP C 132 49.05 -5.27 -17.37
C ASP C 132 49.94 -6.40 -16.85
N PRO C 133 50.98 -6.89 -17.57
CA PRO C 133 51.71 -8.07 -17.10
C PRO C 133 52.70 -7.82 -15.98
N LYS C 134 52.79 -6.60 -15.44
CA LYS C 134 53.71 -6.33 -14.36
C LYS C 134 53.06 -5.93 -13.05
N ARG C 135 51.80 -5.48 -13.10
CA ARG C 135 51.07 -5.20 -11.82
C ARG C 135 50.56 -6.52 -11.24
N ARG C 136 50.00 -7.41 -12.06
CA ARG C 136 49.53 -8.74 -11.59
C ARG C 136 50.69 -9.71 -11.38
N MET C 137 51.87 -9.42 -11.93
CA MET C 137 53.00 -10.38 -11.84
C MET C 137 53.34 -10.65 -10.37
N ARG C 138 53.28 -9.62 -9.53
CA ARG C 138 53.61 -9.77 -8.08
C ARG C 138 52.63 -10.76 -7.43
N TYR C 139 51.34 -10.69 -7.76
CA TYR C 139 50.33 -11.57 -7.10
C TYR C 139 50.54 -13.04 -7.49
N PHE C 140 51.23 -13.28 -8.60
CA PHE C 140 51.51 -14.67 -9.07
C PHE C 140 52.41 -15.45 -8.10
N ASP C 141 52.16 -16.76 -7.94
CA ASP C 141 53.03 -17.62 -7.10
C ASP C 141 53.64 -18.68 -8.01
N PRO C 142 54.98 -18.79 -8.10
CA PRO C 142 55.62 -19.74 -9.02
C PRO C 142 55.40 -21.24 -8.77
N LEU C 143 55.43 -21.67 -7.51
CA LEU C 143 55.34 -23.13 -7.22
C LEU C 143 54.02 -23.72 -7.70
N ARG C 144 52.89 -23.04 -7.44
CA ARG C 144 51.56 -23.62 -7.80
C ARG C 144 51.09 -23.08 -9.15
N ASN C 145 51.85 -22.17 -9.75
CA ASN C 145 51.42 -21.54 -11.04
C ASN C 145 50.04 -20.91 -10.85
N GLU C 146 49.80 -20.26 -9.70
CA GLU C 146 48.48 -19.65 -9.42
C GLU C 146 48.68 -18.25 -8.83
N TYR C 147 47.66 -17.40 -8.96
CA TYR C 147 47.71 -16.03 -8.39
C TYR C 147 46.90 -16.09 -7.09
N PHE C 148 47.37 -15.53 -5.98
CA PHE C 148 46.52 -15.64 -4.78
C PHE C 148 46.05 -14.26 -4.33
N PHE C 149 44.75 -14.11 -4.13
CA PHE C 149 44.16 -12.82 -3.67
C PHE C 149 43.31 -13.13 -2.44
N ASP C 150 43.64 -12.56 -1.28
CA ASP C 150 42.77 -12.77 -0.09
C ASP C 150 41.63 -11.75 -0.17
N ARG C 151 40.74 -11.87 -1.14
CA ARG C 151 39.63 -10.90 -1.34
C ARG C 151 38.28 -11.60 -1.16
N ASN C 152 37.15 -10.93 -1.49
CA ASN C 152 35.85 -11.58 -1.21
C ASN C 152 35.48 -12.48 -2.40
N ARG C 153 35.14 -13.74 -2.13
CA ARG C 153 34.86 -14.73 -3.20
C ARG C 153 33.64 -14.36 -4.07
N PRO C 154 32.48 -13.93 -3.54
CA PRO C 154 31.33 -13.64 -4.41
C PRO C 154 31.65 -12.51 -5.39
N SER C 155 32.39 -11.50 -4.94
CA SER C 155 32.67 -10.33 -5.79
C SER C 155 33.46 -10.75 -7.05
N PHE C 156 34.43 -11.65 -6.91
CA PHE C 156 35.29 -11.97 -8.07
C PHE C 156 34.47 -12.56 -9.22
N ASP C 157 33.44 -13.35 -8.91
CA ASP C 157 32.70 -13.99 -10.03
C ASP C 157 32.12 -12.88 -10.92
N ALA C 158 31.58 -11.82 -10.31
CA ALA C 158 31.08 -10.67 -11.10
C ALA C 158 32.22 -10.00 -11.85
N ILE C 159 33.38 -9.84 -11.20
CA ILE C 159 34.53 -9.13 -11.84
C ILE C 159 34.97 -9.92 -13.08
N LEU C 160 35.03 -11.25 -12.98
CA LEU C 160 35.50 -12.09 -14.12
C LEU C 160 34.54 -11.91 -15.29
N TYR C 161 33.23 -11.83 -15.03
CA TYR C 161 32.28 -11.77 -16.17
C TYR C 161 32.45 -10.43 -16.91
N TYR C 162 33.02 -9.43 -16.24
CA TYR C 162 33.26 -8.12 -16.92
C TYR C 162 34.20 -8.32 -18.11
N TYR C 163 35.29 -9.07 -17.94
CA TYR C 163 36.21 -9.36 -19.07
C TYR C 163 35.51 -10.23 -20.11
N GLN C 164 34.78 -11.25 -19.66
CA GLN C 164 34.11 -12.20 -20.60
C GLN C 164 33.04 -11.47 -21.42
N SER C 165 32.31 -10.54 -20.81
CA SER C 165 31.19 -9.85 -21.49
C SER C 165 31.66 -8.60 -22.23
N GLY C 166 32.97 -8.32 -22.21
CA GLY C 166 33.48 -7.10 -22.85
C GLY C 166 32.92 -5.82 -22.22
N GLY C 167 32.80 -5.76 -20.89
CA GLY C 167 32.40 -4.49 -20.27
C GLY C 167 31.10 -4.50 -19.49
N ARG C 168 30.33 -5.60 -19.50
CA ARG C 168 29.10 -5.60 -18.67
C ARG C 168 29.50 -5.69 -17.20
N ILE C 169 28.91 -4.86 -16.33
CA ILE C 169 29.21 -4.91 -14.87
C ILE C 169 27.91 -5.02 -14.08
N ARG C 170 27.79 -6.03 -13.21
CA ARG C 170 26.58 -6.14 -12.35
C ARG C 170 27.01 -6.43 -10.91
N ARG C 171 26.15 -6.15 -9.92
CA ARG C 171 26.47 -6.46 -8.51
C ARG C 171 25.61 -7.65 -8.07
N PRO C 172 26.19 -8.75 -7.51
CA PRO C 172 25.35 -9.88 -7.15
C PRO C 172 24.36 -9.50 -6.03
N VAL C 173 23.11 -9.94 -6.13
CA VAL C 173 22.05 -9.54 -5.21
C VAL C 173 22.44 -9.84 -3.77
N ASN C 174 23.46 -10.68 -3.55
CA ASN C 174 23.91 -11.04 -2.22
C ASN C 174 25.17 -10.29 -1.78
N VAL C 175 25.53 -9.19 -2.43
CA VAL C 175 26.73 -8.42 -2.09
C VAL C 175 26.31 -6.98 -1.83
N PRO C 176 26.62 -6.37 -0.65
CA PRO C 176 26.32 -4.94 -0.43
C PRO C 176 27.01 -4.03 -1.45
N ILE C 177 26.43 -2.88 -1.75
CA ILE C 177 26.98 -1.97 -2.80
C ILE C 177 28.38 -1.52 -2.38
N ASP C 178 28.58 -1.17 -1.12
CA ASP C 178 29.90 -0.63 -0.68
C ASP C 178 31.00 -1.69 -0.86
N ILE C 179 30.72 -2.95 -0.48
CA ILE C 179 31.76 -4.01 -0.56
C ILE C 179 32.13 -4.20 -2.02
N PHE C 180 31.13 -4.24 -2.90
CA PHE C 180 31.39 -4.43 -4.35
C PHE C 180 32.19 -3.23 -4.87
N SER C 181 31.83 -2.03 -4.42
CA SER C 181 32.52 -0.80 -4.90
C SER C 181 33.99 -0.87 -4.50
N GLU C 182 34.32 -1.37 -3.30
CA GLU C 182 35.76 -1.33 -2.93
C GLU C 182 36.51 -2.41 -3.69
N GLU C 183 35.85 -3.54 -3.98
CA GLU C 183 36.48 -4.60 -4.78
C GLU C 183 36.73 -4.05 -6.19
N ILE C 184 35.77 -3.32 -6.76
CA ILE C 184 35.97 -2.70 -8.11
C ILE C 184 37.19 -1.79 -8.09
N ARG C 185 37.32 -0.98 -7.04
CA ARG C 185 38.48 -0.04 -6.95
C ARG C 185 39.78 -0.85 -6.85
N PHE C 186 39.79 -1.95 -6.09
CA PHE C 186 41.01 -2.78 -5.93
C PHE C 186 41.44 -3.37 -7.27
N TYR C 187 40.49 -3.82 -8.08
CA TYR C 187 40.84 -4.47 -9.37
C TYR C 187 41.16 -3.39 -10.42
N GLN C 188 40.98 -2.11 -10.07
CA GLN C 188 41.35 -1.00 -10.98
C GLN C 188 40.63 -1.14 -12.32
N LEU C 189 39.33 -1.46 -12.29
CA LEU C 189 38.55 -1.55 -13.55
C LEU C 189 38.54 -0.18 -14.24
N GLY C 190 38.36 0.90 -13.49
CA GLY C 190 38.43 2.26 -14.09
C GLY C 190 37.25 3.13 -13.71
N GLU C 191 37.37 4.46 -13.87
CA GLU C 191 36.28 5.37 -13.57
C GLU C 191 35.13 5.18 -14.56
N GLU C 192 35.42 4.57 -15.71
CA GLU C 192 34.35 4.26 -16.71
C GLU C 192 33.52 3.05 -16.25
N ALA C 193 34.17 1.94 -15.87
CA ALA C 193 33.43 0.78 -15.35
C ALA C 193 32.69 1.18 -14.07
N MET C 194 33.34 1.97 -13.21
CA MET C 194 32.72 2.41 -11.95
C MET C 194 31.48 3.25 -12.30
N GLU C 195 31.58 4.10 -13.32
CA GLU C 195 30.44 4.94 -13.75
C GLU C 195 29.30 4.05 -14.25
N LYS C 196 29.62 2.99 -15.01
CA LYS C 196 28.57 2.06 -15.49
C LYS C 196 27.88 1.40 -14.27
N PHE C 197 28.67 0.97 -13.29
CA PHE C 197 28.10 0.35 -12.06
C PHE C 197 27.16 1.35 -11.38
N ARG C 198 27.58 2.62 -11.28
CA ARG C 198 26.78 3.66 -10.59
C ARG C 198 25.47 3.86 -11.36
N GLU C 199 25.53 3.86 -12.69
CA GLU C 199 24.31 4.01 -13.52
C GLU C 199 23.38 2.83 -13.26
N ASP C 200 23.93 1.62 -13.15
CA ASP C 200 23.10 0.42 -12.87
C ASP C 200 22.40 0.58 -11.51
N GLU C 201 23.08 1.15 -10.52
CA GLU C 201 22.49 1.38 -9.17
C GLU C 201 21.35 2.40 -9.28
N GLY C 202 21.51 3.39 -10.15
CA GLY C 202 20.44 4.40 -10.35
C GLY C 202 20.75 5.65 -9.55
N PHE C 203 21.95 6.21 -9.77
CA PHE C 203 22.35 7.48 -9.11
C PHE C 203 23.11 8.29 -10.18
N LEU C 204 22.42 8.77 -11.20
CA LEU C 204 23.09 9.47 -12.34
C LEU C 204 23.22 10.97 -12.07
N ARG C 205 22.76 11.43 -10.90
CA ARG C 205 22.75 12.89 -10.61
C ARG C 205 24.14 13.33 -10.11
N GLU C 206 25.15 13.30 -10.98
CA GLU C 206 26.52 13.73 -10.60
C GLU C 206 26.83 15.11 -11.20
N GLU C 207 25.84 15.76 -11.83
CA GLU C 207 26.08 17.06 -12.52
C GLU C 207 26.50 18.13 -11.51
N GLU C 208 27.40 19.04 -11.91
CA GLU C 208 27.85 20.12 -11.05
C GLU C 208 27.74 21.42 -11.81
N ARG C 209 26.82 22.30 -11.36
CA ARG C 209 26.49 23.49 -12.13
C ARG C 209 27.54 24.58 -11.95
N PRO C 210 27.89 25.32 -13.00
CA PRO C 210 29.12 26.13 -13.00
C PRO C 210 29.03 27.38 -12.15
N LEU C 211 29.98 28.29 -12.37
CA LEU C 211 30.00 29.58 -11.64
C LEU C 211 30.47 30.66 -12.61
N PRO C 212 30.16 31.97 -12.40
CA PRO C 212 30.68 33.03 -13.27
C PRO C 212 32.21 33.17 -13.26
N ARG C 213 32.82 33.35 -14.44
CA ARG C 213 34.30 33.48 -14.57
C ARG C 213 34.79 34.91 -14.29
N ARG C 214 34.59 35.43 -13.07
CA ARG C 214 35.11 36.76 -12.68
C ARG C 214 35.05 36.84 -11.15
N ASP C 215 35.81 37.74 -10.52
CA ASP C 215 35.69 37.93 -9.05
C ASP C 215 34.36 38.56 -8.66
N PHE C 216 33.95 39.63 -9.34
CA PHE C 216 32.71 40.34 -8.93
C PHE C 216 31.47 39.49 -9.20
N GLN C 217 31.31 39.05 -10.46
CA GLN C 217 30.10 38.28 -10.88
C GLN C 217 29.87 37.05 -10.01
N ARG C 218 30.95 36.31 -9.70
CA ARG C 218 30.78 35.05 -8.94
C ARG C 218 30.11 35.36 -7.60
N GLN C 219 30.53 36.43 -6.94
CA GLN C 219 29.95 36.80 -5.61
C GLN C 219 28.46 37.11 -5.76
N VAL C 220 28.09 37.88 -6.79
CA VAL C 220 26.66 38.28 -6.96
C VAL C 220 25.81 37.04 -7.25
N TRP C 221 26.27 36.17 -8.14
CA TRP C 221 25.53 34.92 -8.45
C TRP C 221 25.47 34.06 -7.20
N LEU C 222 26.59 33.95 -6.48
CA LEU C 222 26.64 33.06 -5.30
C LEU C 222 25.63 33.55 -4.26
N LEU C 223 25.56 34.86 -4.02
CA LEU C 223 24.66 35.34 -2.96
C LEU C 223 23.20 35.04 -3.32
N PHE C 224 22.78 35.37 -4.55
CA PHE C 224 21.36 35.16 -4.93
C PHE C 224 21.03 33.68 -5.11
N GLU C 225 21.85 32.96 -5.87
CA GLU C 225 21.60 31.52 -6.15
C GLU C 225 21.83 30.66 -4.90
N TYR C 226 22.92 30.89 -4.15
CA TYR C 226 23.27 29.99 -3.01
C TYR C 226 22.99 30.65 -1.64
N PRO C 227 21.88 30.36 -0.92
CA PRO C 227 21.63 30.94 0.41
C PRO C 227 22.40 30.28 1.53
N GLU C 228 22.98 29.10 1.31
CA GLU C 228 23.65 28.37 2.38
C GLU C 228 25.07 28.86 2.62
N SER C 229 25.53 29.84 1.85
CA SER C 229 26.91 30.29 1.94
C SER C 229 27.16 31.18 3.15
N SER C 230 26.48 32.31 3.20
CA SER C 230 26.88 33.43 4.04
C SER C 230 25.73 33.84 4.93
N GLY C 231 25.88 35.00 5.58
CA GLY C 231 24.84 35.59 6.39
C GLY C 231 23.91 36.51 5.60
N PRO C 232 24.49 37.45 4.84
CA PRO C 232 23.69 38.20 3.85
C PRO C 232 22.88 37.35 2.88
N ALA C 233 23.33 36.15 2.54
CA ALA C 233 22.54 35.27 1.68
C ALA C 233 21.25 34.82 2.38
N ARG C 234 21.34 34.45 3.66
CA ARG C 234 20.12 34.12 4.39
C ARG C 234 19.26 35.34 4.64
N GLY C 235 19.87 36.52 4.74
CA GLY C 235 19.09 37.73 4.86
C GLY C 235 18.28 38.03 3.60
N ILE C 236 18.89 37.81 2.43
CA ILE C 236 18.19 37.99 1.17
C ILE C 236 17.06 36.97 1.02
N ALA C 237 17.30 35.73 1.47
CA ALA C 237 16.27 34.69 1.41
C ALA C 237 15.06 35.02 2.29
N ILE C 238 15.30 35.47 3.53
CA ILE C 238 14.18 35.76 4.42
C ILE C 238 13.42 37.01 3.97
N VAL C 239 14.14 38.03 3.49
CA VAL C 239 13.47 39.22 2.94
C VAL C 239 12.62 38.87 1.72
N SER C 240 13.11 37.98 0.88
CA SER C 240 12.35 37.57 -0.30
C SER C 240 11.07 36.82 0.06
N VAL C 241 11.14 35.89 1.02
CA VAL C 241 9.94 35.15 1.42
C VAL C 241 8.91 36.08 2.07
N LEU C 242 9.38 37.07 2.83
CA LEU C 242 8.44 38.00 3.45
C LEU C 242 7.76 38.90 2.42
N VAL C 243 8.48 39.30 1.38
CA VAL C 243 7.88 40.17 0.37
C VAL C 243 6.84 39.39 -0.45
N ILE C 244 7.11 38.11 -0.74
CA ILE C 244 6.14 37.27 -1.44
C ILE C 244 4.87 37.08 -0.61
N LEU C 245 5.03 36.87 0.70
CA LEU C 245 3.87 36.67 1.57
C LEU C 245 3.01 37.93 1.70
N ILE C 246 3.62 39.12 1.78
CA ILE C 246 2.77 40.29 1.87
C ILE C 246 2.12 40.61 0.53
N SER C 247 2.70 40.19 -0.60
CA SER C 247 1.99 40.41 -1.87
C SER C 247 0.77 39.51 -1.99
N ILE C 248 0.83 38.29 -1.45
CA ILE C 248 -0.36 37.42 -1.41
C ILE C 248 -1.45 38.03 -0.54
N VAL C 249 -1.08 38.56 0.62
CA VAL C 249 -2.04 39.20 1.52
C VAL C 249 -2.69 40.43 0.86
N ILE C 250 -1.90 41.22 0.12
CA ILE C 250 -2.42 42.38 -0.59
C ILE C 250 -3.41 41.98 -1.69
N PHE C 251 -3.15 40.89 -2.40
CA PHE C 251 -4.07 40.37 -3.41
C PHE C 251 -5.47 40.05 -2.84
N CYS C 252 -5.50 39.28 -1.75
CA CYS C 252 -6.79 38.93 -1.15
C CYS C 252 -7.48 40.11 -0.47
N LEU C 253 -6.72 40.96 0.23
CA LEU C 253 -7.33 42.14 0.84
C LEU C 253 -7.82 43.16 -0.17
N GLU C 254 -7.18 43.24 -1.34
CA GLU C 254 -7.71 44.03 -2.46
C GLU C 254 -9.11 43.58 -2.80
N THR C 255 -9.33 42.28 -2.85
CA THR C 255 -10.66 41.88 -3.32
C THR C 255 -11.75 41.86 -2.25
N LEU C 256 -11.42 42.10 -0.95
CA LEU C 256 -12.48 42.34 0.07
C LEU C 256 -13.48 43.45 -0.30
N PRO C 257 -14.73 43.44 0.18
CA PRO C 257 -15.70 44.45 -0.26
C PRO C 257 -15.81 45.69 0.61
N GLU C 258 -15.22 45.69 1.80
CA GLU C 258 -15.17 46.88 2.63
C GLU C 258 -14.28 47.96 2.03
N PHE C 259 -13.26 47.57 1.26
CA PHE C 259 -12.34 48.52 0.65
C PHE C 259 -12.82 49.00 -0.71
N ARG C 260 -13.36 48.11 -1.53
CA ARG C 260 -13.67 48.42 -2.92
C ARG C 260 -14.99 49.14 -3.10
N ASP C 293 -3.75 55.81 -2.35
CA ASP C 293 -4.18 54.46 -2.00
C ASP C 293 -3.02 53.71 -1.37
N PRO C 294 -3.18 53.12 -0.18
CA PRO C 294 -2.10 52.30 0.38
C PRO C 294 -1.83 51.02 -0.39
N PHE C 295 -2.84 50.44 -1.04
CA PHE C 295 -2.68 49.17 -1.72
C PHE C 295 -1.78 49.30 -2.95
N PHE C 296 -1.92 50.40 -3.68
CA PHE C 296 -1.07 50.64 -4.84
C PHE C 296 0.37 50.90 -4.43
N VAL C 297 0.59 51.52 -3.27
CA VAL C 297 1.95 51.77 -2.80
C VAL C 297 2.62 50.47 -2.36
N VAL C 298 1.91 49.62 -1.62
CA VAL C 298 2.48 48.34 -1.20
C VAL C 298 2.72 47.44 -2.42
N GLU C 299 1.80 47.45 -3.38
CA GLU C 299 1.97 46.62 -4.57
C GLU C 299 3.11 47.10 -5.43
N THR C 300 3.30 48.42 -5.56
CA THR C 300 4.41 48.90 -6.35
C THR C 300 5.75 48.71 -5.64
N LEU C 301 5.79 48.68 -4.30
CA LEU C 301 7.04 48.33 -3.63
C LEU C 301 7.39 46.86 -3.84
N CYS C 302 6.38 45.98 -3.81
CA CYS C 302 6.63 44.57 -4.07
C CYS C 302 7.11 44.34 -5.50
N ILE C 303 6.56 45.07 -6.46
CA ILE C 303 6.98 44.93 -7.85
C ILE C 303 8.39 45.47 -8.06
N ILE C 304 8.77 46.55 -7.36
CA ILE C 304 10.14 47.05 -7.42
C ILE C 304 11.12 46.00 -6.90
N TRP C 305 10.80 45.33 -5.80
CA TRP C 305 11.72 44.30 -5.29
C TRP C 305 11.83 43.09 -6.23
N PHE C 306 10.70 42.68 -6.82
CA PHE C 306 10.73 41.54 -7.75
C PHE C 306 11.56 41.85 -8.98
N SER C 307 11.38 43.04 -9.57
CA SER C 307 12.14 43.41 -10.76
C SER C 307 13.61 43.63 -10.45
N PHE C 308 13.92 44.11 -9.25
CA PHE C 308 15.31 44.32 -8.85
C PHE C 308 16.05 43.00 -8.75
N GLU C 309 15.47 42.01 -8.07
CA GLU C 309 16.21 40.76 -7.94
C GLU C 309 16.20 39.97 -9.24
N LEU C 310 15.21 40.20 -10.11
CA LEU C 310 15.27 39.54 -11.41
C LEU C 310 16.38 40.11 -12.27
N LEU C 311 16.60 41.43 -12.24
CA LEU C 311 17.68 42.01 -13.01
C LEU C 311 19.05 41.61 -12.46
N VAL C 312 19.19 41.61 -11.14
CA VAL C 312 20.45 41.20 -10.52
C VAL C 312 20.76 39.73 -10.78
N ARG C 313 19.72 38.89 -10.77
CA ARG C 313 19.91 37.43 -11.06
C ARG C 313 20.31 37.27 -12.54
N PHE C 314 19.71 38.05 -13.43
CA PHE C 314 19.97 37.90 -14.86
C PHE C 314 21.37 38.37 -15.23
N PHE C 315 21.80 39.51 -14.71
CA PHE C 315 23.07 40.09 -15.17
C PHE C 315 24.27 39.45 -14.48
N ALA C 316 24.01 38.55 -13.54
CA ALA C 316 25.11 37.87 -12.83
C ALA C 316 25.05 36.37 -13.09
N CYS C 317 24.58 35.95 -14.25
CA CYS C 317 24.43 34.48 -14.47
C CYS C 317 25.51 33.99 -15.43
N PRO C 318 26.23 32.90 -15.10
CA PRO C 318 27.34 32.41 -15.94
C PRO C 318 26.92 32.22 -17.40
N SER C 319 25.75 31.63 -17.64
CA SER C 319 25.34 31.37 -19.02
C SER C 319 23.94 31.94 -19.23
N LYS C 320 23.82 32.88 -20.16
CA LYS C 320 22.50 33.50 -20.46
C LYS C 320 21.64 32.49 -21.23
N ALA C 321 22.25 31.50 -21.88
CA ALA C 321 21.49 30.59 -22.71
C ALA C 321 20.61 29.66 -21.88
N THR C 322 20.98 29.47 -20.62
CA THR C 322 20.25 28.62 -19.68
C THR C 322 19.14 29.40 -18.98
N PHE C 323 19.21 30.73 -18.99
CA PHE C 323 18.30 31.55 -18.20
C PHE C 323 16.88 31.51 -18.75
N SER C 324 16.73 31.43 -20.06
CA SER C 324 15.39 31.25 -20.62
C SER C 324 15.08 29.78 -20.86
N ARG C 325 15.40 28.94 -19.87
CA ARG C 325 14.91 27.56 -19.83
C ARG C 325 14.56 27.09 -18.44
N ASN C 326 14.96 27.81 -17.40
CA ASN C 326 14.52 27.50 -16.05
C ASN C 326 13.05 27.86 -15.91
N ILE C 327 12.31 27.03 -15.17
CA ILE C 327 10.89 27.28 -14.99
C ILE C 327 10.68 28.44 -14.02
N MET C 328 11.58 28.62 -13.06
CA MET C 328 11.40 29.62 -12.02
C MET C 328 11.64 31.04 -12.55
N ASN C 329 12.53 31.20 -13.52
CA ASN C 329 12.71 32.53 -14.11
C ASN C 329 11.52 32.92 -14.97
N LEU C 330 10.90 31.96 -15.65
CA LEU C 330 9.64 32.22 -16.34
C LEU C 330 8.53 32.59 -15.36
N ILE C 331 8.51 31.94 -14.19
CA ILE C 331 7.51 32.29 -13.17
C ILE C 331 7.72 33.72 -12.67
N ASP C 332 8.98 34.15 -12.52
CA ASP C 332 9.24 35.51 -12.06
C ASP C 332 8.86 36.56 -13.11
N ILE C 333 9.05 36.22 -14.39
CA ILE C 333 8.65 37.14 -15.46
C ILE C 333 7.13 37.27 -15.52
N VAL C 334 6.40 36.16 -15.43
CA VAL C 334 4.94 36.22 -15.40
C VAL C 334 4.43 36.86 -14.10
N ALA C 335 5.21 36.84 -13.03
CA ALA C 335 4.82 37.55 -11.82
C ALA C 335 4.95 39.06 -11.97
N ILE C 336 5.87 39.54 -12.80
CA ILE C 336 5.95 41.01 -12.88
C ILE C 336 5.27 41.60 -14.12
N ILE C 337 4.80 40.78 -15.07
CA ILE C 337 4.22 41.35 -16.32
C ILE C 337 2.91 42.12 -16.16
N PRO C 338 1.84 41.57 -15.53
CA PRO C 338 0.53 42.25 -15.65
C PRO C 338 0.43 43.59 -14.96
N TYR C 339 1.28 43.88 -13.97
CA TYR C 339 1.37 45.23 -13.41
C TYR C 339 1.82 46.22 -14.48
N PHE C 340 2.82 45.84 -15.27
CA PHE C 340 3.36 46.76 -16.26
C PHE C 340 2.40 46.92 -17.43
N ILE C 341 1.70 45.86 -17.85
CA ILE C 341 0.75 46.08 -18.94
C ILE C 341 -0.50 46.84 -18.46
N THR C 342 -0.88 46.70 -17.18
CA THR C 342 -1.99 47.50 -16.66
C THR C 342 -1.61 48.97 -16.57
N LEU C 343 -0.39 49.26 -16.10
CA LEU C 343 0.08 50.65 -16.05
C LEU C 343 0.21 51.24 -17.46
N GLY C 344 0.65 50.43 -18.42
CA GLY C 344 0.80 50.91 -19.79
C GLY C 344 -0.52 51.24 -20.46
N THR C 345 -1.47 50.30 -20.47
CA THR C 345 -2.76 50.61 -21.07
C THR C 345 -3.62 51.53 -20.22
N GLU C 346 -3.24 51.79 -18.97
CA GLU C 346 -4.01 52.69 -18.13
C GLU C 346 -3.46 54.11 -18.15
N LEU C 347 -2.21 54.30 -18.59
CA LEU C 347 -1.65 55.64 -18.72
C LEU C 347 -1.24 55.97 -20.17
N ALA C 348 -1.64 55.14 -21.13
CA ALA C 348 -1.30 55.38 -22.53
C ALA C 348 -2.24 56.43 -23.12
N LEU C 360 -13.23 43.59 -21.06
CA LEU C 360 -13.69 43.41 -19.66
C LEU C 360 -13.24 41.98 -19.32
N ALA C 361 -13.52 41.05 -20.23
CA ALA C 361 -13.11 39.64 -20.02
C ALA C 361 -11.59 39.56 -20.03
N ILE C 362 -10.93 40.36 -20.88
CA ILE C 362 -9.43 40.38 -20.88
C ILE C 362 -8.94 40.94 -19.53
N LEU C 363 -9.65 41.93 -18.98
CA LEU C 363 -9.28 42.44 -17.63
C LEU C 363 -9.45 41.33 -16.60
N ARG C 364 -10.52 40.53 -16.73
CA ARG C 364 -10.75 39.39 -15.80
C ARG C 364 -9.57 38.43 -15.94
N VAL C 365 -9.13 38.19 -17.18
CA VAL C 365 -7.98 37.27 -17.43
C VAL C 365 -6.75 37.85 -16.73
N ILE C 366 -6.52 39.16 -16.85
CA ILE C 366 -5.32 39.79 -16.23
C ILE C 366 -5.40 39.60 -14.71
N ARG C 367 -6.59 39.81 -14.14
CA ARG C 367 -6.75 39.69 -12.67
C ARG C 367 -6.48 38.25 -12.24
N LEU C 368 -6.95 37.27 -13.02
CA LEU C 368 -6.70 35.85 -12.68
C LEU C 368 -5.20 35.55 -12.78
N VAL C 369 -4.52 36.07 -13.80
CA VAL C 369 -3.07 35.82 -14.00
C VAL C 369 -2.31 36.33 -12.77
N ARG C 370 -2.85 37.36 -12.11
CA ARG C 370 -2.13 37.95 -10.95
C ARG C 370 -2.04 36.99 -9.74
N VAL C 371 -2.48 35.72 -9.86
CA VAL C 371 -2.40 34.75 -8.78
C VAL C 371 -1.17 33.86 -8.90
N PHE C 372 -0.34 34.03 -9.93
CA PHE C 372 0.80 33.16 -10.09
C PHE C 372 1.99 33.57 -9.24
N ARG C 373 1.80 34.50 -8.30
CA ARG C 373 2.83 34.86 -7.34
C ARG C 373 2.92 33.87 -6.20
N ILE C 374 2.03 32.88 -6.12
CA ILE C 374 2.21 31.84 -5.11
C ILE C 374 3.36 30.94 -5.48
N PHE C 375 3.60 30.76 -6.77
CA PHE C 375 4.60 29.83 -7.25
C PHE C 375 6.00 30.40 -7.18
N LYS C 376 6.16 31.60 -6.68
CA LYS C 376 7.46 32.15 -6.38
C LYS C 376 8.03 31.61 -5.09
N LEU C 377 7.23 30.90 -4.31
CA LEU C 377 7.67 30.19 -3.14
C LEU C 377 8.34 28.86 -3.47
N SER C 378 8.37 28.46 -4.73
CA SER C 378 8.95 27.18 -5.07
C SER C 378 10.46 27.25 -5.11
N ARG C 379 11.02 28.45 -5.19
CA ARG C 379 12.46 28.60 -5.08
C ARG C 379 12.96 28.37 -3.66
N HIS C 380 12.14 28.68 -2.67
CA HIS C 380 12.54 28.57 -1.27
C HIS C 380 12.00 27.31 -0.62
N SER C 381 11.21 26.52 -1.33
CA SER C 381 10.59 25.33 -0.76
C SER C 381 11.00 24.14 -1.61
N LYS C 382 11.45 23.07 -0.97
CA LYS C 382 11.90 21.88 -1.66
C LYS C 382 10.80 20.85 -1.85
N GLY C 383 9.78 20.85 -1.01
CA GLY C 383 8.62 20.01 -1.20
C GLY C 383 7.80 20.41 -2.40
N LEU C 384 7.77 21.70 -2.72
CA LEU C 384 7.04 22.17 -3.90
C LEU C 384 7.76 21.81 -5.19
N GLN C 385 9.10 21.78 -5.18
CA GLN C 385 9.84 21.34 -6.35
C GLN C 385 9.66 19.84 -6.61
N ILE C 386 9.62 19.04 -5.55
CA ILE C 386 9.29 17.61 -5.65
C ILE C 386 7.86 17.40 -6.12
N LEU C 387 6.95 18.28 -5.73
CA LEU C 387 5.57 18.19 -6.23
C LEU C 387 5.49 18.50 -7.72
N GLY C 388 6.24 19.47 -8.19
CA GLY C 388 6.29 19.74 -9.63
C GLY C 388 6.90 18.62 -10.44
N GLN C 389 7.97 18.00 -9.93
CA GLN C 389 8.55 16.84 -10.61
C GLN C 389 7.60 15.65 -10.66
N THR C 390 6.88 15.41 -9.56
CA THR C 390 5.85 14.38 -9.50
C THR C 390 4.73 14.62 -10.50
N LEU C 391 4.27 15.86 -10.61
CA LEU C 391 3.15 16.15 -11.50
C LEU C 391 3.58 16.13 -12.95
N LYS C 392 4.86 16.36 -13.24
CA LYS C 392 5.33 16.26 -14.65
C LYS C 392 5.43 14.78 -15.01
N ALA C 393 5.97 13.96 -14.10
CA ALA C 393 6.17 12.56 -14.41
C ALA C 393 4.88 11.76 -14.50
N SER C 394 3.74 12.33 -14.12
CA SER C 394 2.49 11.58 -13.97
C SER C 394 1.38 12.17 -14.79
N MET C 395 1.65 12.56 -16.03
CA MET C 395 0.64 13.24 -16.83
C MET C 395 -0.34 12.30 -17.49
N ARG C 396 0.03 11.04 -17.74
CA ARG C 396 -0.90 10.07 -18.30
C ARG C 396 -1.93 9.63 -17.25
N GLU C 397 -1.51 9.52 -16.00
CA GLU C 397 -2.39 9.09 -14.92
C GLU C 397 -3.40 10.18 -14.54
N LEU C 398 -3.04 11.45 -14.66
CA LEU C 398 -4.00 12.53 -14.43
C LEU C 398 -5.05 12.60 -15.53
N GLY C 399 -4.64 12.37 -16.78
CA GLY C 399 -5.60 12.28 -17.86
C GLY C 399 -6.53 11.10 -17.75
N LEU C 400 -6.05 9.97 -17.25
CA LEU C 400 -6.92 8.83 -17.01
C LEU C 400 -7.89 9.08 -15.87
N LEU C 401 -7.47 9.78 -14.83
CA LEU C 401 -8.36 10.14 -13.73
C LEU C 401 -9.51 11.02 -14.20
N ILE C 402 -9.20 12.03 -15.00
CA ILE C 402 -10.24 12.93 -15.50
C ILE C 402 -11.15 12.23 -16.51
N PHE C 403 -10.60 11.33 -17.32
CA PHE C 403 -11.40 10.60 -18.29
C PHE C 403 -12.36 9.60 -17.63
N PHE C 404 -11.89 8.86 -16.62
CA PHE C 404 -12.76 7.94 -15.88
C PHE C 404 -13.88 8.67 -15.15
N LEU C 405 -13.58 9.83 -14.59
CA LEU C 405 -14.62 10.62 -13.92
C LEU C 405 -15.64 11.17 -14.90
N PHE C 406 -15.20 11.51 -16.11
CA PHE C 406 -16.15 12.00 -17.15
C PHE C 406 -17.11 10.86 -17.51
N ILE C 407 -16.57 9.68 -17.82
CA ILE C 407 -17.39 8.52 -18.21
C ILE C 407 -18.42 8.20 -17.13
N GLY C 408 -18.00 8.20 -15.87
CA GLY C 408 -18.93 7.94 -14.78
C GLY C 408 -19.99 9.01 -14.58
N VAL C 409 -19.65 10.27 -14.80
CA VAL C 409 -20.62 11.35 -14.63
C VAL C 409 -21.71 11.28 -15.69
N ILE C 410 -21.35 11.01 -16.95
CA ILE C 410 -22.36 10.88 -18.01
C ILE C 410 -23.26 9.69 -17.76
N LEU C 411 -22.67 8.56 -17.33
CA LEU C 411 -23.42 7.34 -17.09
C LEU C 411 -24.41 7.46 -15.93
N PHE C 412 -23.97 7.97 -14.79
CA PHE C 412 -24.86 8.01 -13.65
C PHE C 412 -25.84 9.17 -13.70
N SER C 413 -25.53 10.26 -14.40
CA SER C 413 -26.52 11.30 -14.65
C SER C 413 -27.65 10.82 -15.53
N SER C 414 -27.32 10.09 -16.62
CA SER C 414 -28.34 9.48 -17.46
C SER C 414 -29.22 8.53 -16.69
N ALA C 415 -28.62 7.68 -15.85
CA ALA C 415 -29.40 6.70 -15.10
C ALA C 415 -30.32 7.34 -14.07
N VAL C 416 -29.85 8.32 -13.31
CA VAL C 416 -30.70 8.87 -12.21
C VAL C 416 -31.91 9.62 -12.77
N TYR C 417 -31.75 10.38 -13.87
CA TYR C 417 -32.87 11.22 -14.39
C TYR C 417 -34.04 10.34 -14.81
N PHE C 418 -33.77 9.22 -15.49
CA PHE C 418 -34.85 8.36 -16.01
C PHE C 418 -35.70 7.80 -14.86
N ALA C 419 -35.05 7.37 -13.77
CA ALA C 419 -35.79 6.85 -12.59
C ALA C 419 -36.65 7.94 -11.96
N GLU C 420 -36.14 9.17 -11.88
CA GLU C 420 -36.85 10.27 -11.18
C GLU C 420 -37.80 11.03 -12.12
N ALA C 421 -37.84 10.66 -13.41
CA ALA C 421 -38.67 11.42 -14.37
C ALA C 421 -40.16 11.19 -14.09
N ASP C 422 -40.51 10.08 -13.45
CA ASP C 422 -41.94 9.74 -13.24
C ASP C 422 -42.44 10.34 -11.90
N ASP C 423 -41.57 10.99 -11.15
CA ASP C 423 -41.98 11.61 -9.86
C ASP C 423 -41.96 13.13 -10.00
N PRO C 424 -43.08 13.83 -9.72
CA PRO C 424 -43.14 15.29 -9.78
C PRO C 424 -42.21 15.93 -8.74
N THR C 425 -42.12 15.33 -7.54
CA THR C 425 -41.29 15.89 -6.44
C THR C 425 -39.82 15.91 -6.83
N SER C 426 -39.39 15.05 -7.77
CA SER C 426 -37.95 14.94 -8.12
C SER C 426 -37.40 16.27 -8.63
N GLY C 427 -36.15 16.59 -8.28
CA GLY C 427 -35.53 17.86 -8.69
C GLY C 427 -34.81 17.75 -10.02
N PHE C 428 -34.23 16.59 -10.33
CA PHE C 428 -33.56 16.38 -11.65
C PHE C 428 -34.56 16.67 -12.78
N SER C 429 -34.19 17.54 -13.73
CA SER C 429 -35.09 17.91 -14.84
C SER C 429 -34.43 17.61 -16.20
N SER C 430 -33.10 17.52 -16.23
CA SER C 430 -32.39 17.17 -17.44
C SER C 430 -31.32 16.18 -17.06
N ILE C 431 -30.59 15.68 -18.06
CA ILE C 431 -29.33 14.98 -17.81
C ILE C 431 -28.23 16.01 -17.53
N PRO C 432 -28.07 17.14 -18.26
CA PRO C 432 -27.08 18.16 -17.84
C PRO C 432 -27.28 18.51 -16.36
N ASP C 433 -28.51 18.43 -15.85
CA ASP C 433 -28.83 18.83 -14.45
C ASP C 433 -28.13 17.95 -13.40
N ALA C 434 -28.08 16.63 -13.60
CA ALA C 434 -27.53 15.74 -12.55
C ALA C 434 -26.01 15.63 -12.64
N PHE C 435 -25.35 16.44 -13.46
CA PHE C 435 -23.90 16.36 -13.61
C PHE C 435 -23.20 16.72 -12.31
N TRP C 436 -23.70 17.78 -11.65
CA TRP C 436 -23.14 18.22 -10.34
C TRP C 436 -23.42 17.13 -9.31
N TRP C 437 -24.66 16.63 -9.26
CA TRP C 437 -25.04 15.62 -8.25
C TRP C 437 -24.10 14.42 -8.39
N ALA C 438 -23.73 14.04 -9.62
CA ALA C 438 -22.91 12.82 -9.77
C ALA C 438 -21.44 13.14 -9.44
N VAL C 439 -20.97 14.35 -9.72
CA VAL C 439 -19.59 14.72 -9.34
C VAL C 439 -19.42 14.67 -7.81
N VAL C 440 -20.30 15.34 -7.07
CA VAL C 440 -20.15 15.35 -5.62
C VAL C 440 -20.52 14.03 -4.95
N THR C 441 -21.26 13.14 -5.60
CA THR C 441 -21.51 11.83 -5.03
C THR C 441 -20.37 10.86 -5.30
N MET C 442 -19.74 10.95 -6.47
CA MET C 442 -18.64 10.07 -6.81
C MET C 442 -17.38 10.42 -6.05
N THR C 443 -17.15 11.69 -5.72
CA THR C 443 -15.95 12.17 -5.00
C THR C 443 -16.15 12.09 -3.49
N THR C 444 -17.39 11.98 -3.01
CA THR C 444 -17.77 11.84 -1.57
C THR C 444 -17.85 13.18 -0.87
N VAL C 445 -17.72 14.30 -1.56
CA VAL C 445 -17.91 15.63 -0.90
C VAL C 445 -19.36 15.54 -0.47
N GLY C 446 -20.18 14.98 -1.34
CA GLY C 446 -21.57 14.69 -1.01
C GLY C 446 -22.36 15.85 -0.60
N TYR C 447 -22.23 16.97 -1.30
CA TYR C 447 -23.07 18.17 -1.03
C TYR C 447 -24.51 17.74 -1.27
N GLY C 448 -24.77 17.28 -2.49
CA GLY C 448 -26.13 16.89 -2.89
C GLY C 448 -26.79 18.07 -3.59
N ASP C 449 -26.75 18.10 -4.92
CA ASP C 449 -27.49 19.16 -5.65
C ASP C 449 -28.96 18.95 -5.32
N MET C 450 -29.40 17.69 -5.36
CA MET C 450 -30.80 17.33 -5.00
C MET C 450 -30.73 15.97 -4.29
N HIS C 451 -31.78 15.63 -3.55
CA HIS C 451 -31.83 14.32 -2.84
C HIS C 451 -32.77 13.38 -3.63
N PRO C 452 -32.36 12.15 -4.06
CA PRO C 452 -33.23 11.31 -4.88
C PRO C 452 -34.53 11.05 -4.11
N VAL C 453 -35.67 11.03 -4.80
CA VAL C 453 -36.99 10.88 -4.10
C VAL C 453 -37.61 9.52 -4.39
N THR C 454 -37.07 8.75 -5.34
CA THR C 454 -37.74 7.46 -5.67
C THR C 454 -36.88 6.27 -5.22
N ILE C 455 -37.31 5.04 -5.50
CA ILE C 455 -36.56 3.87 -5.06
C ILE C 455 -35.47 3.50 -6.05
N GLY C 456 -35.77 3.57 -7.35
CA GLY C 456 -34.75 3.35 -8.35
C GLY C 456 -33.67 4.41 -8.34
N GLY C 457 -34.04 5.63 -7.93
CA GLY C 457 -33.08 6.74 -7.84
C GLY C 457 -32.13 6.55 -6.67
N LYS C 458 -32.57 5.85 -5.63
CA LYS C 458 -31.70 5.57 -4.49
C LYS C 458 -30.85 4.34 -4.70
N ILE C 459 -31.30 3.39 -5.53
CA ILE C 459 -30.43 2.30 -5.94
C ILE C 459 -29.31 2.80 -6.87
N VAL C 460 -29.64 3.70 -7.78
CA VAL C 460 -28.63 4.32 -8.65
C VAL C 460 -27.65 5.18 -7.83
N GLY C 461 -28.14 5.91 -6.82
CA GLY C 461 -27.26 6.68 -5.97
C GLY C 461 -26.30 5.86 -5.14
N SER C 462 -26.74 4.69 -4.66
CA SER C 462 -25.87 3.75 -3.97
C SER C 462 -24.73 3.26 -4.87
N LEU C 463 -25.07 2.90 -6.10
CA LEU C 463 -24.04 2.47 -7.05
C LEU C 463 -23.08 3.59 -7.44
N CYS C 464 -23.57 4.83 -7.54
CA CYS C 464 -22.71 5.98 -7.83
C CYS C 464 -21.69 6.22 -6.73
N ALA C 465 -22.12 6.12 -5.48
CA ALA C 465 -21.24 6.30 -4.34
C ALA C 465 -20.17 5.22 -4.25
N ILE C 466 -20.47 3.99 -4.66
CA ILE C 466 -19.43 2.94 -4.69
C ILE C 466 -18.48 3.12 -5.86
N ALA C 467 -19.03 3.38 -7.05
CA ALA C 467 -18.27 3.45 -8.28
C ALA C 467 -17.29 4.60 -8.30
N GLY C 468 -17.56 5.69 -7.59
CA GLY C 468 -16.59 6.76 -7.52
C GLY C 468 -15.34 6.40 -6.74
N VAL C 469 -15.53 5.71 -5.62
CA VAL C 469 -14.40 5.20 -4.83
C VAL C 469 -13.53 4.26 -5.66
N LEU C 470 -14.17 3.37 -6.41
CA LEU C 470 -13.43 2.44 -7.27
C LEU C 470 -12.66 3.18 -8.37
N THR C 471 -13.36 4.01 -9.14
CA THR C 471 -12.79 4.85 -10.20
C THR C 471 -11.64 5.74 -9.73
N ILE C 472 -11.76 6.43 -8.61
CA ILE C 472 -10.70 7.33 -8.15
C ILE C 472 -9.52 6.56 -7.61
N ALA C 473 -9.76 5.46 -6.88
CA ALA C 473 -8.69 4.72 -6.24
C ALA C 473 -7.75 4.01 -7.20
N LEU C 474 -8.04 3.92 -8.50
CA LEU C 474 -7.21 3.13 -9.39
C LEU C 474 -5.94 3.83 -9.90
N PRO C 475 -5.95 5.05 -10.46
CA PRO C 475 -4.68 5.62 -10.94
C PRO C 475 -3.87 6.39 -9.89
N VAL C 476 -4.28 6.44 -8.64
CA VAL C 476 -3.63 7.22 -7.58
C VAL C 476 -2.41 6.56 -6.95
N PRO C 477 -2.34 5.22 -6.73
CA PRO C 477 -1.06 4.62 -6.31
C PRO C 477 0.14 4.83 -7.22
N VAL C 478 -0.06 5.05 -8.52
CA VAL C 478 1.06 5.34 -9.41
C VAL C 478 1.62 6.74 -9.13
N ILE C 479 0.74 7.70 -8.87
CA ILE C 479 1.17 9.05 -8.53
C ILE C 479 1.85 9.09 -7.17
N VAL C 480 1.37 8.31 -6.19
CA VAL C 480 2.07 8.33 -4.91
C VAL C 480 3.38 7.55 -4.97
N SER C 481 3.55 6.60 -5.89
CA SER C 481 4.85 5.97 -6.06
C SER C 481 5.85 6.91 -6.71
N ASN C 482 5.41 7.71 -7.68
CA ASN C 482 6.27 8.77 -8.22
C ASN C 482 6.68 9.77 -7.15
N PHE C 483 5.76 10.14 -6.26
CA PHE C 483 6.11 11.05 -5.18
C PHE C 483 7.15 10.45 -4.25
N ASN C 484 6.95 9.19 -3.82
CA ASN C 484 7.89 8.53 -2.92
C ASN C 484 9.27 8.40 -3.53
N TYR C 485 9.33 8.11 -4.84
CA TYR C 485 10.59 8.05 -5.57
C TYR C 485 11.33 9.37 -5.54
N PHE C 486 10.70 10.45 -6.04
CA PHE C 486 11.37 11.75 -6.09
C PHE C 486 11.64 12.34 -4.73
N TYR C 487 10.93 11.90 -3.69
CA TYR C 487 11.06 12.46 -2.36
C TYR C 487 12.19 11.79 -1.59
N HIS C 488 12.26 10.46 -1.62
CA HIS C 488 13.35 9.76 -0.99
C HIS C 488 14.61 9.71 -1.85
N ARG C 489 14.55 10.33 -3.03
CA ARG C 489 15.77 10.44 -3.88
C ARG C 489 16.75 11.38 -3.19
N GLU C 490 16.25 12.25 -2.33
CA GLU C 490 17.09 13.26 -1.71
C GLU C 490 18.14 12.65 -0.78
N THR C 491 17.75 11.60 -0.05
CA THR C 491 18.71 10.91 0.85
C THR C 491 19.74 10.17 0.00
N GLY D 103 27.61 -46.04 -19.85
CA GLY D 103 27.48 -44.80 -19.05
C GLY D 103 28.82 -44.38 -18.47
N GLU D 104 29.45 -43.36 -19.07
CA GLU D 104 30.77 -42.88 -18.59
C GLU D 104 30.62 -41.44 -18.10
N ARG D 105 31.16 -41.14 -16.91
CA ARG D 105 31.06 -39.77 -16.36
C ARG D 105 31.83 -38.81 -17.28
N VAL D 106 31.24 -37.65 -17.59
CA VAL D 106 31.93 -36.65 -18.46
C VAL D 106 32.12 -35.37 -17.63
N VAL D 107 33.32 -34.77 -17.67
CA VAL D 107 33.63 -33.58 -16.83
C VAL D 107 33.52 -32.30 -17.66
N ILE D 108 32.74 -31.32 -17.20
CA ILE D 108 32.61 -30.01 -17.89
C ILE D 108 33.15 -28.94 -16.94
N ASN D 109 34.04 -28.07 -17.41
CA ASN D 109 34.56 -26.98 -16.55
C ASN D 109 33.94 -25.66 -17.03
N ILE D 110 33.19 -24.98 -16.17
CA ILE D 110 32.67 -23.64 -16.58
C ILE D 110 33.54 -22.58 -15.93
N SER D 111 34.68 -22.27 -16.55
CA SER D 111 35.61 -21.22 -16.03
C SER D 111 36.07 -21.53 -14.60
N GLY D 112 36.31 -22.81 -14.27
CA GLY D 112 36.83 -23.14 -12.94
C GLY D 112 35.85 -23.97 -12.15
N LEU D 113 34.55 -23.71 -12.34
CA LEU D 113 33.51 -24.40 -11.59
C LEU D 113 33.18 -25.70 -12.30
N ARG D 114 33.70 -26.81 -11.75
CA ARG D 114 33.59 -28.14 -12.41
C ARG D 114 32.23 -28.82 -12.18
N PHE D 115 31.66 -29.40 -13.25
CA PHE D 115 30.38 -30.14 -13.15
C PHE D 115 30.61 -31.54 -13.73
N GLU D 116 30.14 -32.58 -13.05
CA GLU D 116 30.32 -33.98 -13.54
C GLU D 116 28.95 -34.62 -13.76
N THR D 117 28.72 -35.22 -14.93
CA THR D 117 27.44 -35.93 -15.19
C THR D 117 27.70 -37.19 -16.03
N GLN D 118 26.80 -38.17 -16.00
CA GLN D 118 26.93 -39.40 -16.84
C GLN D 118 26.57 -39.10 -18.30
N LEU D 119 27.05 -39.93 -19.24
CA LEU D 119 26.80 -39.71 -20.69
C LEU D 119 25.31 -39.79 -21.02
N LYS D 120 24.59 -40.70 -20.36
CA LYS D 120 23.15 -40.93 -20.70
C LYS D 120 22.36 -39.63 -20.51
N THR D 121 22.67 -38.85 -19.47
CA THR D 121 21.87 -37.64 -19.19
C THR D 121 21.96 -36.67 -20.37
N LEU D 122 23.16 -36.49 -20.93
CA LEU D 122 23.36 -35.57 -22.08
C LEU D 122 22.58 -36.08 -23.30
N CYS D 123 22.54 -37.40 -23.50
CA CYS D 123 21.90 -38.00 -24.71
C CYS D 123 20.41 -37.67 -24.81
N GLN D 124 19.69 -37.72 -23.68
CA GLN D 124 18.22 -37.50 -23.68
C GLN D 124 17.82 -36.41 -24.67
N PHE D 125 18.56 -35.30 -24.69
CA PHE D 125 18.28 -34.25 -25.70
C PHE D 125 19.43 -34.24 -26.71
N PRO D 126 19.20 -34.55 -28.00
CA PRO D 126 20.26 -34.51 -29.01
C PRO D 126 20.47 -33.13 -29.65
N GLU D 127 19.42 -32.30 -29.75
CA GLU D 127 19.53 -31.00 -30.45
C GLU D 127 20.50 -30.06 -29.71
N THR D 128 20.79 -30.32 -28.44
CA THR D 128 21.64 -29.41 -27.64
C THR D 128 23.11 -29.53 -28.08
N LEU D 129 23.93 -28.51 -27.77
CA LEU D 129 25.35 -28.52 -28.15
C LEU D 129 26.00 -29.75 -27.50
N LEU D 130 25.64 -30.03 -26.25
CA LEU D 130 26.14 -31.23 -25.53
C LEU D 130 25.55 -32.52 -26.14
N GLY D 131 24.30 -32.47 -26.61
CA GLY D 131 23.63 -33.67 -27.13
C GLY D 131 24.28 -34.29 -28.35
N ASP D 132 24.73 -33.50 -29.32
CA ASP D 132 25.29 -34.07 -30.58
C ASP D 132 26.79 -34.33 -30.39
N PRO D 133 27.38 -35.49 -30.77
CA PRO D 133 28.78 -35.77 -30.41
C PRO D 133 29.81 -35.05 -31.26
N LYS D 134 29.41 -34.19 -32.19
CA LYS D 134 30.37 -33.47 -33.02
C LYS D 134 30.37 -31.96 -32.82
N ARG D 135 29.29 -31.41 -32.28
CA ARG D 135 29.29 -29.95 -31.95
C ARG D 135 30.07 -29.73 -30.64
N ARG D 136 29.83 -30.56 -29.63
CA ARG D 136 30.56 -30.47 -28.33
C ARG D 136 31.97 -31.04 -28.44
N MET D 137 32.26 -31.82 -29.47
CA MET D 137 33.59 -32.49 -29.56
C MET D 137 34.70 -31.43 -29.59
N ARG D 138 34.47 -30.31 -30.28
CA ARG D 138 35.49 -29.23 -30.37
C ARG D 138 35.79 -28.67 -28.97
N TYR D 139 34.78 -28.48 -28.12
CA TYR D 139 34.99 -27.87 -26.78
C TYR D 139 35.81 -28.80 -25.89
N PHE D 140 35.83 -30.10 -26.19
CA PHE D 140 36.60 -31.10 -25.40
C PHE D 140 38.12 -30.84 -25.46
N ASP D 141 38.81 -31.08 -24.34
CA ASP D 141 40.29 -30.96 -24.31
C ASP D 141 40.86 -32.35 -23.98
N PRO D 142 41.72 -32.94 -24.84
CA PRO D 142 42.23 -34.30 -24.61
C PRO D 142 43.12 -34.54 -23.38
N LEU D 143 44.02 -33.61 -23.06
CA LEU D 143 44.98 -33.84 -21.95
C LEU D 143 44.25 -34.01 -20.61
N ARG D 144 43.28 -33.15 -20.32
CA ARG D 144 42.61 -33.20 -18.99
C ARG D 144 41.31 -34.01 -19.06
N ASN D 145 40.95 -34.48 -20.26
CA ASN D 145 39.66 -35.21 -20.44
C ASN D 145 38.52 -34.35 -19.92
N GLU D 146 38.54 -33.05 -20.22
CA GLU D 146 37.49 -32.11 -19.72
C GLU D 146 37.07 -31.18 -20.86
N TYR D 147 35.87 -30.62 -20.76
CA TYR D 147 35.36 -29.66 -21.77
C TYR D 147 35.53 -28.27 -21.15
N PHE D 148 36.05 -27.28 -21.87
CA PHE D 148 36.19 -25.97 -21.18
C PHE D 148 35.29 -24.93 -21.84
N PHE D 149 34.47 -24.25 -21.03
CA PHE D 149 33.57 -23.19 -21.54
C PHE D 149 33.84 -21.94 -20.71
N ASP D 150 34.28 -20.84 -21.33
CA ASP D 150 34.46 -19.59 -20.56
C ASP D 150 33.10 -18.88 -20.50
N ARG D 151 32.12 -19.47 -19.81
CA ARG D 151 30.74 -18.89 -19.75
C ARG D 151 30.40 -18.53 -18.30
N ASN D 152 29.14 -18.17 -18.00
CA ASN D 152 28.84 -17.71 -16.62
C ASN D 152 28.54 -18.93 -15.74
N ARG D 153 29.22 -19.02 -14.59
CA ARG D 153 29.09 -20.21 -13.70
C ARG D 153 27.68 -20.41 -13.13
N PRO D 154 26.95 -19.38 -12.63
CA PRO D 154 25.63 -19.62 -12.06
C PRO D 154 24.67 -20.19 -13.11
N SER D 155 24.76 -19.70 -14.34
CA SER D 155 23.81 -20.12 -15.39
C SER D 155 23.92 -21.63 -15.66
N PHE D 156 25.14 -22.17 -15.67
CA PHE D 156 25.30 -23.60 -16.06
C PHE D 156 24.56 -24.51 -15.08
N ASP D 157 24.53 -24.17 -13.79
CA ASP D 157 23.89 -25.10 -12.84
C ASP D 157 22.43 -25.28 -13.26
N ALA D 158 21.76 -24.18 -13.63
CA ALA D 158 20.36 -24.28 -14.11
C ALA D 158 20.30 -25.09 -15.41
N ILE D 159 21.26 -24.88 -16.32
CA ILE D 159 21.24 -25.58 -17.64
C ILE D 159 21.37 -27.09 -17.39
N LEU D 160 22.25 -27.50 -16.47
CA LEU D 160 22.47 -28.94 -16.22
C LEU D 160 21.18 -29.56 -15.70
N TYR D 161 20.45 -28.86 -14.84
CA TYR D 161 19.24 -29.49 -14.24
C TYR D 161 18.18 -29.71 -15.33
N TYR D 162 18.27 -28.97 -16.44
CA TYR D 162 17.30 -29.18 -17.56
C TYR D 162 17.42 -30.61 -18.08
N TYR D 163 18.64 -31.11 -18.30
CA TYR D 163 18.82 -32.51 -18.75
C TYR D 163 18.38 -33.48 -17.65
N GLN D 164 18.76 -33.20 -16.40
CA GLN D 164 18.43 -34.12 -15.28
C GLN D 164 16.92 -34.19 -15.07
N SER D 165 16.21 -33.08 -15.22
CA SER D 165 14.75 -33.03 -14.95
C SER D 165 13.94 -33.38 -16.19
N GLY D 166 14.60 -33.73 -17.29
CA GLY D 166 13.87 -34.02 -18.53
C GLY D 166 13.08 -32.84 -19.05
N GLY D 167 13.62 -31.61 -18.99
CA GLY D 167 12.92 -30.48 -19.62
C GLY D 167 12.50 -29.36 -18.69
N ARG D 168 12.67 -29.49 -17.38
CA ARG D 168 12.31 -28.34 -16.50
C ARG D 168 13.35 -27.23 -16.71
N ILE D 169 12.92 -25.99 -16.87
CA ILE D 169 13.87 -24.85 -17.02
C ILE D 169 13.51 -23.74 -16.03
N ARG D 170 14.47 -23.30 -15.20
CA ARG D 170 14.21 -22.18 -14.27
C ARG D 170 15.38 -21.18 -14.34
N ARG D 171 15.15 -19.93 -13.92
CA ARG D 171 16.24 -18.92 -13.90
C ARG D 171 16.64 -18.67 -12.44
N PRO D 172 17.93 -18.78 -12.05
CA PRO D 172 18.28 -18.57 -10.64
C PRO D 172 17.98 -17.13 -10.21
N VAL D 173 17.40 -16.93 -9.03
CA VAL D 173 16.95 -15.62 -8.57
C VAL D 173 18.09 -14.61 -8.60
N ASN D 174 19.34 -15.08 -8.69
CA ASN D 174 20.50 -14.21 -8.73
C ASN D 174 21.07 -14.01 -10.13
N VAL D 175 20.31 -14.30 -11.19
CA VAL D 175 20.77 -14.15 -12.56
C VAL D 175 19.79 -13.26 -13.31
N PRO D 176 20.20 -12.13 -13.95
CA PRO D 176 19.27 -11.33 -14.77
C PRO D 176 18.67 -12.13 -15.91
N ILE D 177 17.45 -11.77 -16.34
CA ILE D 177 16.75 -12.55 -17.39
C ILE D 177 17.56 -12.53 -18.69
N ASP D 178 18.11 -11.37 -19.06
CA ASP D 178 18.83 -11.26 -20.35
C ASP D 178 20.07 -12.17 -20.35
N ILE D 179 20.83 -12.19 -19.26
CA ILE D 179 22.07 -13.01 -19.22
C ILE D 179 21.70 -14.48 -19.36
N PHE D 180 20.65 -14.91 -18.64
CA PHE D 180 20.22 -16.31 -18.71
C PHE D 180 19.72 -16.62 -20.13
N SER D 181 19.01 -15.68 -20.75
CA SER D 181 18.47 -15.89 -22.11
C SER D 181 19.64 -16.08 -23.08
N GLU D 182 20.74 -15.34 -22.94
CA GLU D 182 21.81 -15.50 -23.96
C GLU D 182 22.54 -16.83 -23.71
N GLU D 183 22.66 -17.23 -22.45
CA GLU D 183 23.29 -18.54 -22.13
C GLU D 183 22.41 -19.64 -22.72
N ILE D 184 21.08 -19.54 -22.60
CA ILE D 184 20.18 -20.56 -23.19
C ILE D 184 20.41 -20.64 -24.70
N ARG D 185 20.53 -19.50 -25.37
CA ARG D 185 20.75 -19.48 -26.84
C ARG D 185 22.09 -20.14 -27.16
N PHE D 186 23.13 -19.89 -26.35
CA PHE D 186 24.48 -20.46 -26.60
C PHE D 186 24.43 -21.99 -26.50
N TYR D 187 23.69 -22.52 -25.53
CA TYR D 187 23.66 -23.99 -25.34
C TYR D 187 22.69 -24.63 -26.35
N GLN D 188 22.00 -23.80 -27.12
CA GLN D 188 21.11 -24.31 -28.21
C GLN D 188 20.07 -25.28 -27.63
N LEU D 189 19.45 -24.91 -26.49
CA LEU D 189 18.39 -25.77 -25.91
C LEU D 189 17.22 -25.87 -26.88
N GLY D 190 16.84 -24.77 -27.54
CA GLY D 190 15.78 -24.82 -28.56
C GLY D 190 14.70 -23.79 -28.37
N GLU D 191 13.91 -23.49 -29.41
CA GLU D 191 12.83 -22.52 -29.30
C GLU D 191 11.73 -23.04 -28.39
N GLU D 192 11.69 -24.36 -28.16
CA GLU D 192 10.70 -24.96 -27.21
C GLU D 192 11.13 -24.70 -25.76
N ALA D 193 12.39 -25.00 -25.41
CA ALA D 193 12.89 -24.71 -24.05
C ALA D 193 12.83 -23.19 -23.79
N MET D 194 13.19 -22.40 -24.81
CA MET D 194 13.16 -20.92 -24.67
C MET D 194 11.71 -20.49 -24.42
N GLU D 195 10.76 -21.11 -25.12
CA GLU D 195 9.32 -20.78 -24.93
C GLU D 195 8.89 -21.15 -23.51
N LYS D 196 9.35 -22.29 -22.99
CA LYS D 196 9.00 -22.67 -21.59
C LYS D 196 9.57 -21.61 -20.64
N PHE D 197 10.82 -21.18 -20.85
CA PHE D 197 11.43 -20.15 -19.98
C PHE D 197 10.59 -18.87 -20.05
N ARG D 198 10.16 -18.48 -21.25
CA ARG D 198 9.36 -17.24 -21.42
C ARG D 198 8.03 -17.36 -20.67
N GLU D 199 7.41 -18.54 -20.73
CA GLU D 199 6.14 -18.78 -20.02
C GLU D 199 6.39 -18.63 -18.51
N ASP D 200 7.52 -19.16 -18.03
CA ASP D 200 7.84 -19.07 -16.58
C ASP D 200 7.98 -17.59 -16.18
N GLU D 201 8.57 -16.76 -17.05
CA GLU D 201 8.74 -15.30 -16.79
C GLU D 201 7.36 -14.65 -16.73
N GLY D 202 6.42 -15.10 -17.56
CA GLY D 202 5.07 -14.54 -17.55
C GLY D 202 4.91 -13.52 -18.65
N PHE D 203 5.21 -13.91 -19.89
CA PHE D 203 5.03 -13.04 -21.08
C PHE D 203 4.51 -13.93 -22.20
N LEU D 204 3.27 -14.42 -22.08
CA LEU D 204 2.72 -15.38 -23.07
C LEU D 204 2.02 -14.65 -24.23
N ARG D 205 2.04 -13.32 -24.23
CA ARG D 205 1.31 -12.55 -25.27
C ARG D 205 2.18 -12.44 -26.54
N GLU D 206 2.39 -13.56 -27.24
CA GLU D 206 3.19 -13.56 -28.49
C GLU D 206 2.26 -13.69 -29.70
N GLU D 207 0.94 -13.66 -29.49
CA GLU D 207 -0.03 -13.87 -30.60
C GLU D 207 0.10 -12.77 -31.65
N GLU D 208 -0.08 -13.11 -32.94
CA GLU D 208 -0.01 -12.12 -34.01
C GLU D 208 -1.24 -12.28 -34.89
N ARG D 209 -2.11 -11.26 -34.87
CA ARG D 209 -3.42 -11.39 -35.50
C ARG D 209 -3.30 -11.22 -37.02
N PRO D 210 -4.06 -11.98 -37.81
CA PRO D 210 -3.77 -12.12 -39.24
C PRO D 210 -4.14 -10.91 -40.08
N LEU D 211 -4.21 -11.11 -41.39
CA LEU D 211 -4.60 -10.02 -42.32
C LEU D 211 -5.44 -10.64 -43.43
N PRO D 212 -6.30 -9.89 -44.17
CA PRO D 212 -7.05 -10.44 -45.29
C PRO D 212 -6.17 -10.92 -46.45
N ARG D 213 -6.48 -12.08 -47.03
CA ARG D 213 -5.69 -12.68 -48.15
C ARG D 213 -6.09 -12.09 -49.52
N ARG D 214 -5.91 -10.78 -49.73
CA ARG D 214 -6.19 -10.15 -51.05
C ARG D 214 -5.51 -8.77 -51.05
N ASP D 215 -5.26 -8.17 -52.21
CA ASP D 215 -4.70 -6.79 -52.23
C ASP D 215 -5.73 -5.76 -51.75
N PHE D 216 -6.96 -5.83 -52.26
CA PHE D 216 -7.96 -4.79 -51.89
C PHE D 216 -8.36 -4.89 -50.42
N GLN D 217 -8.83 -6.08 -50.02
CA GLN D 217 -9.35 -6.28 -48.63
C GLN D 217 -8.31 -5.89 -47.58
N ARG D 218 -7.04 -6.26 -47.79
CA ARG D 218 -6.02 -6.01 -46.74
C ARG D 218 -5.96 -4.49 -46.48
N GLN D 219 -6.01 -3.69 -47.55
CA GLN D 219 -5.92 -2.21 -47.39
C GLN D 219 -7.12 -1.71 -46.58
N VAL D 220 -8.33 -2.20 -46.88
CA VAL D 220 -9.56 -1.69 -46.18
C VAL D 220 -9.49 -2.08 -44.70
N TRP D 221 -9.12 -3.34 -44.41
CA TRP D 221 -9.00 -3.79 -43.01
C TRP D 221 -7.89 -2.99 -42.32
N LEU D 222 -6.77 -2.80 -43.01
CA LEU D 222 -5.62 -2.11 -42.39
C LEU D 222 -6.03 -0.69 -42.02
N LEU D 223 -6.74 0.01 -42.91
CA LEU D 223 -7.06 1.44 -42.62
C LEU D 223 -7.97 1.51 -41.38
N PHE D 224 -9.05 0.72 -41.36
CA PHE D 224 -10.01 0.81 -40.23
C PHE D 224 -9.43 0.23 -38.93
N GLU D 225 -8.85 -0.97 -39.00
CA GLU D 225 -8.29 -1.63 -37.79
C GLU D 225 -7.00 -0.94 -37.31
N TYR D 226 -6.09 -0.59 -38.22
CA TYR D 226 -4.77 -0.04 -37.80
C TYR D 226 -4.66 1.48 -38.07
N PRO D 227 -4.82 2.40 -37.07
CA PRO D 227 -4.65 3.83 -37.30
C PRO D 227 -3.22 4.30 -37.33
N GLU D 228 -2.26 3.48 -36.89
CA GLU D 228 -0.87 3.92 -36.83
C GLU D 228 -0.16 3.80 -38.16
N SER D 229 -0.83 3.32 -39.20
CA SER D 229 -0.18 3.07 -40.47
C SER D 229 0.05 4.36 -41.26
N SER D 230 -1.02 5.04 -41.61
CA SER D 230 -1.03 6.02 -42.68
C SER D 230 -1.55 7.35 -42.15
N GLY D 231 -1.82 8.27 -43.08
CA GLY D 231 -2.43 9.54 -42.77
C GLY D 231 -3.95 9.53 -42.80
N PRO D 232 -4.53 9.00 -43.90
CA PRO D 232 -5.97 8.69 -43.88
C PRO D 232 -6.46 7.83 -42.73
N ALA D 233 -5.63 6.93 -42.19
CA ALA D 233 -6.03 6.16 -41.02
C ALA D 233 -6.23 7.05 -39.80
N ARG D 234 -5.31 8.00 -39.57
CA ARG D 234 -5.51 8.93 -38.47
C ARG D 234 -6.66 9.90 -38.74
N GLY D 235 -6.92 10.19 -40.01
CA GLY D 235 -8.09 11.00 -40.34
C GLY D 235 -9.39 10.30 -40.00
N ILE D 236 -9.47 8.99 -40.30
CA ILE D 236 -10.66 8.21 -39.96
C ILE D 236 -10.81 8.11 -38.45
N ALA D 237 -9.70 7.98 -37.72
CA ALA D 237 -9.76 7.91 -36.25
C ALA D 237 -10.27 9.22 -35.63
N ILE D 238 -9.78 10.36 -36.11
CA ILE D 238 -10.21 11.63 -35.52
C ILE D 238 -11.66 11.96 -35.90
N VAL D 239 -12.06 11.65 -37.14
CA VAL D 239 -13.45 11.83 -37.54
C VAL D 239 -14.39 10.95 -36.72
N SER D 240 -13.97 9.72 -36.43
CA SER D 240 -14.79 8.82 -35.62
C SER D 240 -14.98 9.31 -34.19
N VAL D 241 -13.90 9.79 -33.56
CA VAL D 241 -14.02 10.29 -32.19
C VAL D 241 -14.88 11.55 -32.13
N LEU D 242 -14.80 12.40 -33.15
CA LEU D 242 -15.64 13.60 -33.16
C LEU D 242 -17.11 13.27 -33.35
N VAL D 243 -17.42 12.25 -34.16
CA VAL D 243 -18.82 11.89 -34.37
C VAL D 243 -19.41 11.28 -33.11
N ILE D 244 -18.62 10.48 -32.38
CA ILE D 244 -19.09 9.90 -31.11
C ILE D 244 -19.36 11.00 -30.09
N LEU D 245 -18.48 12.00 -30.02
CA LEU D 245 -18.66 13.09 -29.06
C LEU D 245 -19.89 13.96 -29.36
N ILE D 246 -20.16 14.22 -30.64
CA ILE D 246 -21.36 15.03 -30.89
C ILE D 246 -22.63 14.20 -30.70
N SER D 247 -22.58 12.87 -30.80
CA SER D 247 -23.77 12.10 -30.50
C SER D 247 -24.07 12.11 -28.99
N ILE D 248 -23.04 12.11 -28.16
CA ILE D 248 -23.25 12.25 -26.71
C ILE D 248 -23.87 13.61 -26.36
N VAL D 249 -23.36 14.68 -26.99
CA VAL D 249 -23.91 16.02 -26.77
C VAL D 249 -25.37 16.12 -27.21
N ILE D 250 -25.72 15.47 -28.34
CA ILE D 250 -27.10 15.45 -28.83
C ILE D 250 -28.03 14.71 -27.87
N PHE D 251 -27.56 13.62 -27.28
CA PHE D 251 -28.34 12.86 -26.28
C PHE D 251 -28.74 13.73 -25.07
N CYS D 252 -27.76 14.42 -24.47
CA CYS D 252 -28.06 15.27 -23.30
C CYS D 252 -28.87 16.52 -23.68
N LEU D 253 -28.55 17.16 -24.81
CA LEU D 253 -29.32 18.32 -25.22
C LEU D 253 -30.74 17.98 -25.63
N GLU D 254 -30.98 16.77 -26.15
CA GLU D 254 -32.32 16.27 -26.37
C GLU D 254 -33.12 16.31 -25.08
N THR D 255 -32.51 15.87 -23.98
CA THR D 255 -33.34 15.79 -22.78
C THR D 255 -33.48 17.10 -21.99
N LEU D 256 -32.76 18.20 -22.37
CA LEU D 256 -33.07 19.54 -21.80
C LEU D 256 -34.54 19.96 -21.90
N PRO D 257 -35.07 20.80 -21.02
CA PRO D 257 -36.51 21.12 -21.08
C PRO D 257 -36.88 22.36 -21.88
N GLU D 258 -35.92 23.18 -22.27
CA GLU D 258 -36.19 24.31 -23.15
C GLU D 258 -36.57 23.86 -24.55
N PHE D 259 -36.08 22.70 -24.99
CA PHE D 259 -36.37 22.19 -26.32
C PHE D 259 -37.64 21.35 -26.37
N ARG D 260 -37.86 20.51 -25.37
CA ARG D 260 -38.93 19.53 -25.38
C ARG D 260 -40.28 20.09 -24.99
N ASP D 293 -36.81 19.19 -37.58
CA ASP D 293 -36.10 19.16 -36.31
C ASP D 293 -34.61 19.03 -36.58
N PRO D 294 -33.77 19.91 -36.01
CA PRO D 294 -32.32 19.72 -36.16
C PRO D 294 -31.78 18.51 -35.44
N PHE D 295 -32.39 18.09 -34.33
CA PHE D 295 -31.86 16.98 -33.54
C PHE D 295 -32.00 15.66 -34.28
N PHE D 296 -33.11 15.47 -34.98
CA PHE D 296 -33.29 14.25 -35.77
C PHE D 296 -32.33 14.18 -36.94
N VAL D 297 -31.98 15.33 -37.53
CA VAL D 297 -31.05 15.36 -38.65
C VAL D 297 -29.63 15.04 -38.18
N VAL D 298 -29.21 15.64 -37.06
CA VAL D 298 -27.88 15.33 -36.53
C VAL D 298 -27.79 13.88 -36.06
N GLU D 299 -28.86 13.37 -35.45
CA GLU D 299 -28.85 11.99 -34.98
C GLU D 299 -28.84 11.01 -36.14
N THR D 300 -29.58 11.31 -37.22
CA THR D 300 -29.56 10.40 -38.35
C THR D 300 -28.25 10.48 -39.13
N LEU D 301 -27.54 11.61 -39.11
CA LEU D 301 -26.22 11.63 -39.73
C LEU D 301 -25.22 10.82 -38.92
N CYS D 302 -25.32 10.88 -37.58
CA CYS D 302 -24.45 10.05 -36.74
C CYS D 302 -24.71 8.56 -36.93
N ILE D 303 -25.99 8.20 -37.09
CA ILE D 303 -26.33 6.78 -37.30
C ILE D 303 -25.87 6.30 -38.68
N ILE D 304 -25.94 7.16 -39.70
CA ILE D 304 -25.39 6.82 -41.02
C ILE D 304 -23.89 6.53 -40.93
N TRP D 305 -23.13 7.37 -40.21
CA TRP D 305 -21.69 7.12 -40.11
C TRP D 305 -21.38 5.84 -39.32
N PHE D 306 -22.13 5.58 -38.25
CA PHE D 306 -21.90 4.36 -37.47
C PHE D 306 -22.18 3.10 -38.29
N SER D 307 -23.29 3.09 -39.02
CA SER D 307 -23.63 1.92 -39.84
C SER D 307 -22.68 1.76 -41.01
N PHE D 308 -22.18 2.87 -41.56
CA PHE D 308 -21.24 2.79 -42.66
C PHE D 308 -19.93 2.15 -42.24
N GLU D 309 -19.37 2.59 -41.11
CA GLU D 309 -18.08 2.00 -40.71
C GLU D 309 -18.26 0.59 -40.16
N LEU D 310 -19.47 0.27 -39.65
CA LEU D 310 -19.69 -1.12 -39.25
C LEU D 310 -19.75 -2.06 -40.44
N LEU D 311 -20.39 -1.63 -41.53
CA LEU D 311 -20.44 -2.47 -42.73
C LEU D 311 -19.07 -2.61 -43.37
N VAL D 312 -18.32 -1.51 -43.46
CA VAL D 312 -16.97 -1.56 -44.02
C VAL D 312 -16.03 -2.42 -43.17
N ARG D 313 -16.16 -2.35 -41.85
CA ARG D 313 -15.33 -3.19 -40.94
C ARG D 313 -15.72 -4.66 -41.13
N PHE D 314 -17.01 -4.95 -41.29
CA PHE D 314 -17.48 -6.34 -41.38
C PHE D 314 -17.05 -6.97 -42.70
N PHE D 315 -17.21 -6.27 -43.81
CA PHE D 315 -16.99 -6.91 -45.11
C PHE D 315 -15.51 -6.96 -45.48
N ALA D 316 -14.66 -6.37 -44.63
CA ALA D 316 -13.20 -6.38 -44.90
C ALA D 316 -12.48 -7.12 -43.78
N CYS D 317 -13.10 -8.13 -43.18
CA CYS D 317 -12.44 -8.78 -42.01
C CYS D 317 -11.94 -10.16 -42.43
N PRO D 318 -10.67 -10.52 -42.14
CA PRO D 318 -10.11 -11.80 -42.58
C PRO D 318 -10.98 -12.99 -42.17
N SER D 319 -11.48 -13.01 -40.94
CA SER D 319 -12.28 -14.15 -40.48
C SER D 319 -13.59 -13.64 -39.93
N LYS D 320 -14.70 -14.07 -40.53
CA LYS D 320 -16.05 -13.64 -40.06
C LYS D 320 -16.37 -14.36 -38.75
N ALA D 321 -15.73 -15.50 -38.48
CA ALA D 321 -16.08 -16.28 -37.30
C ALA D 321 -15.65 -15.58 -36.01
N THR D 322 -14.68 -14.68 -36.11
CA THR D 322 -14.17 -13.92 -34.98
C THR D 322 -14.97 -12.64 -34.75
N PHE D 323 -15.74 -12.20 -35.76
CA PHE D 323 -16.40 -10.91 -35.70
C PHE D 323 -17.54 -10.90 -34.70
N SER D 324 -18.26 -12.01 -34.56
CA SER D 324 -19.26 -12.09 -33.50
C SER D 324 -18.69 -12.72 -32.24
N ARG D 325 -17.51 -12.27 -31.84
CA ARG D 325 -16.96 -12.56 -30.51
C ARG D 325 -16.21 -11.40 -29.91
N ASN D 326 -15.86 -10.38 -30.69
CA ASN D 326 -15.29 -9.17 -30.14
C ASN D 326 -16.35 -8.40 -29.37
N ILE D 327 -15.95 -7.80 -28.25
CA ILE D 327 -16.91 -7.05 -27.44
C ILE D 327 -17.25 -5.74 -28.11
N MET D 328 -16.31 -5.15 -28.85
CA MET D 328 -16.50 -3.83 -29.43
C MET D 328 -17.46 -3.87 -30.62
N ASN D 329 -17.48 -4.97 -31.37
CA ASN D 329 -18.46 -5.06 -32.46
C ASN D 329 -19.87 -5.26 -31.93
N LEU D 330 -20.02 -5.97 -30.82
CA LEU D 330 -21.31 -6.03 -30.14
C LEU D 330 -21.74 -4.67 -29.62
N ILE D 331 -20.79 -3.87 -29.12
CA ILE D 331 -21.11 -2.52 -28.67
C ILE D 331 -21.58 -1.65 -29.84
N ASP D 332 -20.97 -1.80 -31.01
CA ASP D 332 -21.39 -1.01 -32.18
C ASP D 332 -22.78 -1.41 -32.67
N ILE D 333 -23.10 -2.71 -32.57
CA ILE D 333 -24.43 -3.17 -32.97
C ILE D 333 -25.50 -2.64 -32.02
N VAL D 334 -25.24 -2.71 -30.71
CA VAL D 334 -26.18 -2.14 -29.74
C VAL D 334 -26.24 -0.62 -29.83
N ALA D 335 -25.20 0.03 -30.34
CA ALA D 335 -25.27 1.46 -30.56
C ALA D 335 -26.16 1.83 -31.73
N ILE D 336 -26.29 0.97 -32.74
CA ILE D 336 -27.15 1.39 -33.84
C ILE D 336 -28.55 0.76 -33.82
N ILE D 337 -28.84 -0.19 -32.91
CA ILE D 337 -30.15 -0.87 -32.95
C ILE D 337 -31.36 0.01 -32.58
N PRO D 338 -31.39 0.73 -31.43
CA PRO D 338 -32.68 1.34 -31.01
C PRO D 338 -33.20 2.44 -31.91
N TYR D 339 -32.33 3.11 -32.68
CA TYR D 339 -32.80 4.04 -33.71
C TYR D 339 -33.65 3.31 -34.74
N PHE D 340 -33.19 2.14 -35.18
CA PHE D 340 -33.89 1.42 -36.23
C PHE D 340 -35.18 0.79 -35.71
N ILE D 341 -35.19 0.31 -34.46
CA ILE D 341 -36.46 -0.23 -33.98
C ILE D 341 -37.46 0.89 -33.65
N THR D 342 -36.98 2.08 -33.26
CA THR D 342 -37.90 3.20 -33.06
C THR D 342 -38.49 3.68 -34.37
N LEU D 343 -37.66 3.77 -35.43
CA LEU D 343 -38.18 4.13 -36.75
C LEU D 343 -39.14 3.08 -37.28
N GLY D 344 -38.86 1.80 -37.01
CA GLY D 344 -39.74 0.74 -37.50
C GLY D 344 -41.11 0.74 -36.83
N THR D 345 -41.14 0.72 -35.50
CA THR D 345 -42.43 0.76 -34.82
C THR D 345 -43.10 2.13 -34.87
N GLU D 346 -42.40 3.17 -35.31
CA GLU D 346 -43.00 4.48 -35.40
C GLU D 346 -43.51 4.79 -36.81
N LEU D 347 -43.05 4.04 -37.82
CA LEU D 347 -43.57 4.21 -39.17
C LEU D 347 -44.23 2.92 -39.71
N ALA D 348 -44.47 1.93 -38.87
CA ALA D 348 -45.09 0.69 -39.29
C ALA D 348 -46.60 0.89 -39.41
N LEU D 360 -44.83 1.93 -22.51
CA LEU D 360 -44.31 3.24 -22.03
C LEU D 360 -43.01 2.87 -21.32
N ALA D 361 -43.08 1.85 -20.45
CA ALA D 361 -41.88 1.38 -19.72
C ALA D 361 -40.88 0.81 -20.73
N ILE D 362 -41.36 0.13 -21.77
CA ILE D 362 -40.44 -0.38 -22.84
C ILE D 362 -39.79 0.81 -23.55
N LEU D 363 -40.54 1.90 -23.77
CA LEU D 363 -39.94 3.12 -24.37
C LEU D 363 -38.87 3.68 -23.42
N ARG D 364 -39.14 3.64 -22.11
CA ARG D 364 -38.13 4.12 -21.13
C ARG D 364 -36.89 3.25 -21.25
N VAL D 365 -37.09 1.93 -21.42
CA VAL D 365 -35.95 0.99 -21.54
C VAL D 365 -35.16 1.36 -22.81
N ILE D 366 -35.86 1.65 -23.91
CA ILE D 366 -35.17 1.99 -25.19
C ILE D 366 -34.36 3.27 -24.98
N ARG D 367 -34.94 4.25 -24.30
CA ARG D 367 -34.24 5.54 -24.07
C ARG D 367 -32.99 5.31 -23.21
N LEU D 368 -33.10 4.46 -22.19
CA LEU D 368 -31.93 4.15 -21.34
C LEU D 368 -30.85 3.44 -22.17
N VAL D 369 -31.25 2.49 -23.03
CA VAL D 369 -30.28 1.72 -23.87
C VAL D 369 -29.50 2.71 -24.74
N ARG D 370 -30.12 3.83 -25.10
CA ARG D 370 -29.44 4.80 -26.00
C ARG D 370 -28.21 5.47 -25.35
N VAL D 371 -27.79 5.08 -24.14
CA VAL D 371 -26.61 5.63 -23.48
C VAL D 371 -25.37 4.78 -23.70
N PHE D 372 -25.48 3.66 -24.40
CA PHE D 372 -24.30 2.81 -24.57
C PHE D 372 -23.38 3.29 -25.70
N ARG D 373 -23.59 4.49 -26.22
CA ARG D 373 -22.68 5.09 -27.18
C ARG D 373 -21.46 5.70 -26.51
N ILE D 374 -21.39 5.72 -25.18
CA ILE D 374 -20.16 6.17 -24.53
C ILE D 374 -19.08 5.11 -24.69
N PHE D 375 -19.46 3.85 -24.75
CA PHE D 375 -18.52 2.75 -24.78
C PHE D 375 -17.94 2.52 -26.16
N LYS D 376 -18.31 3.34 -27.14
CA LYS D 376 -17.67 3.33 -28.43
C LYS D 376 -16.34 4.06 -28.41
N LEU D 377 -16.04 4.76 -27.33
CA LEU D 377 -14.73 5.37 -27.11
C LEU D 377 -13.70 4.38 -26.63
N SER D 378 -14.07 3.13 -26.37
CA SER D 378 -13.11 2.18 -25.85
C SER D 378 -12.22 1.65 -26.96
N ARG D 379 -12.64 1.80 -28.22
CA ARG D 379 -11.77 1.45 -29.33
C ARG D 379 -10.61 2.42 -29.48
N HIS D 380 -10.80 3.67 -29.13
CA HIS D 380 -9.80 4.71 -29.30
C HIS D 380 -9.06 5.01 -28.01
N SER D 381 -9.44 4.39 -26.91
CA SER D 381 -8.83 4.67 -25.60
C SER D 381 -8.29 3.37 -25.05
N LYS D 382 -7.04 3.40 -24.57
CA LYS D 382 -6.40 2.21 -24.05
C LYS D 382 -6.57 2.06 -22.54
N GLY D 383 -6.79 3.15 -21.83
CA GLY D 383 -7.11 3.08 -20.42
C GLY D 383 -8.47 2.49 -20.16
N LEU D 384 -9.42 2.67 -21.07
CA LEU D 384 -10.74 2.07 -20.92
C LEU D 384 -10.73 0.57 -21.18
N GLN D 385 -9.86 0.10 -22.08
CA GLN D 385 -9.71 -1.33 -22.30
C GLN D 385 -9.06 -2.02 -21.11
N ILE D 386 -8.08 -1.37 -20.48
CA ILE D 386 -7.49 -1.86 -19.24
C ILE D 386 -8.49 -1.85 -18.09
N LEU D 387 -9.40 -0.86 -18.08
CA LEU D 387 -10.46 -0.85 -17.07
C LEU D 387 -11.44 -2.00 -17.25
N GLY D 388 -11.78 -2.34 -18.50
CA GLY D 388 -12.62 -3.49 -18.73
C GLY D 388 -11.98 -4.82 -18.37
N GLN D 389 -10.68 -4.96 -18.66
CA GLN D 389 -9.96 -6.18 -18.24
C GLN D 389 -9.87 -6.30 -16.72
N THR D 390 -9.63 -5.19 -16.02
CA THR D 390 -9.63 -5.14 -14.57
C THR D 390 -10.98 -5.53 -13.99
N LEU D 391 -12.07 -5.01 -14.56
CA LEU D 391 -13.39 -5.31 -14.01
C LEU D 391 -13.84 -6.72 -14.31
N LYS D 392 -13.31 -7.32 -15.37
CA LYS D 392 -13.66 -8.75 -15.63
C LYS D 392 -12.88 -9.63 -14.66
N ALA D 393 -11.61 -9.31 -14.43
CA ALA D 393 -10.80 -10.15 -13.56
C ALA D 393 -11.17 -10.07 -12.09
N SER D 394 -12.05 -9.14 -11.70
CA SER D 394 -12.30 -8.83 -10.30
C SER D 394 -13.77 -8.95 -9.97
N MET D 395 -14.46 -9.98 -10.45
CA MET D 395 -15.89 -10.07 -10.25
C MET D 395 -16.28 -10.64 -8.89
N ARG D 396 -15.43 -11.43 -8.26
CA ARG D 396 -15.71 -11.93 -6.92
C ARG D 396 -15.56 -10.84 -5.87
N GLU D 397 -14.61 -9.93 -6.07
CA GLU D 397 -14.37 -8.84 -5.13
C GLU D 397 -15.46 -7.78 -5.20
N LEU D 398 -16.06 -7.55 -6.37
CA LEU D 398 -17.18 -6.63 -6.48
C LEU D 398 -18.44 -7.19 -5.81
N GLY D 399 -18.67 -8.49 -5.95
CA GLY D 399 -19.76 -9.13 -5.25
C GLY D 399 -19.59 -9.12 -3.75
N LEU D 400 -18.36 -9.27 -3.26
CA LEU D 400 -18.10 -9.16 -1.83
C LEU D 400 -18.30 -7.75 -1.32
N LEU D 401 -17.92 -6.74 -2.10
CA LEU D 401 -18.15 -5.35 -1.72
C LEU D 401 -19.64 -5.04 -1.56
N ILE D 402 -20.45 -5.47 -2.51
CA ILE D 402 -21.88 -5.22 -2.45
C ILE D 402 -22.54 -6.03 -1.33
N PHE D 403 -22.06 -7.24 -1.07
CA PHE D 403 -22.62 -8.07 0.00
C PHE D 403 -22.30 -7.52 1.39
N PHE D 404 -21.06 -7.07 1.61
CA PHE D 404 -20.68 -6.47 2.89
C PHE D 404 -21.45 -5.18 3.15
N LEU D 405 -21.68 -4.38 2.11
CA LEU D 405 -22.46 -3.15 2.28
C LEU D 405 -23.93 -3.44 2.58
N PHE D 406 -24.46 -4.52 2.02
CA PHE D 406 -25.87 -4.92 2.31
C PHE D 406 -25.98 -5.31 3.79
N ILE D 407 -25.08 -6.18 4.25
CA ILE D 407 -25.10 -6.64 5.64
C ILE D 407 -25.03 -5.47 6.61
N GLY D 408 -24.13 -4.52 6.34
CA GLY D 408 -24.01 -3.35 7.19
C GLY D 408 -25.20 -2.42 7.16
N VAL D 409 -25.86 -2.28 6.01
CA VAL D 409 -27.03 -1.40 5.91
C VAL D 409 -28.20 -1.97 6.71
N ILE D 410 -28.45 -3.28 6.62
CA ILE D 410 -29.53 -3.89 7.41
C ILE D 410 -29.26 -3.79 8.90
N LEU D 411 -28.01 -4.02 9.30
CA LEU D 411 -27.63 -3.99 10.71
C LEU D 411 -27.75 -2.60 11.33
N PHE D 412 -27.20 -1.59 10.67
CA PHE D 412 -27.21 -0.26 11.28
C PHE D 412 -28.55 0.45 11.12
N SER D 413 -29.34 0.12 10.11
CA SER D 413 -30.71 0.61 10.04
C SER D 413 -31.57 0.07 11.16
N SER D 414 -31.48 -1.24 11.44
CA SER D 414 -32.18 -1.83 12.58
C SER D 414 -31.79 -1.19 13.88
N ALA D 415 -30.48 -0.98 14.09
CA ALA D 415 -30.01 -0.41 15.35
C ALA D 415 -30.45 1.04 15.54
N VAL D 416 -30.37 1.88 14.53
CA VAL D 416 -30.68 3.33 14.74
C VAL D 416 -32.17 3.53 15.04
N TYR D 417 -33.07 2.80 14.36
CA TYR D 417 -34.52 3.03 14.53
C TYR D 417 -34.95 2.76 15.97
N PHE D 418 -34.44 1.68 16.57
CA PHE D 418 -34.87 1.30 17.94
C PHE D 418 -34.50 2.39 18.95
N ALA D 419 -33.30 2.96 18.82
CA ALA D 419 -32.86 4.05 19.72
C ALA D 419 -33.74 5.30 19.54
N GLU D 420 -34.11 5.62 18.30
CA GLU D 420 -34.87 6.87 18.02
C GLU D 420 -36.38 6.65 18.12
N ALA D 421 -36.83 5.42 18.39
CA ALA D 421 -38.29 5.15 18.41
C ALA D 421 -38.95 5.83 19.61
N ASP D 422 -38.18 6.11 20.66
CA ASP D 422 -38.77 6.68 21.90
C ASP D 422 -38.78 8.22 21.85
N ASP D 423 -38.24 8.80 20.78
CA ASP D 423 -38.22 10.28 20.64
C ASP D 423 -39.19 10.70 19.54
N PRO D 424 -40.18 11.58 19.82
CA PRO D 424 -41.11 12.07 18.79
C PRO D 424 -40.39 12.87 17.70
N THR D 425 -39.38 13.66 18.10
CA THR D 425 -38.65 14.53 17.14
C THR D 425 -37.91 13.68 16.09
N SER D 426 -37.61 12.42 16.40
CA SER D 426 -36.81 11.57 15.47
C SER D 426 -37.51 11.40 14.13
N GLY D 427 -36.74 11.40 13.04
CA GLY D 427 -37.32 11.27 11.69
C GLY D 427 -37.47 9.83 11.24
N PHE D 428 -36.56 8.94 11.67
CA PHE D 428 -36.68 7.50 11.34
C PHE D 428 -38.04 6.97 11.81
N SER D 429 -38.79 6.33 10.90
CA SER D 429 -40.15 5.81 11.24
C SER D 429 -40.22 4.30 10.99
N SER D 430 -39.36 3.77 10.12
CA SER D 430 -39.30 2.34 9.87
C SER D 430 -37.84 1.94 9.84
N ILE D 431 -37.59 0.65 9.67
CA ILE D 431 -36.26 0.18 9.31
C ILE D 431 -36.04 0.41 7.81
N PRO D 432 -36.98 0.11 6.87
CA PRO D 432 -36.76 0.50 5.46
C PRO D 432 -36.34 1.97 5.37
N ASP D 433 -36.82 2.82 6.29
CA ASP D 433 -36.55 4.28 6.25
C ASP D 433 -35.07 4.63 6.40
N ALA D 434 -34.36 3.97 7.32
CA ALA D 434 -32.95 4.38 7.59
C ALA D 434 -31.97 3.72 6.61
N PHE D 435 -32.46 3.07 5.56
CA PHE D 435 -31.57 2.41 4.60
C PHE D 435 -30.69 3.42 3.88
N TRP D 436 -31.32 4.53 3.47
CA TRP D 436 -30.58 5.64 2.79
C TRP D 436 -29.59 6.25 3.79
N TRP D 437 -30.04 6.53 5.00
CA TRP D 437 -29.16 7.19 6.01
C TRP D 437 -27.93 6.30 6.22
N ALA D 438 -28.08 4.98 6.22
CA ALA D 438 -26.91 4.13 6.52
C ALA D 438 -26.01 4.01 5.29
N VAL D 439 -26.58 4.03 4.08
CA VAL D 439 -25.75 4.02 2.87
C VAL D 439 -24.85 5.25 2.80
N VAL D 440 -25.43 6.45 2.93
CA VAL D 440 -24.62 7.66 2.86
C VAL D 440 -23.73 7.90 4.07
N THR D 441 -23.99 7.27 5.21
CA THR D 441 -23.08 7.39 6.34
C THR D 441 -21.92 6.41 6.24
N MET D 442 -22.17 5.21 5.72
CA MET D 442 -21.11 4.21 5.58
C MET D 442 -20.15 4.57 4.47
N THR D 443 -20.60 5.21 3.40
CA THR D 443 -19.78 5.59 2.22
C THR D 443 -19.11 6.94 2.44
N THR D 444 -19.57 7.76 3.40
CA THR D 444 -19.02 9.09 3.79
C THR D 444 -19.51 10.19 2.89
N VAL D 445 -20.44 9.96 1.99
CA VAL D 445 -21.02 11.07 1.17
C VAL D 445 -21.67 11.90 2.24
N GLY D 446 -22.28 11.25 3.20
CA GLY D 446 -22.82 11.92 4.38
C GLY D 446 -23.80 12.96 4.11
N TYR D 447 -24.74 12.70 3.19
CA TYR D 447 -25.84 13.66 2.93
C TYR D 447 -26.61 13.81 4.23
N GLY D 448 -27.12 12.67 4.72
CA GLY D 448 -27.95 12.67 5.94
C GLY D 448 -29.40 12.71 5.55
N ASP D 449 -30.06 11.55 5.48
CA ASP D 449 -31.52 11.56 5.21
C ASP D 449 -32.16 12.27 6.39
N MET D 450 -31.70 11.96 7.61
CA MET D 450 -32.19 12.62 8.83
C MET D 450 -30.98 12.72 9.78
N HIS D 451 -31.06 13.62 10.76
CA HIS D 451 -29.97 13.79 11.76
C HIS D 451 -30.37 13.10 13.06
N PRO D 452 -29.60 12.14 13.65
CA PRO D 452 -30.06 11.43 14.85
C PRO D 452 -30.35 12.46 15.96
N VAL D 453 -31.39 12.25 16.76
CA VAL D 453 -31.79 13.27 17.78
C VAL D 453 -31.51 12.74 19.20
N THR D 454 -31.17 11.46 19.36
CA THR D 454 -31.00 10.95 20.75
C THR D 454 -29.53 10.61 21.01
N ILE D 455 -29.20 10.09 22.20
CA ILE D 455 -27.81 9.79 22.52
C ILE D 455 -27.39 8.42 22.01
N GLY D 456 -28.27 7.42 22.14
CA GLY D 456 -28.01 6.11 21.58
C GLY D 456 -27.94 6.12 20.08
N GLY D 457 -28.71 7.04 19.46
CA GLY D 457 -28.72 7.17 18.00
C GLY D 457 -27.42 7.79 17.49
N LYS D 458 -26.76 8.60 18.31
CA LYS D 458 -25.49 9.19 17.93
C LYS D 458 -24.32 8.27 18.22
N ILE D 459 -24.45 7.37 19.20
CA ILE D 459 -23.45 6.32 19.37
C ILE D 459 -23.51 5.30 18.23
N VAL D 460 -24.72 4.95 17.79
CA VAL D 460 -24.89 4.07 16.62
C VAL D 460 -24.38 4.74 15.34
N GLY D 461 -24.61 6.04 15.18
CA GLY D 461 -24.09 6.75 14.01
C GLY D 461 -22.58 6.84 13.96
N SER D 462 -21.93 6.99 15.11
CA SER D 462 -20.47 6.95 15.19
C SER D 462 -19.92 5.61 14.74
N LEU D 463 -20.53 4.53 15.21
CA LEU D 463 -20.09 3.19 14.80
C LEU D 463 -20.36 2.91 13.31
N CYS D 464 -21.46 3.44 12.76
CA CYS D 464 -21.74 3.29 11.32
C CYS D 464 -20.69 3.97 10.46
N ALA D 465 -20.29 5.18 10.86
CA ALA D 465 -19.27 5.92 10.13
C ALA D 465 -17.91 5.24 10.17
N ILE D 466 -17.56 4.55 11.25
CA ILE D 466 -16.30 3.80 11.29
C ILE D 466 -16.39 2.49 10.49
N ALA D 467 -17.49 1.75 10.66
CA ALA D 467 -17.67 0.45 10.06
C ALA D 467 -17.74 0.50 8.55
N GLY D 468 -18.21 1.61 7.97
CA GLY D 468 -18.21 1.70 6.52
C GLY D 468 -16.83 1.82 5.94
N VAL D 469 -15.96 2.60 6.57
CA VAL D 469 -14.56 2.71 6.18
C VAL D 469 -13.88 1.35 6.24
N LEU D 470 -14.11 0.60 7.31
CA LEU D 470 -13.53 -0.72 7.43
C LEU D 470 -14.03 -1.69 6.36
N THR D 471 -15.35 -1.82 6.23
CA THR D 471 -16.02 -2.62 5.21
C THR D 471 -15.60 -2.31 3.78
N ILE D 472 -15.52 -1.04 3.39
CA ILE D 472 -15.17 -0.71 2.02
C ILE D 472 -13.68 -0.91 1.77
N ALA D 473 -12.82 -0.59 2.72
CA ALA D 473 -11.39 -0.68 2.51
C ALA D 473 -10.86 -2.09 2.37
N LEU D 474 -11.63 -3.15 2.61
CA LEU D 474 -11.08 -4.49 2.59
C LEU D 474 -10.96 -5.13 1.20
N PRO D 475 -11.97 -5.17 0.33
CA PRO D 475 -11.75 -5.83 -0.98
C PRO D 475 -11.18 -4.94 -2.08
N VAL D 476 -10.84 -3.68 -1.81
CA VAL D 476 -10.37 -2.72 -2.81
C VAL D 476 -8.89 -2.83 -3.17
N PRO D 477 -7.94 -3.15 -2.25
CA PRO D 477 -6.57 -3.43 -2.70
C PRO D 477 -6.40 -4.58 -3.70
N VAL D 478 -7.30 -5.55 -3.75
CA VAL D 478 -7.21 -6.61 -4.75
C VAL D 478 -7.56 -6.07 -6.14
N ILE D 479 -8.56 -5.19 -6.22
CA ILE D 479 -8.92 -4.57 -7.49
C ILE D 479 -7.83 -3.62 -7.95
N VAL D 480 -7.19 -2.88 -7.05
CA VAL D 480 -6.12 -2.01 -7.53
C VAL D 480 -4.85 -2.78 -7.87
N SER D 481 -4.65 -3.99 -7.32
CA SER D 481 -3.53 -4.80 -7.78
C SER D 481 -3.78 -5.39 -9.16
N ASN D 482 -5.03 -5.79 -9.44
CA ASN D 482 -5.39 -6.18 -10.81
C ASN D 482 -5.20 -5.04 -11.80
N PHE D 483 -5.55 -3.81 -11.41
CA PHE D 483 -5.32 -2.68 -12.30
C PHE D 483 -3.85 -2.45 -12.57
N ASN D 484 -3.02 -2.47 -11.52
CA ASN D 484 -1.58 -2.24 -11.69
C ASN D 484 -0.94 -3.31 -12.56
N TYR D 485 -1.39 -4.56 -12.42
CA TYR D 485 -0.92 -5.66 -13.25
C TYR D 485 -1.24 -5.41 -14.72
N PHE D 486 -2.52 -5.25 -15.06
CA PHE D 486 -2.90 -5.06 -16.47
C PHE D 486 -2.40 -3.75 -17.06
N TYR D 487 -2.07 -2.76 -16.23
CA TYR D 487 -1.65 -1.46 -16.72
C TYR D 487 -0.16 -1.43 -17.00
N HIS D 488 0.66 -1.96 -16.09
CA HIS D 488 2.08 -2.04 -16.34
C HIS D 488 2.46 -3.25 -17.18
N ARG D 489 1.47 -4.03 -17.61
CA ARG D 489 1.76 -5.15 -18.54
C ARG D 489 2.15 -4.56 -19.90
N GLU D 490 1.74 -3.31 -20.16
CA GLU D 490 1.98 -2.72 -21.46
C GLU D 490 3.47 -2.50 -21.74
N THR D 491 4.21 -2.11 -20.70
CA THR D 491 5.68 -1.91 -20.84
C THR D 491 6.35 -3.27 -21.05
K K E . -22.89 17.23 3.56
K K F . -18.86 14.19 2.93
K K G . -15.66 11.78 2.43
#